data_2VIM
# 
_entry.id   2VIM 
# 
_audit_conform.dict_name       mmcif_pdbx.dic 
_audit_conform.dict_version    5.397 
_audit_conform.dict_location   http://mmcif.pdb.org/dictionaries/ascii/mmcif_pdbx.dic 
# 
loop_
_database_2.database_id 
_database_2.database_code 
_database_2.pdbx_database_accession 
_database_2.pdbx_DOI 
PDB   2VIM         pdb_00002vim 10.2210/pdb2vim/pdb 
PDBE  EBI-34655    ?            ?                   
WWPDB D_1290034655 ?            ?                   
# 
loop_
_pdbx_audit_revision_history.ordinal 
_pdbx_audit_revision_history.data_content_type 
_pdbx_audit_revision_history.major_revision 
_pdbx_audit_revision_history.minor_revision 
_pdbx_audit_revision_history.revision_date 
1 'Structure model' 1 0 2008-07-29 
2 'Structure model' 1 1 2011-05-08 
3 'Structure model' 1 2 2011-07-13 
4 'Structure model' 1 3 2017-07-12 
5 'Structure model' 1 4 2023-12-13 
6 'Structure model' 1 5 2024-10-16 
# 
_pdbx_audit_revision_details.ordinal             1 
_pdbx_audit_revision_details.revision_ordinal    1 
_pdbx_audit_revision_details.data_content_type   'Structure model' 
_pdbx_audit_revision_details.provider            repository 
_pdbx_audit_revision_details.type                'Initial release' 
_pdbx_audit_revision_details.description         ? 
_pdbx_audit_revision_details.details             ? 
# 
loop_
_pdbx_audit_revision_group.ordinal 
_pdbx_audit_revision_group.revision_ordinal 
_pdbx_audit_revision_group.data_content_type 
_pdbx_audit_revision_group.group 
1 2 'Structure model' 'Version format compliance' 
2 3 'Structure model' 'Version format compliance' 
3 4 'Structure model' 'Refinement description'    
4 5 'Structure model' 'Data collection'           
5 5 'Structure model' 'Database references'       
6 5 'Structure model' Other                       
7 5 'Structure model' 'Refinement description'    
8 6 'Structure model' 'Structure summary'         
# 
loop_
_pdbx_audit_revision_category.ordinal 
_pdbx_audit_revision_category.revision_ordinal 
_pdbx_audit_revision_category.data_content_type 
_pdbx_audit_revision_category.category 
1 4 'Structure model' software                      
2 5 'Structure model' chem_comp_atom                
3 5 'Structure model' chem_comp_bond                
4 5 'Structure model' database_2                    
5 5 'Structure model' pdbx_database_status          
6 5 'Structure model' pdbx_initial_refinement_model 
7 6 'Structure model' pdbx_entry_details            
8 6 'Structure model' pdbx_modification_feature     
# 
loop_
_pdbx_audit_revision_item.ordinal 
_pdbx_audit_revision_item.revision_ordinal 
_pdbx_audit_revision_item.data_content_type 
_pdbx_audit_revision_item.item 
1 4 'Structure model' '_software.name'                       
2 5 'Structure model' '_database_2.pdbx_DOI'                 
3 5 'Structure model' '_database_2.pdbx_database_accession'  
4 5 'Structure model' '_pdbx_database_status.status_code_sf' 
# 
_pdbx_database_status.status_code                     REL 
_pdbx_database_status.entry_id                        2VIM 
_pdbx_database_status.deposit_site                    PDBE 
_pdbx_database_status.process_site                    PDBE 
_pdbx_database_status.SG_entry                        . 
_pdbx_database_status.recvd_initial_deposition_date   2007-12-05 
_pdbx_database_status.pdb_format_compatible           Y 
_pdbx_database_status.status_code_sf                  REL 
_pdbx_database_status.status_code_mr                  ? 
_pdbx_database_status.status_code_cs                  ? 
_pdbx_database_status.methods_development_category    ? 
_pdbx_database_status.status_code_nmr_data            ? 
# 
loop_
_audit_author.name 
_audit_author.pdbx_ordinal 
'Line, K.'             1 
'Isupov, M.N.'         2 
'Garcia-Rodriguez, E.' 3 
'Maggioli, G.'         4 
'Parra, F.'            5 
'Littlechild, J.A.'    6 
# 
loop_
_citation.id 
_citation.title 
_citation.journal_abbrev 
_citation.journal_volume 
_citation.page_first 
_citation.page_last 
_citation.year 
_citation.journal_id_ASTM 
_citation.country 
_citation.journal_id_ISSN 
_citation.journal_id_CSD 
_citation.book_publisher 
_citation.pdbx_database_id_PubMed 
_citation.pdbx_database_id_DOI 
primary 'The Fasciola Hepatica Thioredoxin: High Resolution Structure Reveals Two Oxidation States.'     Mol.Biochem.Parasitol. 
161 44  ? 2008 MBIPDP NE 0166-6851 2085 ? 18620002 10.1016/J.MOLBIOPARA.2008.06.009 
1       'Heterologous Expression and Functional Characterisation of Thioredoxin from Fasciola Hepatica.' Parasitol.Res.         87 
390 ? 2001 ?      ?  0932-0113 ?    ? 11403382 10.1007/S004360000353            
# 
loop_
_citation_author.citation_id 
_citation_author.name 
_citation_author.ordinal 
_citation_author.identifier_ORCID 
primary 'Line, K.'             1  ? 
primary 'Isupov, M.N.'         2  ? 
primary 'Garcia-Rodriguez, E.' 3  ? 
primary 'Maggioli, G.'         4  ? 
primary 'Parra, F.'            5  ? 
primary 'Littlechild, J.A.'    6  ? 
1       'Salazar-Calderon, M.' 7  ? 
1       'Martin-Alonso, J.M.'  8  ? 
1       'Ruiz De Eguino, A.D.' 9  ? 
1       'Parra, F.'            10 ? 
# 
loop_
_entity.id 
_entity.type 
_entity.src_method 
_entity.pdbx_description 
_entity.formula_weight 
_entity.pdbx_number_of_molecules 
_entity.pdbx_ec 
_entity.pdbx_mutation 
_entity.pdbx_fragment 
_entity.details 
1 polymer man THIOREDOXIN 11700.436 1   1.8.4.8 ? ? ? 
2 water   nat water       18.015    103 ?       ? ? ? 
# 
_entity_name_com.entity_id   1 
_entity_name_com.name        TRX 
# 
_entity_poly.entity_id                      1 
_entity_poly.type                           'polypeptide(L)' 
_entity_poly.nstd_linkage                   no 
_entity_poly.nstd_monomer                   no 
_entity_poly.pdbx_seq_one_letter_code       
;MRVLATAADLEKLINENKGRLIVVDFFAQWCGPCRNIAPKVEALAKEIPEVEFAKVDVDQNEEAAAKYSVTAMPTFVFIK
DGKEVDRFSGANETKLRETITRHK
;
_entity_poly.pdbx_seq_one_letter_code_can   
;MRVLATAADLEKLINENKGRLIVVDFFAQWCGPCRNIAPKVEALAKEIPEVEFAKVDVDQNEEAAAKYSVTAMPTFVFIK
DGKEVDRFSGANETKLRETITRHK
;
_entity_poly.pdbx_strand_id                 A 
_entity_poly.pdbx_target_identifier         ? 
# 
_pdbx_entity_nonpoly.entity_id   2 
_pdbx_entity_nonpoly.name        water 
_pdbx_entity_nonpoly.comp_id     HOH 
# 
loop_
_entity_poly_seq.entity_id 
_entity_poly_seq.num 
_entity_poly_seq.mon_id 
_entity_poly_seq.hetero 
1 1   MET n 
1 2   ARG n 
1 3   VAL n 
1 4   LEU n 
1 5   ALA n 
1 6   THR n 
1 7   ALA n 
1 8   ALA n 
1 9   ASP n 
1 10  LEU n 
1 11  GLU n 
1 12  LYS n 
1 13  LEU n 
1 14  ILE n 
1 15  ASN n 
1 16  GLU n 
1 17  ASN n 
1 18  LYS n 
1 19  GLY n 
1 20  ARG n 
1 21  LEU n 
1 22  ILE n 
1 23  VAL n 
1 24  VAL n 
1 25  ASP n 
1 26  PHE n 
1 27  PHE n 
1 28  ALA n 
1 29  GLN n 
1 30  TRP n 
1 31  CYS n 
1 32  GLY n 
1 33  PRO n 
1 34  CYS n 
1 35  ARG n 
1 36  ASN n 
1 37  ILE n 
1 38  ALA n 
1 39  PRO n 
1 40  LYS n 
1 41  VAL n 
1 42  GLU n 
1 43  ALA n 
1 44  LEU n 
1 45  ALA n 
1 46  LYS n 
1 47  GLU n 
1 48  ILE n 
1 49  PRO n 
1 50  GLU n 
1 51  VAL n 
1 52  GLU n 
1 53  PHE n 
1 54  ALA n 
1 55  LYS n 
1 56  VAL n 
1 57  ASP n 
1 58  VAL n 
1 59  ASP n 
1 60  GLN n 
1 61  ASN n 
1 62  GLU n 
1 63  GLU n 
1 64  ALA n 
1 65  ALA n 
1 66  ALA n 
1 67  LYS n 
1 68  TYR n 
1 69  SER n 
1 70  VAL n 
1 71  THR n 
1 72  ALA n 
1 73  MET n 
1 74  PRO n 
1 75  THR n 
1 76  PHE n 
1 77  VAL n 
1 78  PHE n 
1 79  ILE n 
1 80  LYS n 
1 81  ASP n 
1 82  GLY n 
1 83  LYS n 
1 84  GLU n 
1 85  VAL n 
1 86  ASP n 
1 87  ARG n 
1 88  PHE n 
1 89  SER n 
1 90  GLY n 
1 91  ALA n 
1 92  ASN n 
1 93  GLU n 
1 94  THR n 
1 95  LYS n 
1 96  LEU n 
1 97  ARG n 
1 98  GLU n 
1 99  THR n 
1 100 ILE n 
1 101 THR n 
1 102 ARG n 
1 103 HIS n 
1 104 LYS n 
# 
_entity_src_gen.entity_id                          1 
_entity_src_gen.pdbx_src_id                        1 
_entity_src_gen.pdbx_alt_source_flag               sample 
_entity_src_gen.pdbx_seq_type                      ? 
_entity_src_gen.pdbx_beg_seq_num                   ? 
_entity_src_gen.pdbx_end_seq_num                   ? 
_entity_src_gen.gene_src_common_name               'LIVER FLUKE' 
_entity_src_gen.gene_src_genus                     ? 
_entity_src_gen.pdbx_gene_src_gene                 ? 
_entity_src_gen.gene_src_species                   ? 
_entity_src_gen.gene_src_strain                    ? 
_entity_src_gen.gene_src_tissue                    ? 
_entity_src_gen.gene_src_tissue_fraction           ? 
_entity_src_gen.gene_src_details                   ? 
_entity_src_gen.pdbx_gene_src_fragment             ? 
_entity_src_gen.pdbx_gene_src_scientific_name      'FASCIOLA HEPATICA' 
_entity_src_gen.pdbx_gene_src_ncbi_taxonomy_id     6192 
_entity_src_gen.pdbx_gene_src_variant              ? 
_entity_src_gen.pdbx_gene_src_cell_line            ? 
_entity_src_gen.pdbx_gene_src_atcc                 ? 
_entity_src_gen.pdbx_gene_src_organ                ? 
_entity_src_gen.pdbx_gene_src_organelle            ? 
_entity_src_gen.pdbx_gene_src_cell                 ? 
_entity_src_gen.pdbx_gene_src_cellular_location    ? 
_entity_src_gen.host_org_common_name               ? 
_entity_src_gen.pdbx_host_org_scientific_name      'ESCHERICHIA COLI' 
_entity_src_gen.pdbx_host_org_ncbi_taxonomy_id     511693 
_entity_src_gen.host_org_genus                     ? 
_entity_src_gen.pdbx_host_org_gene                 ? 
_entity_src_gen.pdbx_host_org_organ                ? 
_entity_src_gen.host_org_species                   ? 
_entity_src_gen.pdbx_host_org_tissue               ? 
_entity_src_gen.pdbx_host_org_tissue_fraction      ? 
_entity_src_gen.pdbx_host_org_strain               BL21 
_entity_src_gen.pdbx_host_org_variant              ? 
_entity_src_gen.pdbx_host_org_cell_line            ? 
_entity_src_gen.pdbx_host_org_atcc                 ? 
_entity_src_gen.pdbx_host_org_culture_collection   ? 
_entity_src_gen.pdbx_host_org_cell                 ? 
_entity_src_gen.pdbx_host_org_organelle            ? 
_entity_src_gen.pdbx_host_org_cellular_location    ? 
_entity_src_gen.pdbx_host_org_vector_type          ? 
_entity_src_gen.pdbx_host_org_vector               PQE30 
_entity_src_gen.host_org_details                   ? 
_entity_src_gen.expression_system_id               ? 
_entity_src_gen.plasmid_name                       ? 
_entity_src_gen.plasmid_details                    ? 
_entity_src_gen.pdbx_description                   ? 
# 
loop_
_chem_comp.id 
_chem_comp.type 
_chem_comp.mon_nstd_flag 
_chem_comp.name 
_chem_comp.pdbx_synonyms 
_chem_comp.formula 
_chem_comp.formula_weight 
ALA 'L-peptide linking' y ALANINE         ? 'C3 H7 N O2'     89.093  
ARG 'L-peptide linking' y ARGININE        ? 'C6 H15 N4 O2 1' 175.209 
ASN 'L-peptide linking' y ASPARAGINE      ? 'C4 H8 N2 O3'    132.118 
ASP 'L-peptide linking' y 'ASPARTIC ACID' ? 'C4 H7 N O4'     133.103 
CYS 'L-peptide linking' y CYSTEINE        ? 'C3 H7 N O2 S'   121.158 
GLN 'L-peptide linking' y GLUTAMINE       ? 'C5 H10 N2 O3'   146.144 
GLU 'L-peptide linking' y 'GLUTAMIC ACID' ? 'C5 H9 N O4'     147.129 
GLY 'peptide linking'   y GLYCINE         ? 'C2 H5 N O2'     75.067  
HIS 'L-peptide linking' y HISTIDINE       ? 'C6 H10 N3 O2 1' 156.162 
HOH non-polymer         . WATER           ? 'H2 O'           18.015  
ILE 'L-peptide linking' y ISOLEUCINE      ? 'C6 H13 N O2'    131.173 
LEU 'L-peptide linking' y LEUCINE         ? 'C6 H13 N O2'    131.173 
LYS 'L-peptide linking' y LYSINE          ? 'C6 H15 N2 O2 1' 147.195 
MET 'L-peptide linking' y METHIONINE      ? 'C5 H11 N O2 S'  149.211 
PHE 'L-peptide linking' y PHENYLALANINE   ? 'C9 H11 N O2'    165.189 
PRO 'L-peptide linking' y PROLINE         ? 'C5 H9 N O2'     115.130 
SER 'L-peptide linking' y SERINE          ? 'C3 H7 N O3'     105.093 
THR 'L-peptide linking' y THREONINE       ? 'C4 H9 N O3'     119.119 
TRP 'L-peptide linking' y TRYPTOPHAN      ? 'C11 H12 N2 O2'  204.225 
TYR 'L-peptide linking' y TYROSINE        ? 'C9 H11 N O3'    181.189 
VAL 'L-peptide linking' y VALINE          ? 'C5 H11 N O2'    117.146 
# 
loop_
_pdbx_poly_seq_scheme.asym_id 
_pdbx_poly_seq_scheme.entity_id 
_pdbx_poly_seq_scheme.seq_id 
_pdbx_poly_seq_scheme.mon_id 
_pdbx_poly_seq_scheme.ndb_seq_num 
_pdbx_poly_seq_scheme.pdb_seq_num 
_pdbx_poly_seq_scheme.auth_seq_num 
_pdbx_poly_seq_scheme.pdb_mon_id 
_pdbx_poly_seq_scheme.auth_mon_id 
_pdbx_poly_seq_scheme.pdb_strand_id 
_pdbx_poly_seq_scheme.pdb_ins_code 
_pdbx_poly_seq_scheme.hetero 
A 1 1   MET 1   1   1   MET MET A . n 
A 1 2   ARG 2   2   2   ARG ARG A . n 
A 1 3   VAL 3   3   3   VAL VAL A . n 
A 1 4   LEU 4   4   4   LEU LEU A . n 
A 1 5   ALA 5   5   5   ALA ALA A . n 
A 1 6   THR 6   6   6   THR THR A . n 
A 1 7   ALA 7   7   7   ALA ALA A . n 
A 1 8   ALA 8   8   8   ALA ALA A . n 
A 1 9   ASP 9   9   9   ASP ASP A . n 
A 1 10  LEU 10  10  10  LEU LEU A . n 
A 1 11  GLU 11  11  11  GLU GLU A . n 
A 1 12  LYS 12  12  12  LYS LYS A . n 
A 1 13  LEU 13  13  13  LEU LEU A . n 
A 1 14  ILE 14  14  14  ILE ILE A . n 
A 1 15  ASN 15  15  15  ASN ASN A . n 
A 1 16  GLU 16  16  16  GLU GLU A . n 
A 1 17  ASN 17  17  17  ASN ASN A . n 
A 1 18  LYS 18  18  18  LYS LYS A . n 
A 1 19  GLY 19  19  19  GLY GLY A . n 
A 1 20  ARG 20  20  20  ARG ARG A . n 
A 1 21  LEU 21  21  21  LEU LEU A . n 
A 1 22  ILE 22  22  22  ILE ILE A . n 
A 1 23  VAL 23  23  23  VAL VAL A . n 
A 1 24  VAL 24  24  24  VAL VAL A . n 
A 1 25  ASP 25  25  25  ASP ASP A . n 
A 1 26  PHE 26  26  26  PHE PHE A . n 
A 1 27  PHE 27  27  27  PHE PHE A . n 
A 1 28  ALA 28  28  28  ALA ALA A . n 
A 1 29  GLN 29  29  29  GLN GLN A . n 
A 1 30  TRP 30  30  30  TRP TRP A . n 
A 1 31  CYS 31  31  31  CYS CYS A . n 
A 1 32  GLY 32  32  32  GLY GLY A . n 
A 1 33  PRO 33  33  33  PRO PRO A . n 
A 1 34  CYS 34  34  34  CYS CYS A . n 
A 1 35  ARG 35  35  35  ARG ARG A . n 
A 1 36  ASN 36  36  36  ASN ASN A . n 
A 1 37  ILE 37  37  37  ILE ILE A . n 
A 1 38  ALA 38  38  38  ALA ALA A . n 
A 1 39  PRO 39  39  39  PRO PRO A . n 
A 1 40  LYS 40  40  40  LYS LYS A . n 
A 1 41  VAL 41  41  41  VAL VAL A . n 
A 1 42  GLU 42  42  42  GLU GLU A . n 
A 1 43  ALA 43  43  43  ALA ALA A . n 
A 1 44  LEU 44  44  44  LEU LEU A . n 
A 1 45  ALA 45  45  45  ALA ALA A . n 
A 1 46  LYS 46  46  46  LYS LYS A . n 
A 1 47  GLU 47  47  47  GLU GLU A . n 
A 1 48  ILE 48  48  48  ILE ILE A . n 
A 1 49  PRO 49  49  49  PRO PRO A . n 
A 1 50  GLU 50  50  50  GLU GLU A . n 
A 1 51  VAL 51  51  51  VAL VAL A . n 
A 1 52  GLU 52  52  52  GLU GLU A . n 
A 1 53  PHE 53  53  53  PHE PHE A . n 
A 1 54  ALA 54  54  54  ALA ALA A . n 
A 1 55  LYS 55  55  55  LYS LYS A . n 
A 1 56  VAL 56  56  56  VAL VAL A . n 
A 1 57  ASP 57  57  57  ASP ASP A . n 
A 1 58  VAL 58  58  58  VAL VAL A . n 
A 1 59  ASP 59  59  59  ASP ASP A . n 
A 1 60  GLN 60  60  60  GLN GLN A . n 
A 1 61  ASN 61  61  61  ASN ASN A . n 
A 1 62  GLU 62  62  62  GLU GLU A . n 
A 1 63  GLU 63  63  63  GLU GLU A . n 
A 1 64  ALA 64  64  64  ALA ALA A . n 
A 1 65  ALA 65  65  65  ALA ALA A . n 
A 1 66  ALA 66  66  66  ALA ALA A . n 
A 1 67  LYS 67  67  67  LYS LYS A . n 
A 1 68  TYR 68  68  68  TYR TYR A . n 
A 1 69  SER 69  69  69  SER SER A . n 
A 1 70  VAL 70  70  70  VAL VAL A . n 
A 1 71  THR 71  71  71  THR THR A . n 
A 1 72  ALA 72  72  72  ALA ALA A . n 
A 1 73  MET 73  73  73  MET MET A . n 
A 1 74  PRO 74  74  74  PRO PRO A . n 
A 1 75  THR 75  75  75  THR THR A . n 
A 1 76  PHE 76  76  76  PHE PHE A . n 
A 1 77  VAL 77  77  77  VAL VAL A . n 
A 1 78  PHE 78  78  78  PHE PHE A . n 
A 1 79  ILE 79  79  79  ILE ILE A . n 
A 1 80  LYS 80  80  80  LYS LYS A . n 
A 1 81  ASP 81  81  81  ASP ASP A . n 
A 1 82  GLY 82  82  82  GLY GLY A . n 
A 1 83  LYS 83  83  83  LYS LYS A . n 
A 1 84  GLU 84  84  84  GLU GLU A . n 
A 1 85  VAL 85  85  85  VAL VAL A . n 
A 1 86  ASP 86  86  86  ASP ASP A . n 
A 1 87  ARG 87  87  87  ARG ARG A . n 
A 1 88  PHE 88  88  88  PHE PHE A . n 
A 1 89  SER 89  89  89  SER SER A . n 
A 1 90  GLY 90  90  90  GLY GLY A . n 
A 1 91  ALA 91  91  91  ALA ALA A . n 
A 1 92  ASN 92  92  92  ASN ASN A . n 
A 1 93  GLU 93  93  93  GLU GLU A . n 
A 1 94  THR 94  94  94  THR THR A . n 
A 1 95  LYS 95  95  95  LYS LYS A . n 
A 1 96  LEU 96  96  96  LEU LEU A . n 
A 1 97  ARG 97  97  97  ARG ARG A . n 
A 1 98  GLU 98  98  98  GLU GLU A . n 
A 1 99  THR 99  99  99  THR THR A . n 
A 1 100 ILE 100 100 100 ILE ILE A . n 
A 1 101 THR 101 101 101 THR THR A . n 
A 1 102 ARG 102 102 102 ARG ARG A . n 
A 1 103 HIS 103 103 103 HIS HIS A . n 
A 1 104 LYS 104 104 104 LYS LYS A . n 
# 
loop_
_pdbx_nonpoly_scheme.asym_id 
_pdbx_nonpoly_scheme.entity_id 
_pdbx_nonpoly_scheme.mon_id 
_pdbx_nonpoly_scheme.ndb_seq_num 
_pdbx_nonpoly_scheme.pdb_seq_num 
_pdbx_nonpoly_scheme.auth_seq_num 
_pdbx_nonpoly_scheme.pdb_mon_id 
_pdbx_nonpoly_scheme.auth_mon_id 
_pdbx_nonpoly_scheme.pdb_strand_id 
_pdbx_nonpoly_scheme.pdb_ins_code 
B 2 HOH 1   2001 2001 HOH HOH A . 
B 2 HOH 2   2002 2002 HOH HOH A . 
B 2 HOH 3   2003 2003 HOH HOH A . 
B 2 HOH 4   2004 2004 HOH HOH A . 
B 2 HOH 5   2005 2005 HOH HOH A . 
B 2 HOH 6   2006 2006 HOH HOH A . 
B 2 HOH 7   2007 2007 HOH HOH A . 
B 2 HOH 8   2008 2008 HOH HOH A . 
B 2 HOH 9   2009 2009 HOH HOH A . 
B 2 HOH 10  2010 2010 HOH HOH A . 
B 2 HOH 11  2011 2011 HOH HOH A . 
B 2 HOH 12  2012 2012 HOH HOH A . 
B 2 HOH 13  2013 2013 HOH HOH A . 
B 2 HOH 14  2014 2014 HOH HOH A . 
B 2 HOH 15  2015 2015 HOH HOH A . 
B 2 HOH 16  2016 2016 HOH HOH A . 
B 2 HOH 17  2017 2017 HOH HOH A . 
B 2 HOH 18  2018 2018 HOH HOH A . 
B 2 HOH 19  2019 2019 HOH HOH A . 
B 2 HOH 20  2020 2020 HOH HOH A . 
B 2 HOH 21  2021 2021 HOH HOH A . 
B 2 HOH 22  2022 2022 HOH HOH A . 
B 2 HOH 23  2023 2023 HOH HOH A . 
B 2 HOH 24  2024 2024 HOH HOH A . 
B 2 HOH 25  2025 2025 HOH HOH A . 
B 2 HOH 26  2026 2026 HOH HOH A . 
B 2 HOH 27  2027 2027 HOH HOH A . 
B 2 HOH 28  2028 2028 HOH HOH A . 
B 2 HOH 29  2029 2029 HOH HOH A . 
B 2 HOH 30  2030 2030 HOH HOH A . 
B 2 HOH 31  2031 2031 HOH HOH A . 
B 2 HOH 32  2032 2032 HOH HOH A . 
B 2 HOH 33  2033 2033 HOH HOH A . 
B 2 HOH 34  2034 2034 HOH HOH A . 
B 2 HOH 35  2035 2035 HOH HOH A . 
B 2 HOH 36  2036 2036 HOH HOH A . 
B 2 HOH 37  2037 2037 HOH HOH A . 
B 2 HOH 38  2038 2038 HOH HOH A . 
B 2 HOH 39  2039 2039 HOH HOH A . 
B 2 HOH 40  2040 2040 HOH HOH A . 
B 2 HOH 41  2041 2041 HOH HOH A . 
B 2 HOH 42  2042 2042 HOH HOH A . 
B 2 HOH 43  2043 2043 HOH HOH A . 
B 2 HOH 44  2044 2044 HOH HOH A . 
B 2 HOH 45  2045 2045 HOH HOH A . 
B 2 HOH 46  2046 2046 HOH HOH A . 
B 2 HOH 47  2047 2047 HOH HOH A . 
B 2 HOH 48  2048 2048 HOH HOH A . 
B 2 HOH 49  2049 2049 HOH HOH A . 
B 2 HOH 50  2050 2050 HOH HOH A . 
B 2 HOH 51  2051 2051 HOH HOH A . 
B 2 HOH 52  2052 2052 HOH HOH A . 
B 2 HOH 53  2053 2053 HOH HOH A . 
B 2 HOH 54  2054 2054 HOH HOH A . 
B 2 HOH 55  2055 2055 HOH HOH A . 
B 2 HOH 56  2056 2056 HOH HOH A . 
B 2 HOH 57  2057 2057 HOH HOH A . 
B 2 HOH 58  2058 2058 HOH HOH A . 
B 2 HOH 59  2059 2059 HOH HOH A . 
B 2 HOH 60  2060 2060 HOH HOH A . 
B 2 HOH 61  2061 2061 HOH HOH A . 
B 2 HOH 62  2062 2062 HOH HOH A . 
B 2 HOH 63  2063 2063 HOH HOH A . 
B 2 HOH 64  2064 2064 HOH HOH A . 
B 2 HOH 65  2065 2065 HOH HOH A . 
B 2 HOH 66  2066 2066 HOH HOH A . 
B 2 HOH 67  2067 2067 HOH HOH A . 
B 2 HOH 68  2068 2068 HOH HOH A . 
B 2 HOH 69  2069 2069 HOH HOH A . 
B 2 HOH 70  2070 2070 HOH HOH A . 
B 2 HOH 71  2071 2071 HOH HOH A . 
B 2 HOH 72  2072 2072 HOH HOH A . 
B 2 HOH 73  2073 2073 HOH HOH A . 
B 2 HOH 74  2074 2074 HOH HOH A . 
B 2 HOH 75  2075 2075 HOH HOH A . 
B 2 HOH 76  2076 2076 HOH HOH A . 
B 2 HOH 77  2077 2077 HOH HOH A . 
B 2 HOH 78  2078 2078 HOH HOH A . 
B 2 HOH 79  2079 2079 HOH HOH A . 
B 2 HOH 80  2080 2080 HOH HOH A . 
B 2 HOH 81  2081 2081 HOH HOH A . 
B 2 HOH 82  2082 2082 HOH HOH A . 
B 2 HOH 83  2083 2083 HOH HOH A . 
B 2 HOH 84  2084 2084 HOH HOH A . 
B 2 HOH 85  2085 2085 HOH HOH A . 
B 2 HOH 86  2086 2086 HOH HOH A . 
B 2 HOH 87  2087 2087 HOH HOH A . 
B 2 HOH 88  2088 2088 HOH HOH A . 
B 2 HOH 89  2089 2089 HOH HOH A . 
B 2 HOH 90  2090 2090 HOH HOH A . 
B 2 HOH 91  2091 2091 HOH HOH A . 
B 2 HOH 92  2092 2092 HOH HOH A . 
B 2 HOH 93  2093 2093 HOH HOH A . 
B 2 HOH 94  2094 2094 HOH HOH A . 
B 2 HOH 95  2095 2095 HOH HOH A . 
B 2 HOH 96  2096 2096 HOH HOH A . 
B 2 HOH 97  2097 2097 HOH HOH A . 
B 2 HOH 98  2098 2098 HOH HOH A . 
B 2 HOH 99  2099 2099 HOH HOH A . 
B 2 HOH 100 2100 2100 HOH HOH A . 
B 2 HOH 101 2101 2101 HOH HOH A . 
B 2 HOH 102 2102 2102 HOH HOH A . 
B 2 HOH 103 2103 2103 HOH HOH A . 
# 
loop_
_software.name 
_software.classification 
_software.version 
_software.citation_id 
_software.pdbx_ordinal 
REFMAC    refinement       5.2.0019 ? 1 
DENZO     'data reduction' .        ? 2 
SCALEPACK 'data scaling'   .        ? 3 
Babel     phasing          .        ? 4 
# 
_cell.entry_id           2VIM 
_cell.length_a           32.666 
_cell.length_b           34.586 
_cell.length_c           40.381 
_cell.angle_alpha        90.00 
_cell.angle_beta         106.63 
_cell.angle_gamma        90.00 
_cell.Z_PDB              2 
_cell.pdbx_unique_axis   ? 
# 
_symmetry.entry_id                         2VIM 
_symmetry.space_group_name_H-M             'P 1 21 1' 
_symmetry.pdbx_full_space_group_name_H-M   ? 
_symmetry.cell_setting                     ? 
_symmetry.Int_Tables_number                4 
# 
_exptl.entry_id          2VIM 
_exptl.method            'X-RAY DIFFRACTION' 
_exptl.crystals_number   1 
# 
_exptl_crystal.id                    1 
_exptl_crystal.density_meas          ? 
_exptl_crystal.density_Matthews      1.87 
_exptl_crystal.density_percent_sol   33.86 
_exptl_crystal.description           NONE 
# 
_exptl_crystal_grow.crystal_id      1 
_exptl_crystal_grow.method          ? 
_exptl_crystal_grow.temp            ? 
_exptl_crystal_grow.temp_details    ? 
_exptl_crystal_grow.pH              8.5 
_exptl_crystal_grow.pdbx_pH_range   ? 
_exptl_crystal_grow.pdbx_details    '0.1 M TRIS-HCL PH 8.5, 2 M AMMONIUM SULFATE.' 
# 
_diffrn.id                     1 
_diffrn.ambient_temp           100 
_diffrn.ambient_temp_details   ? 
_diffrn.crystal_id             1 
# 
_diffrn_detector.diffrn_id              1 
_diffrn_detector.detector               'IMAGE PLATE' 
_diffrn_detector.type                   MARRESEARCH 
_diffrn_detector.pdbx_collection_date   2004-03-10 
_diffrn_detector.details                MIRRORS 
# 
_diffrn_radiation.diffrn_id                        1 
_diffrn_radiation.wavelength_id                    1 
_diffrn_radiation.pdbx_monochromatic_or_laue_m_l   M 
_diffrn_radiation.monochromator                    'SI(111) DOUBLE CRYSTAL, NON DISPERSIVE' 
_diffrn_radiation.pdbx_diffrn_protocol             'SINGLE WAVELENGTH' 
_diffrn_radiation.pdbx_scattering_type             x-ray 
# 
_diffrn_radiation_wavelength.id           1 
_diffrn_radiation_wavelength.wavelength   1.05 
_diffrn_radiation_wavelength.wt           1.0 
# 
_diffrn_source.diffrn_id                   1 
_diffrn_source.source                      SYNCHROTRON 
_diffrn_source.type                        'MPG/DESY, HAMBURG BEAMLINE BW6' 
_diffrn_source.pdbx_synchrotron_site       'MPG/DESY, HAMBURG' 
_diffrn_source.pdbx_synchrotron_beamline   BW6 
_diffrn_source.pdbx_wavelength             1.05 
_diffrn_source.pdbx_wavelength_list        ? 
# 
_reflns.pdbx_diffrn_id               1 
_reflns.pdbx_ordinal                 1 
_reflns.entry_id                     2VIM 
_reflns.observed_criterion_sigma_I   0.0 
_reflns.observed_criterion_sigma_F   ? 
_reflns.d_resolution_low             38.69 
_reflns.d_resolution_high            1.38 
_reflns.number_obs                   16069 
_reflns.number_all                   ? 
_reflns.percent_possible_obs         89.6 
_reflns.pdbx_Rmerge_I_obs            0.07 
_reflns.pdbx_Rsym_value              ? 
_reflns.pdbx_netI_over_sigmaI        10.75 
_reflns.B_iso_Wilson_estimate        ? 
_reflns.pdbx_redundancy              2.4 
# 
_reflns_shell.pdbx_diffrn_id         1 
_reflns_shell.pdbx_ordinal           1 
_reflns_shell.d_res_high             1.38 
_reflns_shell.d_res_low              1.42 
_reflns_shell.percent_possible_all   56.3 
_reflns_shell.Rmerge_I_obs           0.49 
_reflns_shell.pdbx_Rsym_value        ? 
_reflns_shell.meanI_over_sigI_obs    0.87 
_reflns_shell.pdbx_redundancy        ? 
# 
_refine.pdbx_refine_id                           'X-RAY DIFFRACTION' 
_refine.entry_id                                 2VIM 
_refine.pdbx_diffrn_id                           1 
_refine.pdbx_TLS_residual_ADP_flag               ? 
_refine.ls_number_reflns_obs                     15244 
_refine.ls_number_reflns_all                     ? 
_refine.pdbx_ls_sigma_I                          ? 
_refine.pdbx_ls_sigma_F                          ? 
_refine.pdbx_data_cutoff_high_absF               ? 
_refine.pdbx_data_cutoff_low_absF                ? 
_refine.pdbx_data_cutoff_high_rms_absF           ? 
_refine.ls_d_res_low                             38.69 
_refine.ls_d_res_high                            1.38 
_refine.ls_percent_reflns_obs                    89.7 
_refine.ls_R_factor_obs                          0.192 
_refine.ls_R_factor_all                          ? 
_refine.ls_R_factor_R_work                       0.189 
_refine.ls_R_factor_R_free                       0.248 
_refine.ls_R_factor_R_free_error                 ? 
_refine.ls_R_factor_R_free_error_details         ? 
_refine.ls_percent_reflns_R_free                 5.000 
_refine.ls_number_reflns_R_free                  807 
_refine.ls_number_parameters                     ? 
_refine.ls_number_restraints                     ? 
_refine.occupancy_min                            ? 
_refine.occupancy_max                            ? 
_refine.correlation_coeff_Fo_to_Fc               0.969 
_refine.correlation_coeff_Fo_to_Fc_free          0.938 
_refine.B_iso_mean                               25.94 
_refine.aniso_B[1][1]                            -0.79000 
_refine.aniso_B[2][2]                            -1.21000 
_refine.aniso_B[3][3]                            2.98000 
_refine.aniso_B[1][2]                            0.00000 
_refine.aniso_B[1][3]                            1.71000 
_refine.aniso_B[2][3]                            0.00000 
_refine.solvent_model_details                    'BABINET MODEL WITH MASK' 
_refine.solvent_model_param_ksol                 ? 
_refine.solvent_model_param_bsol                 ? 
_refine.pdbx_solvent_vdw_probe_radii             1.20 
_refine.pdbx_solvent_ion_probe_radii             0.80 
_refine.pdbx_solvent_shrinkage_radii             0.80 
_refine.pdbx_ls_cross_valid_method               THROUGHOUT 
_refine.details                                  
;HYDROGENS HAVE BEEN ADDED IN THE RIDING POSITIONS. ACTIVE SITE CYSTEINE RESIDUES MODELLED IN BOTH REDUCED AND DISULFIDE OXIDATION STATES
;
_refine.pdbx_starting_model                      'PDB ENTRY 2FA4' 
_refine.pdbx_method_to_determine_struct          'MOLECULAR REPLACEMENT' 
_refine.pdbx_isotropic_thermal_model             ? 
_refine.pdbx_stereochemistry_target_values       'MAXIMUM LIKELIHOOD' 
_refine.pdbx_stereochem_target_val_spec_case     ? 
_refine.pdbx_R_Free_selection_details            RANDOM 
_refine.pdbx_overall_ESU_R                       0.080 
_refine.pdbx_overall_ESU_R_Free                  0.091 
_refine.overall_SU_ML                            0.087 
_refine.pdbx_overall_phase_error                 ? 
_refine.overall_SU_B                             2.276 
_refine.overall_SU_R_Cruickshank_DPI             ? 
_refine.pdbx_overall_SU_R_free_Cruickshank_DPI   ? 
_refine.pdbx_overall_SU_R_Blow_DPI               ? 
_refine.pdbx_overall_SU_R_free_Blow_DPI          ? 
# 
_refine_hist.pdbx_refine_id                   'X-RAY DIFFRACTION' 
_refine_hist.cycle_id                         LAST 
_refine_hist.pdbx_number_atoms_protein        821 
_refine_hist.pdbx_number_atoms_nucleic_acid   0 
_refine_hist.pdbx_number_atoms_ligand         0 
_refine_hist.number_atoms_solvent             103 
_refine_hist.number_atoms_total               924 
_refine_hist.d_res_high                       1.38 
_refine_hist.d_res_low                        38.69 
# 
loop_
_refine_ls_restr.type 
_refine_ls_restr.dev_ideal 
_refine_ls_restr.dev_ideal_target 
_refine_ls_restr.weight 
_refine_ls_restr.number 
_refine_ls_restr.pdbx_refine_id 
_refine_ls_restr.pdbx_restraint_function 
r_bond_refined_d             0.017  0.022  ? 887  'X-RAY DIFFRACTION' ? 
r_bond_other_d               ?      ?      ? ?    'X-RAY DIFFRACTION' ? 
r_angle_refined_deg          1.679  1.968  ? 1211 'X-RAY DIFFRACTION' ? 
r_angle_other_deg            ?      ?      ? ?    'X-RAY DIFFRACTION' ? 
r_dihedral_angle_1_deg       4.943  5.000  ? 123  'X-RAY DIFFRACTION' ? 
r_dihedral_angle_2_deg       30.929 25.000 ? 42   'X-RAY DIFFRACTION' ? 
r_dihedral_angle_3_deg       16.620 15.000 ? 171  'X-RAY DIFFRACTION' ? 
r_dihedral_angle_4_deg       18.876 15.000 ? 6    'X-RAY DIFFRACTION' ? 
r_chiral_restr               0.124  0.200  ? 138  'X-RAY DIFFRACTION' ? 
r_gen_planes_refined         0.008  0.020  ? 676  'X-RAY DIFFRACTION' ? 
r_gen_planes_other           ?      ?      ? ?    'X-RAY DIFFRACTION' ? 
r_nbd_refined                0.225  0.200  ? 449  'X-RAY DIFFRACTION' ? 
r_nbd_other                  ?      ?      ? ?    'X-RAY DIFFRACTION' ? 
r_nbtor_refined              0.310  0.200  ? 617  'X-RAY DIFFRACTION' ? 
r_nbtor_other                ?      ?      ? ?    'X-RAY DIFFRACTION' ? 
r_xyhbond_nbd_refined        0.207  0.200  ? 83   'X-RAY DIFFRACTION' ? 
r_xyhbond_nbd_other          ?      ?      ? ?    'X-RAY DIFFRACTION' ? 
r_metal_ion_refined          ?      ?      ? ?    'X-RAY DIFFRACTION' ? 
r_metal_ion_other            ?      ?      ? ?    'X-RAY DIFFRACTION' ? 
r_symmetry_vdw_refined       0.181  0.200  ? 39   'X-RAY DIFFRACTION' ? 
r_symmetry_vdw_other         ?      ?      ? ?    'X-RAY DIFFRACTION' ? 
r_symmetry_hbond_refined     0.292  0.200  ? 23   'X-RAY DIFFRACTION' ? 
r_symmetry_hbond_other       ?      ?      ? ?    'X-RAY DIFFRACTION' ? 
r_symmetry_metal_ion_refined ?      ?      ? ?    'X-RAY DIFFRACTION' ? 
r_symmetry_metal_ion_other   ?      ?      ? ?    'X-RAY DIFFRACTION' ? 
r_mcbond_it                  2.627  4.000  ? 570  'X-RAY DIFFRACTION' ? 
r_mcbond_other               ?      ?      ? ?    'X-RAY DIFFRACTION' ? 
r_mcangle_it                 3.696  6.000  ? 900  'X-RAY DIFFRACTION' ? 
r_mcangle_other              ?      ?      ? ?    'X-RAY DIFFRACTION' ? 
r_scbond_it                  4.860  8.000  ? 354  'X-RAY DIFFRACTION' ? 
r_scbond_other               ?      ?      ? ?    'X-RAY DIFFRACTION' ? 
r_scangle_it                 7.357  10.000 ? 301  'X-RAY DIFFRACTION' ? 
r_scangle_other              ?      ?      ? ?    'X-RAY DIFFRACTION' ? 
r_long_range_B_refined       ?      ?      ? ?    'X-RAY DIFFRACTION' ? 
r_long_range_B_other         ?      ?      ? ?    'X-RAY DIFFRACTION' ? 
r_rigid_bond_restr           ?      ?      ? ?    'X-RAY DIFFRACTION' ? 
r_sphericity_free            ?      ?      ? ?    'X-RAY DIFFRACTION' ? 
r_sphericity_bonded          ?      ?      ? ?    'X-RAY DIFFRACTION' ? 
# 
_refine_ls_shell.pdbx_refine_id                   'X-RAY DIFFRACTION' 
_refine_ls_shell.pdbx_total_number_of_bins_used   20 
_refine_ls_shell.d_res_high                       1.38 
_refine_ls_shell.d_res_low                        1.42 
_refine_ls_shell.number_reflns_R_work             695 
_refine_ls_shell.R_factor_R_work                  0.3620 
_refine_ls_shell.percent_reflns_obs               ? 
_refine_ls_shell.R_factor_R_free                  0.4090 
_refine_ls_shell.R_factor_R_free_error            ? 
_refine_ls_shell.percent_reflns_R_free            ? 
_refine_ls_shell.number_reflns_R_free             39 
_refine_ls_shell.number_reflns_all                ? 
_refine_ls_shell.R_factor_all                     ? 
# 
_struct.entry_id                  2VIM 
_struct.title                     'X-ray structure of Fasciola hepatica thioredoxin' 
_struct.pdbx_model_details        ? 
_struct.pdbx_CASP_flag            ? 
_struct.pdbx_model_type_details   ? 
# 
_struct_keywords.entry_id        2VIM 
_struct_keywords.pdbx_keywords   OXIDOREDUCTASE 
_struct_keywords.text            'THIOREDOXIN, TRX, THIOREDOXIN FOLD, OXIDOREDUCTASE' 
# 
loop_
_struct_asym.id 
_struct_asym.pdbx_blank_PDB_chainid_flag 
_struct_asym.pdbx_modified 
_struct_asym.entity_id 
_struct_asym.details 
A N N 1 ? 
B N N 2 ? 
# 
_struct_ref.id                         1 
_struct_ref.db_name                    UNP 
_struct_ref.db_code                    Q9U1G7_FASHE 
_struct_ref.entity_id                  1 
_struct_ref.pdbx_seq_one_letter_code   ? 
_struct_ref.pdbx_align_begin           ? 
_struct_ref.pdbx_db_accession          Q9U1G7 
_struct_ref.pdbx_db_isoform            ? 
# 
_struct_ref_seq.align_id                      1 
_struct_ref_seq.ref_id                        1 
_struct_ref_seq.pdbx_PDB_id_code              2VIM 
_struct_ref_seq.pdbx_strand_id                A 
_struct_ref_seq.seq_align_beg                 1 
_struct_ref_seq.pdbx_seq_align_beg_ins_code   ? 
_struct_ref_seq.seq_align_end                 104 
_struct_ref_seq.pdbx_seq_align_end_ins_code   ? 
_struct_ref_seq.pdbx_db_accession             Q9U1G7 
_struct_ref_seq.db_align_beg                  1 
_struct_ref_seq.pdbx_db_align_beg_ins_code    ? 
_struct_ref_seq.db_align_end                  104 
_struct_ref_seq.pdbx_db_align_end_ins_code    ? 
_struct_ref_seq.pdbx_auth_seq_align_beg       1 
_struct_ref_seq.pdbx_auth_seq_align_end       104 
# 
_pdbx_struct_assembly.id                   1 
_pdbx_struct_assembly.details              author_and_software_defined_assembly 
_pdbx_struct_assembly.method_details       PQS 
_pdbx_struct_assembly.oligomeric_details   monomeric 
_pdbx_struct_assembly.oligomeric_count     1 
# 
_pdbx_struct_assembly_gen.assembly_id       1 
_pdbx_struct_assembly_gen.oper_expression   1 
_pdbx_struct_assembly_gen.asym_id_list      A,B 
# 
_pdbx_struct_oper_list.id                   1 
_pdbx_struct_oper_list.type                 'identity operation' 
_pdbx_struct_oper_list.name                 1_555 
_pdbx_struct_oper_list.symmetry_operation   x,y,z 
_pdbx_struct_oper_list.matrix[1][1]         1.0000000000 
_pdbx_struct_oper_list.matrix[1][2]         0.0000000000 
_pdbx_struct_oper_list.matrix[1][3]         0.0000000000 
_pdbx_struct_oper_list.vector[1]            0.0000000000 
_pdbx_struct_oper_list.matrix[2][1]         0.0000000000 
_pdbx_struct_oper_list.matrix[2][2]         1.0000000000 
_pdbx_struct_oper_list.matrix[2][3]         0.0000000000 
_pdbx_struct_oper_list.vector[2]            0.0000000000 
_pdbx_struct_oper_list.matrix[3][1]         0.0000000000 
_pdbx_struct_oper_list.matrix[3][2]         0.0000000000 
_pdbx_struct_oper_list.matrix[3][3]         1.0000000000 
_pdbx_struct_oper_list.vector[3]            0.0000000000 
# 
_struct_biol.id   1 
# 
loop_
_struct_conf.conf_type_id 
_struct_conf.id 
_struct_conf.pdbx_PDB_helix_id 
_struct_conf.beg_label_comp_id 
_struct_conf.beg_label_asym_id 
_struct_conf.beg_label_seq_id 
_struct_conf.pdbx_beg_PDB_ins_code 
_struct_conf.end_label_comp_id 
_struct_conf.end_label_asym_id 
_struct_conf.end_label_seq_id 
_struct_conf.pdbx_end_PDB_ins_code 
_struct_conf.beg_auth_comp_id 
_struct_conf.beg_auth_asym_id 
_struct_conf.beg_auth_seq_id 
_struct_conf.end_auth_comp_id 
_struct_conf.end_auth_asym_id 
_struct_conf.end_auth_seq_id 
_struct_conf.pdbx_PDB_helix_class 
_struct_conf.details 
_struct_conf.pdbx_PDB_helix_length 
HELX_P HELX_P1 1 THR A 6  ? GLU A 16  ? THR A 6  GLU A 16  1 ? 11 
HELX_P HELX_P2 2 CYS A 31 ? ILE A 48  ? CYS A 31 ILE A 48  1 ? 18 
HELX_P HELX_P3 3 ASN A 61 ? TYR A 68  ? ASN A 61 TYR A 68  1 ? 8  
HELX_P HELX_P4 4 ASN A 92 ? LYS A 104 ? ASN A 92 LYS A 104 1 ? 13 
# 
_struct_conf_type.id          HELX_P 
_struct_conf_type.criteria    ? 
_struct_conf_type.reference   ? 
# 
_struct_conn.id                            disulf1 
_struct_conn.conn_type_id                  disulf 
_struct_conn.pdbx_leaving_atom_flag        ? 
_struct_conn.pdbx_PDB_id                   ? 
_struct_conn.ptnr1_label_asym_id           A 
_struct_conn.ptnr1_label_comp_id           CYS 
_struct_conn.ptnr1_label_seq_id            31 
_struct_conn.ptnr1_label_atom_id           SG 
_struct_conn.pdbx_ptnr1_label_alt_id       A 
_struct_conn.pdbx_ptnr1_PDB_ins_code       ? 
_struct_conn.pdbx_ptnr1_standard_comp_id   ? 
_struct_conn.ptnr1_symmetry                1_555 
_struct_conn.ptnr2_label_asym_id           A 
_struct_conn.ptnr2_label_comp_id           CYS 
_struct_conn.ptnr2_label_seq_id            34 
_struct_conn.ptnr2_label_atom_id           SG 
_struct_conn.pdbx_ptnr2_label_alt_id       A 
_struct_conn.pdbx_ptnr2_PDB_ins_code       ? 
_struct_conn.ptnr1_auth_asym_id            A 
_struct_conn.ptnr1_auth_comp_id            CYS 
_struct_conn.ptnr1_auth_seq_id             31 
_struct_conn.ptnr2_auth_asym_id            A 
_struct_conn.ptnr2_auth_comp_id            CYS 
_struct_conn.ptnr2_auth_seq_id             34 
_struct_conn.ptnr2_symmetry                1_555 
_struct_conn.pdbx_ptnr3_label_atom_id      ? 
_struct_conn.pdbx_ptnr3_label_seq_id       ? 
_struct_conn.pdbx_ptnr3_label_comp_id      ? 
_struct_conn.pdbx_ptnr3_label_asym_id      ? 
_struct_conn.pdbx_ptnr3_label_alt_id       ? 
_struct_conn.pdbx_ptnr3_PDB_ins_code       ? 
_struct_conn.details                       ? 
_struct_conn.pdbx_dist_value               2.227 
_struct_conn.pdbx_value_order              ? 
_struct_conn.pdbx_role                     ? 
# 
_struct_conn_type.id          disulf 
_struct_conn_type.criteria    ? 
_struct_conn_type.reference   ? 
# 
_pdbx_modification_feature.ordinal                            1 
_pdbx_modification_feature.label_comp_id                      CYS 
_pdbx_modification_feature.label_asym_id                      A 
_pdbx_modification_feature.label_seq_id                       31 
_pdbx_modification_feature.label_alt_id                       A 
_pdbx_modification_feature.modified_residue_label_comp_id     CYS 
_pdbx_modification_feature.modified_residue_label_asym_id     A 
_pdbx_modification_feature.modified_residue_label_seq_id      34 
_pdbx_modification_feature.modified_residue_label_alt_id      A 
_pdbx_modification_feature.auth_comp_id                       CYS 
_pdbx_modification_feature.auth_asym_id                       A 
_pdbx_modification_feature.auth_seq_id                        31 
_pdbx_modification_feature.PDB_ins_code                       ? 
_pdbx_modification_feature.symmetry                           1_555 
_pdbx_modification_feature.modified_residue_auth_comp_id      CYS 
_pdbx_modification_feature.modified_residue_auth_asym_id      A 
_pdbx_modification_feature.modified_residue_auth_seq_id       34 
_pdbx_modification_feature.modified_residue_PDB_ins_code      ? 
_pdbx_modification_feature.modified_residue_symmetry          1_555 
_pdbx_modification_feature.comp_id_linking_atom               SG 
_pdbx_modification_feature.modified_residue_id_linking_atom   SG 
_pdbx_modification_feature.modified_residue_id                . 
_pdbx_modification_feature.ref_pcm_id                         . 
_pdbx_modification_feature.ref_comp_id                        . 
_pdbx_modification_feature.type                               None 
_pdbx_modification_feature.category                           'Disulfide bridge' 
# 
loop_
_struct_mon_prot_cis.pdbx_id 
_struct_mon_prot_cis.label_comp_id 
_struct_mon_prot_cis.label_seq_id 
_struct_mon_prot_cis.label_asym_id 
_struct_mon_prot_cis.label_alt_id 
_struct_mon_prot_cis.pdbx_PDB_ins_code 
_struct_mon_prot_cis.auth_comp_id 
_struct_mon_prot_cis.auth_seq_id 
_struct_mon_prot_cis.auth_asym_id 
_struct_mon_prot_cis.pdbx_label_comp_id_2 
_struct_mon_prot_cis.pdbx_label_seq_id_2 
_struct_mon_prot_cis.pdbx_label_asym_id_2 
_struct_mon_prot_cis.pdbx_PDB_ins_code_2 
_struct_mon_prot_cis.pdbx_auth_comp_id_2 
_struct_mon_prot_cis.pdbx_auth_seq_id_2 
_struct_mon_prot_cis.pdbx_auth_asym_id_2 
_struct_mon_prot_cis.pdbx_PDB_model_num 
_struct_mon_prot_cis.pdbx_omega_angle 
1 MET 73 A . ? MET 73 A PRO 74 A ? PRO 74 A 1 -6.37 
2 MET 73 A . ? MET 73 A PRO 74 A ? PRO 74 A 1 -4.31 
# 
_struct_sheet.id               AA 
_struct_sheet.type             ? 
_struct_sheet.number_strands   5 
_struct_sheet.details          ? 
# 
loop_
_struct_sheet_order.sheet_id 
_struct_sheet_order.range_id_1 
_struct_sheet_order.range_id_2 
_struct_sheet_order.offset 
_struct_sheet_order.sense 
AA 1 2 ? parallel      
AA 2 3 ? parallel      
AA 3 4 ? anti-parallel 
AA 4 5 ? anti-parallel 
# 
loop_
_struct_sheet_range.sheet_id 
_struct_sheet_range.id 
_struct_sheet_range.beg_label_comp_id 
_struct_sheet_range.beg_label_asym_id 
_struct_sheet_range.beg_label_seq_id 
_struct_sheet_range.pdbx_beg_PDB_ins_code 
_struct_sheet_range.end_label_comp_id 
_struct_sheet_range.end_label_asym_id 
_struct_sheet_range.end_label_seq_id 
_struct_sheet_range.pdbx_end_PDB_ins_code 
_struct_sheet_range.beg_auth_comp_id 
_struct_sheet_range.beg_auth_asym_id 
_struct_sheet_range.beg_auth_seq_id 
_struct_sheet_range.end_auth_comp_id 
_struct_sheet_range.end_auth_asym_id 
_struct_sheet_range.end_auth_seq_id 
AA 1 ARG A 2  ? VAL A 3  ? ARG A 2  VAL A 3  
AA 2 GLU A 52 ? ASP A 57 ? GLU A 52 ASP A 57 
AA 3 ILE A 22 ? PHE A 27 ? ILE A 22 PHE A 27 
AA 4 THR A 75 ? LYS A 80 ? THR A 75 LYS A 80 
AA 5 LYS A 83 ? SER A 89 ? LYS A 83 SER A 89 
# 
loop_
_pdbx_struct_sheet_hbond.sheet_id 
_pdbx_struct_sheet_hbond.range_id_1 
_pdbx_struct_sheet_hbond.range_id_2 
_pdbx_struct_sheet_hbond.range_1_label_atom_id 
_pdbx_struct_sheet_hbond.range_1_label_comp_id 
_pdbx_struct_sheet_hbond.range_1_label_asym_id 
_pdbx_struct_sheet_hbond.range_1_label_seq_id 
_pdbx_struct_sheet_hbond.range_1_PDB_ins_code 
_pdbx_struct_sheet_hbond.range_1_auth_atom_id 
_pdbx_struct_sheet_hbond.range_1_auth_comp_id 
_pdbx_struct_sheet_hbond.range_1_auth_asym_id 
_pdbx_struct_sheet_hbond.range_1_auth_seq_id 
_pdbx_struct_sheet_hbond.range_2_label_atom_id 
_pdbx_struct_sheet_hbond.range_2_label_comp_id 
_pdbx_struct_sheet_hbond.range_2_label_asym_id 
_pdbx_struct_sheet_hbond.range_2_label_seq_id 
_pdbx_struct_sheet_hbond.range_2_PDB_ins_code 
_pdbx_struct_sheet_hbond.range_2_auth_atom_id 
_pdbx_struct_sheet_hbond.range_2_auth_comp_id 
_pdbx_struct_sheet_hbond.range_2_auth_asym_id 
_pdbx_struct_sheet_hbond.range_2_auth_seq_id 
AA 1 2 N ARG A 2  ? N ARG A 2  O PHE A 53 ? O PHE A 53 
AA 2 3 N ALA A 54 ? N ALA A 54 O VAL A 23 ? O VAL A 23 
AA 3 4 N PHE A 26 ? N PHE A 26 O THR A 75 ? O THR A 75 
AA 4 5 N LYS A 80 ? N LYS A 80 O LYS A 83 ? O LYS A 83 
# 
_pdbx_entry_details.entry_id                   2VIM 
_pdbx_entry_details.compound_details           ? 
_pdbx_entry_details.source_details             ? 
_pdbx_entry_details.nonpolymer_details         ? 
_pdbx_entry_details.sequence_details           ? 
_pdbx_entry_details.has_ligand_of_interest     ? 
_pdbx_entry_details.has_protein_modification   Y 
# 
loop_
_pdbx_validate_close_contact.id 
_pdbx_validate_close_contact.PDB_model_num 
_pdbx_validate_close_contact.auth_atom_id_1 
_pdbx_validate_close_contact.auth_asym_id_1 
_pdbx_validate_close_contact.auth_comp_id_1 
_pdbx_validate_close_contact.auth_seq_id_1 
_pdbx_validate_close_contact.PDB_ins_code_1 
_pdbx_validate_close_contact.label_alt_id_1 
_pdbx_validate_close_contact.auth_atom_id_2 
_pdbx_validate_close_contact.auth_asym_id_2 
_pdbx_validate_close_contact.auth_comp_id_2 
_pdbx_validate_close_contact.auth_seq_id_2 
_pdbx_validate_close_contact.PDB_ins_code_2 
_pdbx_validate_close_contact.label_alt_id_2 
_pdbx_validate_close_contact.dist 
1 1 O A HOH 2030 ? ? O A HOH 2031 ? ? 1.98 
2 1 O A LYS 18   ? ? O A HOH 2022 ? ? 2.06 
# 
loop_
_pdbx_validate_torsion.id 
_pdbx_validate_torsion.PDB_model_num 
_pdbx_validate_torsion.auth_comp_id 
_pdbx_validate_torsion.auth_asym_id 
_pdbx_validate_torsion.auth_seq_id 
_pdbx_validate_torsion.PDB_ins_code 
_pdbx_validate_torsion.label_alt_id 
_pdbx_validate_torsion.phi 
_pdbx_validate_torsion.psi 
1 1 ASN A 17 ? ? -141.11 40.79 
2 1 ASN A 61 ? ? -104.44 70.27 
# 
loop_
_chem_comp_atom.comp_id 
_chem_comp_atom.atom_id 
_chem_comp_atom.type_symbol 
_chem_comp_atom.pdbx_aromatic_flag 
_chem_comp_atom.pdbx_stereo_config 
_chem_comp_atom.pdbx_ordinal 
ALA N    N N N 1   
ALA CA   C N S 2   
ALA C    C N N 3   
ALA O    O N N 4   
ALA CB   C N N 5   
ALA OXT  O N N 6   
ALA H    H N N 7   
ALA H2   H N N 8   
ALA HA   H N N 9   
ALA HB1  H N N 10  
ALA HB2  H N N 11  
ALA HB3  H N N 12  
ALA HXT  H N N 13  
ARG N    N N N 14  
ARG CA   C N S 15  
ARG C    C N N 16  
ARG O    O N N 17  
ARG CB   C N N 18  
ARG CG   C N N 19  
ARG CD   C N N 20  
ARG NE   N N N 21  
ARG CZ   C N N 22  
ARG NH1  N N N 23  
ARG NH2  N N N 24  
ARG OXT  O N N 25  
ARG H    H N N 26  
ARG H2   H N N 27  
ARG HA   H N N 28  
ARG HB2  H N N 29  
ARG HB3  H N N 30  
ARG HG2  H N N 31  
ARG HG3  H N N 32  
ARG HD2  H N N 33  
ARG HD3  H N N 34  
ARG HE   H N N 35  
ARG HH11 H N N 36  
ARG HH12 H N N 37  
ARG HH21 H N N 38  
ARG HH22 H N N 39  
ARG HXT  H N N 40  
ASN N    N N N 41  
ASN CA   C N S 42  
ASN C    C N N 43  
ASN O    O N N 44  
ASN CB   C N N 45  
ASN CG   C N N 46  
ASN OD1  O N N 47  
ASN ND2  N N N 48  
ASN OXT  O N N 49  
ASN H    H N N 50  
ASN H2   H N N 51  
ASN HA   H N N 52  
ASN HB2  H N N 53  
ASN HB3  H N N 54  
ASN HD21 H N N 55  
ASN HD22 H N N 56  
ASN HXT  H N N 57  
ASP N    N N N 58  
ASP CA   C N S 59  
ASP C    C N N 60  
ASP O    O N N 61  
ASP CB   C N N 62  
ASP CG   C N N 63  
ASP OD1  O N N 64  
ASP OD2  O N N 65  
ASP OXT  O N N 66  
ASP H    H N N 67  
ASP H2   H N N 68  
ASP HA   H N N 69  
ASP HB2  H N N 70  
ASP HB3  H N N 71  
ASP HD2  H N N 72  
ASP HXT  H N N 73  
CYS N    N N N 74  
CYS CA   C N R 75  
CYS C    C N N 76  
CYS O    O N N 77  
CYS CB   C N N 78  
CYS SG   S N N 79  
CYS OXT  O N N 80  
CYS H    H N N 81  
CYS H2   H N N 82  
CYS HA   H N N 83  
CYS HB2  H N N 84  
CYS HB3  H N N 85  
CYS HG   H N N 86  
CYS HXT  H N N 87  
GLN N    N N N 88  
GLN CA   C N S 89  
GLN C    C N N 90  
GLN O    O N N 91  
GLN CB   C N N 92  
GLN CG   C N N 93  
GLN CD   C N N 94  
GLN OE1  O N N 95  
GLN NE2  N N N 96  
GLN OXT  O N N 97  
GLN H    H N N 98  
GLN H2   H N N 99  
GLN HA   H N N 100 
GLN HB2  H N N 101 
GLN HB3  H N N 102 
GLN HG2  H N N 103 
GLN HG3  H N N 104 
GLN HE21 H N N 105 
GLN HE22 H N N 106 
GLN HXT  H N N 107 
GLU N    N N N 108 
GLU CA   C N S 109 
GLU C    C N N 110 
GLU O    O N N 111 
GLU CB   C N N 112 
GLU CG   C N N 113 
GLU CD   C N N 114 
GLU OE1  O N N 115 
GLU OE2  O N N 116 
GLU OXT  O N N 117 
GLU H    H N N 118 
GLU H2   H N N 119 
GLU HA   H N N 120 
GLU HB2  H N N 121 
GLU HB3  H N N 122 
GLU HG2  H N N 123 
GLU HG3  H N N 124 
GLU HE2  H N N 125 
GLU HXT  H N N 126 
GLY N    N N N 127 
GLY CA   C N N 128 
GLY C    C N N 129 
GLY O    O N N 130 
GLY OXT  O N N 131 
GLY H    H N N 132 
GLY H2   H N N 133 
GLY HA2  H N N 134 
GLY HA3  H N N 135 
GLY HXT  H N N 136 
HIS N    N N N 137 
HIS CA   C N S 138 
HIS C    C N N 139 
HIS O    O N N 140 
HIS CB   C N N 141 
HIS CG   C Y N 142 
HIS ND1  N Y N 143 
HIS CD2  C Y N 144 
HIS CE1  C Y N 145 
HIS NE2  N Y N 146 
HIS OXT  O N N 147 
HIS H    H N N 148 
HIS H2   H N N 149 
HIS HA   H N N 150 
HIS HB2  H N N 151 
HIS HB3  H N N 152 
HIS HD1  H N N 153 
HIS HD2  H N N 154 
HIS HE1  H N N 155 
HIS HE2  H N N 156 
HIS HXT  H N N 157 
HOH O    O N N 158 
HOH H1   H N N 159 
HOH H2   H N N 160 
ILE N    N N N 161 
ILE CA   C N S 162 
ILE C    C N N 163 
ILE O    O N N 164 
ILE CB   C N S 165 
ILE CG1  C N N 166 
ILE CG2  C N N 167 
ILE CD1  C N N 168 
ILE OXT  O N N 169 
ILE H    H N N 170 
ILE H2   H N N 171 
ILE HA   H N N 172 
ILE HB   H N N 173 
ILE HG12 H N N 174 
ILE HG13 H N N 175 
ILE HG21 H N N 176 
ILE HG22 H N N 177 
ILE HG23 H N N 178 
ILE HD11 H N N 179 
ILE HD12 H N N 180 
ILE HD13 H N N 181 
ILE HXT  H N N 182 
LEU N    N N N 183 
LEU CA   C N S 184 
LEU C    C N N 185 
LEU O    O N N 186 
LEU CB   C N N 187 
LEU CG   C N N 188 
LEU CD1  C N N 189 
LEU CD2  C N N 190 
LEU OXT  O N N 191 
LEU H    H N N 192 
LEU H2   H N N 193 
LEU HA   H N N 194 
LEU HB2  H N N 195 
LEU HB3  H N N 196 
LEU HG   H N N 197 
LEU HD11 H N N 198 
LEU HD12 H N N 199 
LEU HD13 H N N 200 
LEU HD21 H N N 201 
LEU HD22 H N N 202 
LEU HD23 H N N 203 
LEU HXT  H N N 204 
LYS N    N N N 205 
LYS CA   C N S 206 
LYS C    C N N 207 
LYS O    O N N 208 
LYS CB   C N N 209 
LYS CG   C N N 210 
LYS CD   C N N 211 
LYS CE   C N N 212 
LYS NZ   N N N 213 
LYS OXT  O N N 214 
LYS H    H N N 215 
LYS H2   H N N 216 
LYS HA   H N N 217 
LYS HB2  H N N 218 
LYS HB3  H N N 219 
LYS HG2  H N N 220 
LYS HG3  H N N 221 
LYS HD2  H N N 222 
LYS HD3  H N N 223 
LYS HE2  H N N 224 
LYS HE3  H N N 225 
LYS HZ1  H N N 226 
LYS HZ2  H N N 227 
LYS HZ3  H N N 228 
LYS HXT  H N N 229 
MET N    N N N 230 
MET CA   C N S 231 
MET C    C N N 232 
MET O    O N N 233 
MET CB   C N N 234 
MET CG   C N N 235 
MET SD   S N N 236 
MET CE   C N N 237 
MET OXT  O N N 238 
MET H    H N N 239 
MET H2   H N N 240 
MET HA   H N N 241 
MET HB2  H N N 242 
MET HB3  H N N 243 
MET HG2  H N N 244 
MET HG3  H N N 245 
MET HE1  H N N 246 
MET HE2  H N N 247 
MET HE3  H N N 248 
MET HXT  H N N 249 
PHE N    N N N 250 
PHE CA   C N S 251 
PHE C    C N N 252 
PHE O    O N N 253 
PHE CB   C N N 254 
PHE CG   C Y N 255 
PHE CD1  C Y N 256 
PHE CD2  C Y N 257 
PHE CE1  C Y N 258 
PHE CE2  C Y N 259 
PHE CZ   C Y N 260 
PHE OXT  O N N 261 
PHE H    H N N 262 
PHE H2   H N N 263 
PHE HA   H N N 264 
PHE HB2  H N N 265 
PHE HB3  H N N 266 
PHE HD1  H N N 267 
PHE HD2  H N N 268 
PHE HE1  H N N 269 
PHE HE2  H N N 270 
PHE HZ   H N N 271 
PHE HXT  H N N 272 
PRO N    N N N 273 
PRO CA   C N S 274 
PRO C    C N N 275 
PRO O    O N N 276 
PRO CB   C N N 277 
PRO CG   C N N 278 
PRO CD   C N N 279 
PRO OXT  O N N 280 
PRO H    H N N 281 
PRO HA   H N N 282 
PRO HB2  H N N 283 
PRO HB3  H N N 284 
PRO HG2  H N N 285 
PRO HG3  H N N 286 
PRO HD2  H N N 287 
PRO HD3  H N N 288 
PRO HXT  H N N 289 
SER N    N N N 290 
SER CA   C N S 291 
SER C    C N N 292 
SER O    O N N 293 
SER CB   C N N 294 
SER OG   O N N 295 
SER OXT  O N N 296 
SER H    H N N 297 
SER H2   H N N 298 
SER HA   H N N 299 
SER HB2  H N N 300 
SER HB3  H N N 301 
SER HG   H N N 302 
SER HXT  H N N 303 
THR N    N N N 304 
THR CA   C N S 305 
THR C    C N N 306 
THR O    O N N 307 
THR CB   C N R 308 
THR OG1  O N N 309 
THR CG2  C N N 310 
THR OXT  O N N 311 
THR H    H N N 312 
THR H2   H N N 313 
THR HA   H N N 314 
THR HB   H N N 315 
THR HG1  H N N 316 
THR HG21 H N N 317 
THR HG22 H N N 318 
THR HG23 H N N 319 
THR HXT  H N N 320 
TRP N    N N N 321 
TRP CA   C N S 322 
TRP C    C N N 323 
TRP O    O N N 324 
TRP CB   C N N 325 
TRP CG   C Y N 326 
TRP CD1  C Y N 327 
TRP CD2  C Y N 328 
TRP NE1  N Y N 329 
TRP CE2  C Y N 330 
TRP CE3  C Y N 331 
TRP CZ2  C Y N 332 
TRP CZ3  C Y N 333 
TRP CH2  C Y N 334 
TRP OXT  O N N 335 
TRP H    H N N 336 
TRP H2   H N N 337 
TRP HA   H N N 338 
TRP HB2  H N N 339 
TRP HB3  H N N 340 
TRP HD1  H N N 341 
TRP HE1  H N N 342 
TRP HE3  H N N 343 
TRP HZ2  H N N 344 
TRP HZ3  H N N 345 
TRP HH2  H N N 346 
TRP HXT  H N N 347 
TYR N    N N N 348 
TYR CA   C N S 349 
TYR C    C N N 350 
TYR O    O N N 351 
TYR CB   C N N 352 
TYR CG   C Y N 353 
TYR CD1  C Y N 354 
TYR CD2  C Y N 355 
TYR CE1  C Y N 356 
TYR CE2  C Y N 357 
TYR CZ   C Y N 358 
TYR OH   O N N 359 
TYR OXT  O N N 360 
TYR H    H N N 361 
TYR H2   H N N 362 
TYR HA   H N N 363 
TYR HB2  H N N 364 
TYR HB3  H N N 365 
TYR HD1  H N N 366 
TYR HD2  H N N 367 
TYR HE1  H N N 368 
TYR HE2  H N N 369 
TYR HH   H N N 370 
TYR HXT  H N N 371 
VAL N    N N N 372 
VAL CA   C N S 373 
VAL C    C N N 374 
VAL O    O N N 375 
VAL CB   C N N 376 
VAL CG1  C N N 377 
VAL CG2  C N N 378 
VAL OXT  O N N 379 
VAL H    H N N 380 
VAL H2   H N N 381 
VAL HA   H N N 382 
VAL HB   H N N 383 
VAL HG11 H N N 384 
VAL HG12 H N N 385 
VAL HG13 H N N 386 
VAL HG21 H N N 387 
VAL HG22 H N N 388 
VAL HG23 H N N 389 
VAL HXT  H N N 390 
# 
loop_
_chem_comp_bond.comp_id 
_chem_comp_bond.atom_id_1 
_chem_comp_bond.atom_id_2 
_chem_comp_bond.value_order 
_chem_comp_bond.pdbx_aromatic_flag 
_chem_comp_bond.pdbx_stereo_config 
_chem_comp_bond.pdbx_ordinal 
ALA N   CA   sing N N 1   
ALA N   H    sing N N 2   
ALA N   H2   sing N N 3   
ALA CA  C    sing N N 4   
ALA CA  CB   sing N N 5   
ALA CA  HA   sing N N 6   
ALA C   O    doub N N 7   
ALA C   OXT  sing N N 8   
ALA CB  HB1  sing N N 9   
ALA CB  HB2  sing N N 10  
ALA CB  HB3  sing N N 11  
ALA OXT HXT  sing N N 12  
ARG N   CA   sing N N 13  
ARG N   H    sing N N 14  
ARG N   H2   sing N N 15  
ARG CA  C    sing N N 16  
ARG CA  CB   sing N N 17  
ARG CA  HA   sing N N 18  
ARG C   O    doub N N 19  
ARG C   OXT  sing N N 20  
ARG CB  CG   sing N N 21  
ARG CB  HB2  sing N N 22  
ARG CB  HB3  sing N N 23  
ARG CG  CD   sing N N 24  
ARG CG  HG2  sing N N 25  
ARG CG  HG3  sing N N 26  
ARG CD  NE   sing N N 27  
ARG CD  HD2  sing N N 28  
ARG CD  HD3  sing N N 29  
ARG NE  CZ   sing N N 30  
ARG NE  HE   sing N N 31  
ARG CZ  NH1  sing N N 32  
ARG CZ  NH2  doub N N 33  
ARG NH1 HH11 sing N N 34  
ARG NH1 HH12 sing N N 35  
ARG NH2 HH21 sing N N 36  
ARG NH2 HH22 sing N N 37  
ARG OXT HXT  sing N N 38  
ASN N   CA   sing N N 39  
ASN N   H    sing N N 40  
ASN N   H2   sing N N 41  
ASN CA  C    sing N N 42  
ASN CA  CB   sing N N 43  
ASN CA  HA   sing N N 44  
ASN C   O    doub N N 45  
ASN C   OXT  sing N N 46  
ASN CB  CG   sing N N 47  
ASN CB  HB2  sing N N 48  
ASN CB  HB3  sing N N 49  
ASN CG  OD1  doub N N 50  
ASN CG  ND2  sing N N 51  
ASN ND2 HD21 sing N N 52  
ASN ND2 HD22 sing N N 53  
ASN OXT HXT  sing N N 54  
ASP N   CA   sing N N 55  
ASP N   H    sing N N 56  
ASP N   H2   sing N N 57  
ASP CA  C    sing N N 58  
ASP CA  CB   sing N N 59  
ASP CA  HA   sing N N 60  
ASP C   O    doub N N 61  
ASP C   OXT  sing N N 62  
ASP CB  CG   sing N N 63  
ASP CB  HB2  sing N N 64  
ASP CB  HB3  sing N N 65  
ASP CG  OD1  doub N N 66  
ASP CG  OD2  sing N N 67  
ASP OD2 HD2  sing N N 68  
ASP OXT HXT  sing N N 69  
CYS N   CA   sing N N 70  
CYS N   H    sing N N 71  
CYS N   H2   sing N N 72  
CYS CA  C    sing N N 73  
CYS CA  CB   sing N N 74  
CYS CA  HA   sing N N 75  
CYS C   O    doub N N 76  
CYS C   OXT  sing N N 77  
CYS CB  SG   sing N N 78  
CYS CB  HB2  sing N N 79  
CYS CB  HB3  sing N N 80  
CYS SG  HG   sing N N 81  
CYS OXT HXT  sing N N 82  
GLN N   CA   sing N N 83  
GLN N   H    sing N N 84  
GLN N   H2   sing N N 85  
GLN CA  C    sing N N 86  
GLN CA  CB   sing N N 87  
GLN CA  HA   sing N N 88  
GLN C   O    doub N N 89  
GLN C   OXT  sing N N 90  
GLN CB  CG   sing N N 91  
GLN CB  HB2  sing N N 92  
GLN CB  HB3  sing N N 93  
GLN CG  CD   sing N N 94  
GLN CG  HG2  sing N N 95  
GLN CG  HG3  sing N N 96  
GLN CD  OE1  doub N N 97  
GLN CD  NE2  sing N N 98  
GLN NE2 HE21 sing N N 99  
GLN NE2 HE22 sing N N 100 
GLN OXT HXT  sing N N 101 
GLU N   CA   sing N N 102 
GLU N   H    sing N N 103 
GLU N   H2   sing N N 104 
GLU CA  C    sing N N 105 
GLU CA  CB   sing N N 106 
GLU CA  HA   sing N N 107 
GLU C   O    doub N N 108 
GLU C   OXT  sing N N 109 
GLU CB  CG   sing N N 110 
GLU CB  HB2  sing N N 111 
GLU CB  HB3  sing N N 112 
GLU CG  CD   sing N N 113 
GLU CG  HG2  sing N N 114 
GLU CG  HG3  sing N N 115 
GLU CD  OE1  doub N N 116 
GLU CD  OE2  sing N N 117 
GLU OE2 HE2  sing N N 118 
GLU OXT HXT  sing N N 119 
GLY N   CA   sing N N 120 
GLY N   H    sing N N 121 
GLY N   H2   sing N N 122 
GLY CA  C    sing N N 123 
GLY CA  HA2  sing N N 124 
GLY CA  HA3  sing N N 125 
GLY C   O    doub N N 126 
GLY C   OXT  sing N N 127 
GLY OXT HXT  sing N N 128 
HIS N   CA   sing N N 129 
HIS N   H    sing N N 130 
HIS N   H2   sing N N 131 
HIS CA  C    sing N N 132 
HIS CA  CB   sing N N 133 
HIS CA  HA   sing N N 134 
HIS C   O    doub N N 135 
HIS C   OXT  sing N N 136 
HIS CB  CG   sing N N 137 
HIS CB  HB2  sing N N 138 
HIS CB  HB3  sing N N 139 
HIS CG  ND1  sing Y N 140 
HIS CG  CD2  doub Y N 141 
HIS ND1 CE1  doub Y N 142 
HIS ND1 HD1  sing N N 143 
HIS CD2 NE2  sing Y N 144 
HIS CD2 HD2  sing N N 145 
HIS CE1 NE2  sing Y N 146 
HIS CE1 HE1  sing N N 147 
HIS NE2 HE2  sing N N 148 
HIS OXT HXT  sing N N 149 
HOH O   H1   sing N N 150 
HOH O   H2   sing N N 151 
ILE N   CA   sing N N 152 
ILE N   H    sing N N 153 
ILE N   H2   sing N N 154 
ILE CA  C    sing N N 155 
ILE CA  CB   sing N N 156 
ILE CA  HA   sing N N 157 
ILE C   O    doub N N 158 
ILE C   OXT  sing N N 159 
ILE CB  CG1  sing N N 160 
ILE CB  CG2  sing N N 161 
ILE CB  HB   sing N N 162 
ILE CG1 CD1  sing N N 163 
ILE CG1 HG12 sing N N 164 
ILE CG1 HG13 sing N N 165 
ILE CG2 HG21 sing N N 166 
ILE CG2 HG22 sing N N 167 
ILE CG2 HG23 sing N N 168 
ILE CD1 HD11 sing N N 169 
ILE CD1 HD12 sing N N 170 
ILE CD1 HD13 sing N N 171 
ILE OXT HXT  sing N N 172 
LEU N   CA   sing N N 173 
LEU N   H    sing N N 174 
LEU N   H2   sing N N 175 
LEU CA  C    sing N N 176 
LEU CA  CB   sing N N 177 
LEU CA  HA   sing N N 178 
LEU C   O    doub N N 179 
LEU C   OXT  sing N N 180 
LEU CB  CG   sing N N 181 
LEU CB  HB2  sing N N 182 
LEU CB  HB3  sing N N 183 
LEU CG  CD1  sing N N 184 
LEU CG  CD2  sing N N 185 
LEU CG  HG   sing N N 186 
LEU CD1 HD11 sing N N 187 
LEU CD1 HD12 sing N N 188 
LEU CD1 HD13 sing N N 189 
LEU CD2 HD21 sing N N 190 
LEU CD2 HD22 sing N N 191 
LEU CD2 HD23 sing N N 192 
LEU OXT HXT  sing N N 193 
LYS N   CA   sing N N 194 
LYS N   H    sing N N 195 
LYS N   H2   sing N N 196 
LYS CA  C    sing N N 197 
LYS CA  CB   sing N N 198 
LYS CA  HA   sing N N 199 
LYS C   O    doub N N 200 
LYS C   OXT  sing N N 201 
LYS CB  CG   sing N N 202 
LYS CB  HB2  sing N N 203 
LYS CB  HB3  sing N N 204 
LYS CG  CD   sing N N 205 
LYS CG  HG2  sing N N 206 
LYS CG  HG3  sing N N 207 
LYS CD  CE   sing N N 208 
LYS CD  HD2  sing N N 209 
LYS CD  HD3  sing N N 210 
LYS CE  NZ   sing N N 211 
LYS CE  HE2  sing N N 212 
LYS CE  HE3  sing N N 213 
LYS NZ  HZ1  sing N N 214 
LYS NZ  HZ2  sing N N 215 
LYS NZ  HZ3  sing N N 216 
LYS OXT HXT  sing N N 217 
MET N   CA   sing N N 218 
MET N   H    sing N N 219 
MET N   H2   sing N N 220 
MET CA  C    sing N N 221 
MET CA  CB   sing N N 222 
MET CA  HA   sing N N 223 
MET C   O    doub N N 224 
MET C   OXT  sing N N 225 
MET CB  CG   sing N N 226 
MET CB  HB2  sing N N 227 
MET CB  HB3  sing N N 228 
MET CG  SD   sing N N 229 
MET CG  HG2  sing N N 230 
MET CG  HG3  sing N N 231 
MET SD  CE   sing N N 232 
MET CE  HE1  sing N N 233 
MET CE  HE2  sing N N 234 
MET CE  HE3  sing N N 235 
MET OXT HXT  sing N N 236 
PHE N   CA   sing N N 237 
PHE N   H    sing N N 238 
PHE N   H2   sing N N 239 
PHE CA  C    sing N N 240 
PHE CA  CB   sing N N 241 
PHE CA  HA   sing N N 242 
PHE C   O    doub N N 243 
PHE C   OXT  sing N N 244 
PHE CB  CG   sing N N 245 
PHE CB  HB2  sing N N 246 
PHE CB  HB3  sing N N 247 
PHE CG  CD1  doub Y N 248 
PHE CG  CD2  sing Y N 249 
PHE CD1 CE1  sing Y N 250 
PHE CD1 HD1  sing N N 251 
PHE CD2 CE2  doub Y N 252 
PHE CD2 HD2  sing N N 253 
PHE CE1 CZ   doub Y N 254 
PHE CE1 HE1  sing N N 255 
PHE CE2 CZ   sing Y N 256 
PHE CE2 HE2  sing N N 257 
PHE CZ  HZ   sing N N 258 
PHE OXT HXT  sing N N 259 
PRO N   CA   sing N N 260 
PRO N   CD   sing N N 261 
PRO N   H    sing N N 262 
PRO CA  C    sing N N 263 
PRO CA  CB   sing N N 264 
PRO CA  HA   sing N N 265 
PRO C   O    doub N N 266 
PRO C   OXT  sing N N 267 
PRO CB  CG   sing N N 268 
PRO CB  HB2  sing N N 269 
PRO CB  HB3  sing N N 270 
PRO CG  CD   sing N N 271 
PRO CG  HG2  sing N N 272 
PRO CG  HG3  sing N N 273 
PRO CD  HD2  sing N N 274 
PRO CD  HD3  sing N N 275 
PRO OXT HXT  sing N N 276 
SER N   CA   sing N N 277 
SER N   H    sing N N 278 
SER N   H2   sing N N 279 
SER CA  C    sing N N 280 
SER CA  CB   sing N N 281 
SER CA  HA   sing N N 282 
SER C   O    doub N N 283 
SER C   OXT  sing N N 284 
SER CB  OG   sing N N 285 
SER CB  HB2  sing N N 286 
SER CB  HB3  sing N N 287 
SER OG  HG   sing N N 288 
SER OXT HXT  sing N N 289 
THR N   CA   sing N N 290 
THR N   H    sing N N 291 
THR N   H2   sing N N 292 
THR CA  C    sing N N 293 
THR CA  CB   sing N N 294 
THR CA  HA   sing N N 295 
THR C   O    doub N N 296 
THR C   OXT  sing N N 297 
THR CB  OG1  sing N N 298 
THR CB  CG2  sing N N 299 
THR CB  HB   sing N N 300 
THR OG1 HG1  sing N N 301 
THR CG2 HG21 sing N N 302 
THR CG2 HG22 sing N N 303 
THR CG2 HG23 sing N N 304 
THR OXT HXT  sing N N 305 
TRP N   CA   sing N N 306 
TRP N   H    sing N N 307 
TRP N   H2   sing N N 308 
TRP CA  C    sing N N 309 
TRP CA  CB   sing N N 310 
TRP CA  HA   sing N N 311 
TRP C   O    doub N N 312 
TRP C   OXT  sing N N 313 
TRP CB  CG   sing N N 314 
TRP CB  HB2  sing N N 315 
TRP CB  HB3  sing N N 316 
TRP CG  CD1  doub Y N 317 
TRP CG  CD2  sing Y N 318 
TRP CD1 NE1  sing Y N 319 
TRP CD1 HD1  sing N N 320 
TRP CD2 CE2  doub Y N 321 
TRP CD2 CE3  sing Y N 322 
TRP NE1 CE2  sing Y N 323 
TRP NE1 HE1  sing N N 324 
TRP CE2 CZ2  sing Y N 325 
TRP CE3 CZ3  doub Y N 326 
TRP CE3 HE3  sing N N 327 
TRP CZ2 CH2  doub Y N 328 
TRP CZ2 HZ2  sing N N 329 
TRP CZ3 CH2  sing Y N 330 
TRP CZ3 HZ3  sing N N 331 
TRP CH2 HH2  sing N N 332 
TRP OXT HXT  sing N N 333 
TYR N   CA   sing N N 334 
TYR N   H    sing N N 335 
TYR N   H2   sing N N 336 
TYR CA  C    sing N N 337 
TYR CA  CB   sing N N 338 
TYR CA  HA   sing N N 339 
TYR C   O    doub N N 340 
TYR C   OXT  sing N N 341 
TYR CB  CG   sing N N 342 
TYR CB  HB2  sing N N 343 
TYR CB  HB3  sing N N 344 
TYR CG  CD1  doub Y N 345 
TYR CG  CD2  sing Y N 346 
TYR CD1 CE1  sing Y N 347 
TYR CD1 HD1  sing N N 348 
TYR CD2 CE2  doub Y N 349 
TYR CD2 HD2  sing N N 350 
TYR CE1 CZ   doub Y N 351 
TYR CE1 HE1  sing N N 352 
TYR CE2 CZ   sing Y N 353 
TYR CE2 HE2  sing N N 354 
TYR CZ  OH   sing N N 355 
TYR OH  HH   sing N N 356 
TYR OXT HXT  sing N N 357 
VAL N   CA   sing N N 358 
VAL N   H    sing N N 359 
VAL N   H2   sing N N 360 
VAL CA  C    sing N N 361 
VAL CA  CB   sing N N 362 
VAL CA  HA   sing N N 363 
VAL C   O    doub N N 364 
VAL C   OXT  sing N N 365 
VAL CB  CG1  sing N N 366 
VAL CB  CG2  sing N N 367 
VAL CB  HB   sing N N 368 
VAL CG1 HG11 sing N N 369 
VAL CG1 HG12 sing N N 370 
VAL CG1 HG13 sing N N 371 
VAL CG2 HG21 sing N N 372 
VAL CG2 HG22 sing N N 373 
VAL CG2 HG23 sing N N 374 
VAL OXT HXT  sing N N 375 
# 
_pdbx_initial_refinement_model.id               1 
_pdbx_initial_refinement_model.entity_id_list   ? 
_pdbx_initial_refinement_model.type             'experimental model' 
_pdbx_initial_refinement_model.source_name      PDB 
_pdbx_initial_refinement_model.accession_code   2FA4 
_pdbx_initial_refinement_model.details          'PDB ENTRY 2FA4' 
# 
_atom_sites.entry_id                    2VIM 
_atom_sites.fract_transf_matrix[1][1]   -0.01453313 
_atom_sites.fract_transf_matrix[1][2]   -0.02843334 
_atom_sites.fract_transf_matrix[1][3]   -0.00104965 
_atom_sites.fract_transf_matrix[2][1]   0.00415061 
_atom_sites.fract_transf_matrix[2][2]   -0.00317129 
_atom_sites.fract_transf_matrix[2][3]   0.02843725 
_atom_sites.fract_transf_matrix[3][1]   -0.02512984 
_atom_sites.fract_transf_matrix[3][2]   0.00437957 
_atom_sites.fract_transf_matrix[3][3]   0.00415627 
_atom_sites.fract_transf_vector[1]      0.197416 
_atom_sites.fract_transf_vector[2]      -0.001598 
_atom_sites.fract_transf_vector[3]      0.215635 
# 
loop_
_atom_type.symbol 
C 
N 
O 
S 
# 
loop_
_atom_site.group_PDB 
_atom_site.id 
_atom_site.type_symbol 
_atom_site.label_atom_id 
_atom_site.label_alt_id 
_atom_site.label_comp_id 
_atom_site.label_asym_id 
_atom_site.label_entity_id 
_atom_site.label_seq_id 
_atom_site.pdbx_PDB_ins_code 
_atom_site.Cartn_x 
_atom_site.Cartn_y 
_atom_site.Cartn_z 
_atom_site.occupancy 
_atom_site.B_iso_or_equiv 
_atom_site.pdbx_formal_charge 
_atom_site.auth_seq_id 
_atom_site.auth_comp_id 
_atom_site.auth_asym_id 
_atom_site.auth_atom_id 
_atom_site.pdbx_PDB_model_num 
ATOM   1   N N   . MET A 1 1   ? -10.016 -0.659  3.058   1.00 51.60 ? 1    MET A N   1 
ATOM   2   C CA  . MET A 1 1   ? -8.895  -1.645  3.163   1.00 50.52 ? 1    MET A CA  1 
ATOM   3   C C   . MET A 1 1   ? -9.128  -2.901  2.329   1.00 49.51 ? 1    MET A C   1 
ATOM   4   O O   . MET A 1 1   ? -9.340  -3.990  2.864   1.00 50.12 ? 1    MET A O   1 
ATOM   5   C CB  . MET A 1 1   ? -8.638  -2.017  4.621   1.00 51.68 ? 1    MET A CB  1 
ATOM   6   C CG  . MET A 1 1   ? -7.769  -1.025  5.336   1.00 52.40 ? 1    MET A CG  1 
ATOM   7   S SD  . MET A 1 1   ? -6.152  -0.917  4.560   1.00 57.72 ? 1    MET A SD  1 
ATOM   8   C CE  . MET A 1 1   ? -5.664  0.652   5.246   1.00 55.01 ? 1    MET A CE  1 
ATOM   9   N N   . ARG A 1 2   ? -9.088  -2.733  1.012   1.00 46.35 ? 2    ARG A N   1 
ATOM   10  C CA  . ARG A 1 2   ? -9.241  -3.827  0.067   1.00 41.69 ? 2    ARG A CA  1 
ATOM   11  C C   . ARG A 1 2   ? -8.088  -4.807  0.278   1.00 38.29 ? 2    ARG A C   1 
ATOM   12  O O   . ARG A 1 2   ? -6.930  -4.408  0.232   1.00 31.71 ? 2    ARG A O   1 
ATOM   13  C CB  . ARG A 1 2   ? -9.194  -3.267  -1.360  1.00 43.72 ? 2    ARG A CB  1 
ATOM   14  C CG  . ARG A 1 2   ? -10.061 -3.992  -2.381  1.00 51.00 ? 2    ARG A CG  1 
ATOM   15  C CD  . ARG A 1 2   ? -11.486 -3.430  -2.389  1.00 58.57 ? 2    ARG A CD  1 
ATOM   16  N NE  . ARG A 1 2   ? -12.324 -4.045  -3.419  1.00 61.84 ? 2    ARG A NE  1 
ATOM   17  C CZ  . ARG A 1 2   ? -13.256 -4.967  -3.186  1.00 65.62 ? 2    ARG A CZ  1 
ATOM   18  N NH1 . ARG A 1 2   ? -13.494 -5.402  -1.948  1.00 65.79 ? 2    ARG A NH1 1 
ATOM   19  N NH2 . ARG A 1 2   ? -13.960 -5.456  -4.197  1.00 62.82 ? 2    ARG A NH2 1 
ATOM   20  N N   . VAL A 1 3   ? -8.391  -6.078  0.542   1.00 35.65 ? 3    VAL A N   1 
ATOM   21  C CA  . VAL A 1 3   ? -7.345  -7.107  0.510   1.00 31.53 ? 3    VAL A CA  1 
ATOM   22  C C   . VAL A 1 3   ? -7.155  -7.500  -0.950  1.00 30.93 ? 3    VAL A C   1 
ATOM   23  O O   . VAL A 1 3   ? -8.121  -7.784  -1.640  1.00 32.36 ? 3    VAL A O   1 
ATOM   24  C CB  . VAL A 1 3   ? -7.692  -8.344  1.375   1.00 33.71 ? 3    VAL A CB  1 
ATOM   25  C CG1 . VAL A 1 3   ? -6.678  -9.484  1.169   1.00 41.43 ? 3    VAL A CG1 1 
ATOM   26  C CG2 . VAL A 1 3   ? -7.754  -7.946  2.841   1.00 36.63 ? 3    VAL A CG2 1 
ATOM   27  N N   . LEU A 1 4   ? -5.917  -7.488  -1.440  1.00 23.82 ? 4    LEU A N   1 
ATOM   28  C CA  . LEU A 1 4   ? -5.665  -7.867  -2.829  1.00 21.54 ? 4    LEU A CA  1 
ATOM   29  C C   . LEU A 1 4   ? -5.020  -9.250  -2.872  1.00 24.10 ? 4    LEU A C   1 
ATOM   30  O O   . LEU A 1 4   ? -3.861  -9.430  -2.446  1.00 20.33 ? 4    LEU A O   1 
ATOM   31  C CB  . LEU A 1 4   ? -4.794  -6.823  -3.552  1.00 21.79 ? 4    LEU A CB  1 
ATOM   32  C CG  . LEU A 1 4   ? -5.294  -5.372  -3.472  1.00 23.14 ? 4    LEU A CG  1 
ATOM   33  C CD1 . LEU A 1 4   ? -4.263  -4.395  -3.951  1.00 24.05 ? 4    LEU A CD1 1 
ATOM   34  C CD2 . LEU A 1 4   ? -6.600  -5.176  -4.252  1.00 29.11 ? 4    LEU A CD2 1 
ATOM   35  N N   . ALA A 1 5   ? -5.770  -10.240 -3.351  1.00 23.02 ? 5    ALA A N   1 
ATOM   36  C CA  . ALA A 1 5   ? -5.321  -11.634 -3.370  1.00 25.06 ? 5    ALA A CA  1 
ATOM   37  C C   . ALA A 1 5   ? -4.434  -11.965 -4.546  1.00 27.32 ? 5    ALA A C   1 
ATOM   38  O O   . ALA A 1 5   ? -3.633  -12.881 -4.451  1.00 25.20 ? 5    ALA A O   1 
ATOM   39  C CB  . ALA A 1 5   ? -6.549  -12.562 -3.338  1.00 29.94 ? 5    ALA A CB  1 
ATOM   40  N N   . THR A 1 6   ? -4.572  -11.266 -5.678  1.00 26.11 ? 6    THR A N   1 
ATOM   41  C CA  . THR A 1 6   ? -3.670  -11.519 -6.828  1.00 25.99 ? 6    THR A CA  1 
ATOM   42  C C   . THR A 1 6   ? -3.179  -10.224 -7.479  1.00 28.81 ? 6    THR A C   1 
ATOM   43  O O   . THR A 1 6   ? -3.733  -9.170  -7.210  1.00 26.97 ? 6    THR A O   1 
ATOM   44  C CB  . THR A 1 6   ? -4.345  -12.341 -7.912  1.00 31.34 ? 6    THR A CB  1 
ATOM   45  O OG1 . THR A 1 6   ? -5.458  -11.600 -8.396  1.00 30.59 ? 6    THR A OG1 1 
ATOM   46  C CG2 . THR A 1 6   ? -4.837  -13.702 -7.359  1.00 34.15 ? 6    THR A CG2 1 
ATOM   47  N N   . ALA A 1 7   ? -2.140  -10.301 -8.318  1.00 26.68 ? 7    ALA A N   1 
ATOM   48  C CA  . ALA A 1 7   ? -1.723  -9.133  -9.082  1.00 30.23 ? 7    ALA A CA  1 
ATOM   49  C C   . ALA A 1 7   ? -2.878  -8.651  -9.963  1.00 29.97 ? 7    ALA A C   1 
ATOM   50  O O   . ALA A 1 7   ? -3.026  -7.451  -10.171 1.00 25.83 ? 7    ALA A O   1 
ATOM   51  C CB  . ALA A 1 7   ? -0.508  -9.425  -9.922  1.00 32.46 ? 7    ALA A CB  1 
ATOM   52  N N   . ALA A 1 8   ? -3.681  -9.586  -10.490 1.00 27.79 ? 8    ALA A N   1 
ATOM   53  C CA  . ALA A 1 8   ? -4.909  -9.217  -11.224 1.00 26.70 ? 8    ALA A CA  1 
ATOM   54  C C   . ALA A 1 8   ? -5.884  -8.373  -10.411 1.00 25.25 ? 8    ALA A C   1 
ATOM   55  O O   . ALA A 1 8   ? -6.494  -7.454  -10.971 1.00 28.01 ? 8    ALA A O   1 
ATOM   56  C CB  . ALA A 1 8   ? -5.636  -10.473 -11.775 1.00 27.63 ? 8    ALA A CB  1 
ATOM   57  N N   . ASP A 1 9   ? -6.065  -8.699  -9.124  1.00 27.95 ? 9    ASP A N   1 
ATOM   58  C CA  . ASP A 1 9   ? -6.893  -7.895  -8.201  1.00 29.69 ? 9    ASP A CA  1 
ATOM   59  C C   . ASP A 1 9   ? -6.357  -6.477  -8.109  1.00 24.47 ? 9    ASP A C   1 
ATOM   60  O O   . ASP A 1 9   ? -7.125  -5.521  -8.039  1.00 27.53 ? 9    ASP A O   1 
ATOM   61  C CB  . ASP A 1 9   ? -6.919  -8.466  -6.778  1.00 33.84 ? 9    ASP A CB  1 
ATOM   62  C CG  . ASP A 1 9   ? -7.803  -9.692  -6.635  1.00 41.64 ? 9    ASP A CG  1 
ATOM   63  O OD1 . ASP A 1 9   ? -8.643  -9.944  -7.528  1.00 41.38 ? 9    ASP A OD1 1 
ATOM   64  O OD2 . ASP A 1 9   ? -7.649  -10.398 -5.609  1.00 35.05 ? 9    ASP A OD2 1 
ATOM   65  N N   . LEU A 1 10  ? -5.025  -6.335  -8.095  1.00 25.45 ? 10   LEU A N   1 
ATOM   66  C CA  . LEU A 1 10  ? -4.434  -5.012  -8.119  1.00 25.15 ? 10   LEU A CA  1 
ATOM   67  C C   . LEU A 1 10  ? -4.725  -4.256  -9.416  1.00 27.64 ? 10   LEU A C   1 
ATOM   68  O O   . LEU A 1 10  ? -5.131  -3.096  -9.368  1.00 29.04 ? 10   LEU A O   1 
ATOM   69  C CB  . LEU A 1 10  ? -2.928  -5.028  -7.813  1.00 27.47 ? 10   LEU A CB  1 
ATOM   70  C CG  . LEU A 1 10  ? -2.239  -3.651  -7.788  1.00 33.83 ? 10   LEU A CG  1 
ATOM   71  C CD1 . LEU A 1 10  ? -2.988  -2.577  -6.961  1.00 31.07 ? 10   LEU A CD1 1 
ATOM   72  C CD2 . LEU A 1 10  ? -0.790  -3.804  -7.290  1.00 32.71 ? 10   LEU A CD2 1 
ATOM   73  N N   . GLU A 1 11  ? -4.518  -4.897  -10.564 1.00 29.74 ? 11   GLU A N   1 
ATOM   74  C CA  . GLU A 1 11  ? -4.851  -4.284  -11.857 1.00 29.13 ? 11   GLU A CA  1 
ATOM   75  C C   . GLU A 1 11  ? -6.302  -3.799  -11.906 1.00 29.24 ? 11   GLU A C   1 
ATOM   76  O O   . GLU A 1 11  ? -6.573  -2.722  -12.422 1.00 32.82 ? 11   GLU A O   1 
ATOM   77  C CB  . GLU A 1 11  ? -4.563  -5.241  -13.023 1.00 29.67 ? 11   GLU A CB  1 
ATOM   78  C CG  . GLU A 1 11  ? -3.094  -5.214  -13.441 1.00 32.51 ? 11   GLU A CG  1 
ATOM   79  C CD  . GLU A 1 11  ? -2.900  -5.447  -14.934 1.00 50.56 ? 11   GLU A CD  1 
ATOM   80  O OE1 . GLU A 1 11  ? -3.255  -6.540  -15.430 1.00 55.75 ? 11   GLU A OE1 1 
ATOM   81  O OE2 . GLU A 1 11  ? -2.394  -4.533  -15.619 1.00 51.45 ? 11   GLU A OE2 1 
ATOM   82  N N   . LYS A 1 12  ? -7.221  -4.583  -11.336 1.00 31.99 ? 12   LYS A N   1 
ATOM   83  C CA  . LYS A 1 12  ? -8.643  -4.228  -11.286 1.00 35.48 ? 12   LYS A CA  1 
ATOM   84  C C   . LYS A 1 12  ? -8.956  -2.997  -10.428 1.00 35.56 ? 12   LYS A C   1 
ATOM   85  O O   . LYS A 1 12  ? -9.628  -2.087  -10.902 1.00 36.68 ? 12   LYS A O   1 
ATOM   86  C CB  . LYS A 1 12  ? -9.495  -5.418  -10.824 1.00 36.56 ? 12   LYS A CB  1 
ATOM   87  C CG  . LYS A 1 12  ? -9.766  -6.485  -11.898 1.00 44.82 ? 12   LYS A CG  1 
ATOM   88  C CD  . LYS A 1 12  ? -10.605 -7.634  -11.320 1.00 38.15 ? 12   LYS A CD  1 
ATOM   89  C CE  . LYS A 1 12  ? -10.397 -8.945  -12.063 1.00 51.15 ? 12   LYS A CE  1 
ATOM   90  N NZ  . LYS A 1 12  ? -9.154  -9.681  -11.621 1.00 55.50 ? 12   LYS A NZ  1 
ATOM   91  N N   . LEU A 1 13  ? -8.488  -2.980  -9.174  1.00 32.77 ? 13   LEU A N   1 
ATOM   92  C CA  . LEU A 1 13  ? -8.671  -1.831  -8.262  1.00 30.59 ? 13   LEU A CA  1 
ATOM   93  C C   . LEU A 1 13  ? -8.197  -0.543  -8.937  1.00 30.91 ? 13   LEU A C   1 
ATOM   94  O O   . LEU A 1 13  ? -8.790  0.515   -8.757  1.00 30.13 ? 13   LEU A O   1 
ATOM   95  C CB  . LEU A 1 13  ? -7.879  -2.028  -6.950  1.00 29.93 ? 13   LEU A CB  1 
ATOM   96  C CG  . LEU A 1 13  ? -7.847  -0.845  -5.964  1.00 32.43 ? 13   LEU A CG  1 
ATOM   97  C CD1 . LEU A 1 13  ? -9.201  -0.673  -5.268  1.00 39.46 ? 13   LEU A CD1 1 
ATOM   98  C CD2 . LEU A 1 13  ? -6.806  -0.967  -4.899  1.00 25.55 ? 13   LEU A CD2 1 
ATOM   99  N N   . ILE A 1 14  ? -7.100  -0.658  -9.680  1.00 32.39 ? 14   ILE A N   1 
ATOM   100 C CA  . ILE A 1 14  ? -6.503  0.438   -10.426 1.00 31.70 ? 14   ILE A CA  1 
ATOM   101 C C   . ILE A 1 14  ? -7.476  0.943   -11.490 1.00 36.25 ? 14   ILE A C   1 
ATOM   102 O O   . ILE A 1 14  ? -7.749  2.141   -11.563 1.00 34.93 ? 14   ILE A O   1 
ATOM   103 C CB  . ILE A 1 14  ? -5.126  0.008   -11.018 1.00 28.76 ? 14   ILE A CB  1 
ATOM   104 C CG1 . ILE A 1 14  ? -4.102  -0.187  -9.888  1.00 31.11 ? 14   ILE A CG1 1 
ATOM   105 C CG2 . ILE A 1 14  ? -4.641  0.980   -12.094 1.00 35.48 ? 14   ILE A CG2 1 
ATOM   106 C CD1 . ILE A 1 14  ? -2.762  -0.771  -10.324 1.00 29.22 ? 14   ILE A CD1 1 
ATOM   107 N N   . ASN A 1 15  ? -8.033  0.024   -12.280 1.00 39.55 ? 15   ASN A N   1 
ATOM   108 C CA  . ASN A 1 15  ? -8.998  0.381   -13.331 1.00 42.54 ? 15   ASN A CA  1 
ATOM   109 C C   . ASN A 1 15  ? -10.261 1.056   -12.795 1.00 43.41 ? 15   ASN A C   1 
ATOM   110 O O   . ASN A 1 15  ? -10.846 1.911   -13.456 1.00 46.20 ? 15   ASN A O   1 
ATOM   111 C CB  . ASN A 1 15  ? -9.418  -0.870  -14.113 1.00 43.53 ? 15   ASN A CB  1 
ATOM   112 C CG  . ASN A 1 15  ? -8.281  -1.498  -14.877 1.00 48.83 ? 15   ASN A CG  1 
ATOM   113 O OD1 . ASN A 1 15  ? -7.246  -0.869  -15.126 1.00 54.09 ? 15   ASN A OD1 1 
ATOM   114 N ND2 . ASN A 1 15  ? -8.471  -2.755  -15.275 1.00 52.79 ? 15   ASN A ND2 1 
ATOM   115 N N   . GLU A 1 16  ? -10.674 0.652   -11.600 1.00 41.32 ? 16   GLU A N   1 
ATOM   116 C CA  . GLU A 1 16  ? -11.913 1.094   -10.989 1.00 41.46 ? 16   GLU A CA  1 
ATOM   117 C C   . GLU A 1 16  ? -11.735 2.384   -10.147 1.00 41.94 ? 16   GLU A C   1 
ATOM   118 O O   . GLU A 1 16  ? -12.690 2.887   -9.529  1.00 42.86 ? 16   GLU A O   1 
ATOM   119 C CB  . GLU A 1 16  ? -12.478 -0.101  -10.195 1.00 44.51 ? 16   GLU A CB  1 
ATOM   120 C CG  . GLU A 1 16  ? -13.297 0.184   -8.948  1.00 53.11 ? 16   GLU A CG  1 
ATOM   121 C CD  . GLU A 1 16  ? -13.069 -0.863  -7.865  1.00 57.73 ? 16   GLU A CD  1 
ATOM   122 O OE1 . GLU A 1 16  ? -12.995 -0.483  -6.674  1.00 59.41 ? 16   GLU A OE1 1 
ATOM   123 O OE2 . GLU A 1 16  ? -12.951 -2.061  -8.205  1.00 59.98 ? 16   GLU A OE2 1 
ATOM   124 N N   . ASN A 1 17  ? -10.517 2.927   -10.149 1.00 36.82 ? 17   ASN A N   1 
ATOM   125 C CA  . ASN A 1 17  ? -10.188 4.130   -9.372  1.00 37.94 ? 17   ASN A CA  1 
ATOM   126 C C   . ASN A 1 17  ? -9.241  5.114   -10.098 1.00 37.96 ? 17   ASN A C   1 
ATOM   127 O O   . ASN A 1 17  ? -8.356  5.685   -9.464  1.00 41.54 ? 17   ASN A O   1 
ATOM   128 C CB  . ASN A 1 17  ? -9.537  3.721   -8.033  1.00 35.43 ? 17   ASN A CB  1 
ATOM   129 C CG  . ASN A 1 17  ? -10.505 3.042   -7.087  1.00 41.30 ? 17   ASN A CG  1 
ATOM   130 O OD1 . ASN A 1 17  ? -11.316 3.697   -6.452  1.00 39.09 ? 17   ASN A OD1 1 
ATOM   131 N ND2 . ASN A 1 17  ? -10.405 1.717   -6.967  1.00 35.03 ? 17   ASN A ND2 1 
ATOM   132 N N   . LYS A 1 18  ? -9.438  5.329   -11.400 1.00 39.06 ? 18   LYS A N   1 
ATOM   133 C CA  . LYS A 1 18  ? -8.403  5.940   -12.280 1.00 37.62 ? 18   LYS A CA  1 
ATOM   134 C C   . LYS A 1 18  ? -7.669  7.211   -11.793 1.00 39.18 ? 18   LYS A C   1 
ATOM   135 O O   . LYS A 1 18  ? -6.438  7.210   -11.689 1.00 44.93 ? 18   LYS A O   1 
ATOM   136 C CB  . LYS A 1 18  ? -8.897  6.092   -13.728 1.00 42.02 ? 18   LYS A CB  1 
ATOM   137 C CG  . LYS A 1 18  ? -10.365 6.449   -13.884 1.00 47.99 ? 18   LYS A CG  1 
ATOM   138 C CD  . LYS A 1 18  ? -11.275 5.287   -13.504 1.00 55.53 ? 18   LYS A CD  1 
ATOM   139 C CE  . LYS A 1 18  ? -12.663 5.768   -13.138 1.00 57.11 ? 18   LYS A CE  1 
ATOM   140 N NZ  . LYS A 1 18  ? -13.238 4.935   -12.050 1.00 60.02 ? 18   LYS A NZ  1 
ATOM   141 N N   . GLY A 1 19  ? -8.386  8.292   -11.497 1.00 35.59 ? 19   GLY A N   1 
ATOM   142 C CA  . GLY A 1 19  ? -7.711  9.533   -11.069 1.00 28.15 ? 19   GLY A CA  1 
ATOM   143 C C   . GLY A 1 19  ? -7.421  9.599   -9.574  1.00 23.55 ? 19   GLY A C   1 
ATOM   144 O O   . GLY A 1 19  ? -6.792  10.540  -9.098  1.00 26.09 ? 19   GLY A O   1 
ATOM   145 N N   . ARG A 1 20  ? -7.909  8.602   -8.839  1.00 23.85 ? 20   ARG A N   1 
ATOM   146 C CA  . ARG A 1 20  ? -7.817  8.574   -7.394  1.00 24.42 ? 20   ARG A CA  1 
ATOM   147 C C   . ARG A 1 20  ? -6.477  7.971   -6.990  1.00 21.66 ? 20   ARG A C   1 
ATOM   148 O O   . ARG A 1 20  ? -5.978  7.083   -7.681  1.00 24.91 ? 20   ARG A O   1 
ATOM   149 C CB  . ARG A 1 20  ? -8.949  7.725   -6.831  1.00 30.77 ? 20   ARG A CB  1 
ATOM   150 C CG  . ARG A 1 20  ? -9.286  7.995   -5.395  1.00 40.85 ? 20   ARG A CG  1 
ATOM   151 C CD  . ARG A 1 20  ? -10.154 6.896   -4.787  1.00 47.75 ? 20   ARG A CD  1 
ATOM   152 N NE  . ARG A 1 20  ? -11.452 6.720   -5.442  1.00 55.61 ? 20   ARG A NE  1 
ATOM   153 C CZ  . ARG A 1 20  ? -12.521 7.498   -5.251  1.00 60.16 ? 20   ARG A CZ  1 
ATOM   154 N NH1 . ARG A 1 20  ? -12.468 8.552   -4.434  1.00 57.76 ? 20   ARG A NH1 1 
ATOM   155 N NH2 . ARG A 1 20  ? -13.652 7.222   -5.892  1.00 57.94 ? 20   ARG A NH2 1 
ATOM   156 N N   . LEU A 1 21  ? -5.891  8.477   -5.916  1.00 20.76 ? 21   LEU A N   1 
ATOM   157 C CA  . LEU A 1 21  ? -4.665  7.855   -5.418  1.00 18.65 ? 21   LEU A CA  1 
ATOM   158 C C   . LEU A 1 21  ? -5.001  6.526   -4.746  1.00 18.56 ? 21   LEU A C   1 
ATOM   159 O O   . LEU A 1 21  ? -5.972  6.439   -3.977  1.00 18.11 ? 21   LEU A O   1 
ATOM   160 C CB  . LEU A 1 21  ? -3.984  8.782   -4.416  1.00 19.87 ? 21   LEU A CB  1 
ATOM   161 C CG  . LEU A 1 21  ? -2.748  8.271   -3.657  1.00 17.69 ? 21   LEU A CG  1 
ATOM   162 C CD1 . LEU A 1 21  ? -1.607  8.106   -4.659  1.00 18.71 ? 21   LEU A CD1 1 
ATOM   163 C CD2 . LEU A 1 21  ? -2.354  9.268   -2.573  1.00 15.75 ? 21   LEU A CD2 1 
ATOM   164 N N   . ILE A 1 22  ? -4.181  5.512   -5.011  1.00 16.35 ? 22   ILE A N   1 
ATOM   165 C CA  . ILE A 1 22  ? -4.272  4.217   -4.357  1.00 13.70 ? 22   ILE A CA  1 
ATOM   166 C C   . ILE A 1 22  ? -3.085  4.047   -3.479  1.00 19.69 ? 22   ILE A C   1 
ATOM   167 O O   . ILE A 1 22  ? -2.026  4.271   -3.985  1.00 15.26 ? 22   ILE A O   1 
ATOM   168 C CB  . ILE A 1 22  ? -4.264  3.095   -5.428  1.00 17.90 ? 22   ILE A CB  1 
ATOM   169 C CG1 . ILE A 1 22  ? -5.543  3.173   -6.289  1.00 21.31 ? 22   ILE A CG1 1 
ATOM   170 C CG2 . ILE A 1 22  ? -4.059  1.719   -4.780  1.00 19.05 ? 22   ILE A CG2 1 
ATOM   171 C CD1 . ILE A 1 22  ? -5.573  2.197   -7.417  1.00 20.79 ? 22   ILE A CD1 1 
ATOM   172 N N   . VAL A 1 23  ? -3.214  3.679   -2.224  1.00 15.60 ? 23   VAL A N   1 
ATOM   173 C CA  . VAL A 1 23  ? -2.055  3.406   -1.356  1.00 13.84 ? 23   VAL A CA  1 
ATOM   174 C C   . VAL A 1 23  ? -2.045  1.924   -1.086  1.00 15.28 ? 23   VAL A C   1 
ATOM   175 O O   . VAL A 1 23  ? -3.007  1.394   -0.548  1.00 17.04 ? 23   VAL A O   1 
ATOM   176 C CB  . VAL A 1 23  ? -2.199  4.161   -0.036  1.00 14.58 ? 23   VAL A CB  1 
ATOM   177 C CG1 . VAL A 1 23  ? -1.040  3.797   0.958   1.00 16.70 ? 23   VAL A CG1 1 
ATOM   178 C CG2 . VAL A 1 23  ? -2.280  5.628   -0.350  1.00 16.24 ? 23   VAL A CG2 1 
ATOM   179 N N   . VAL A 1 24  ? -0.986  1.223   -1.511  1.00 13.95 ? 24   VAL A N   1 
ATOM   180 C CA  . VAL A 1 24  ? -0.876  -0.218  -1.301  1.00 14.87 ? 24   VAL A CA  1 
ATOM   181 C C   . VAL A 1 24  ? 0.160   -0.505  -0.223  1.00 13.70 ? 24   VAL A C   1 
ATOM   182 O O   . VAL A 1 24  ? 1.352   -0.179  -0.384  1.00 17.17 ? 24   VAL A O   1 
ATOM   183 C CB  . VAL A 1 24  ? -0.493  -0.976  -2.578  1.00 14.00 ? 24   VAL A CB  1 
ATOM   184 C CG1 . VAL A 1 24  ? -0.651  -2.456  -2.342  1.00 18.31 ? 24   VAL A CG1 1 
ATOM   185 C CG2 . VAL A 1 24  ? -1.331  -0.556  -3.777  1.00 17.67 ? 24   VAL A CG2 1 
ATOM   186 N N   . ASP A 1 25  ? -0.311  -1.150  0.845   1.00 17.79 ? 25   ASP A N   1 
ATOM   187 C CA  . ASP A 1 25  ? 0.513   -1.553  1.990   1.00 13.27 ? 25   ASP A CA  1 
ATOM   188 C C   . ASP A 1 25  ? 0.895   -2.998  1.754   1.00 13.16 ? 25   ASP A C   1 
ATOM   189 O O   . ASP A 1 25  ? 0.108   -3.930  1.960   1.00 15.69 ? 25   ASP A O   1 
ATOM   190 C CB  . ASP A 1 25  ? -0.355  -1.474  3.274   1.00 16.68 ? 25   ASP A CB  1 
ATOM   191 C CG  . ASP A 1 25  ? 0.385   -1.915  4.518   1.00 21.57 ? 25   ASP A CG  1 
ATOM   192 O OD1 . ASP A 1 25  ? 1.572   -2.342  4.447   1.00 19.92 ? 25   ASP A OD1 1 
ATOM   193 O OD2 . ASP A 1 25  ? -0.160  -1.764  5.620   1.00 22.35 ? 25   ASP A OD2 1 
ATOM   194 N N   . PHE A 1 26  ? 2.153   -3.236  1.323   1.00 13.50 ? 26   PHE A N   1 
ATOM   195 C CA  . PHE A 1 26  ? 2.720   -4.581  1.221   1.00 12.45 ? 26   PHE A CA  1 
ATOM   196 C C   . PHE A 1 26  ? 3.301   -4.963  2.562   1.00 13.51 ? 26   PHE A C   1 
ATOM   197 O O   . PHE A 1 26  ? 4.217   -4.284  3.056   1.00 15.87 ? 26   PHE A O   1 
ATOM   198 C CB  . PHE A 1 26  ? 3.840   -4.584  0.184   1.00 12.69 ? 26   PHE A CB  1 
ATOM   199 C CG  . PHE A 1 26  ? 3.355   -4.414  -1.226  1.00 12.21 ? 26   PHE A CG  1 
ATOM   200 C CD1 . PHE A 1 26  ? 3.074   -5.558  -2.018  1.00 14.31 ? 26   PHE A CD1 1 
ATOM   201 C CD2 . PHE A 1 26  ? 3.201   -3.165  -1.801  1.00 13.08 ? 26   PHE A CD2 1 
ATOM   202 C CE1 . PHE A 1 26  ? 2.637   -5.443  -3.336  1.00 12.89 ? 26   PHE A CE1 1 
ATOM   203 C CE2 . PHE A 1 26  ? 2.777   -3.047  -3.143  1.00 14.31 ? 26   PHE A CE2 1 
ATOM   204 C CZ  . PHE A 1 26  ? 2.533   -4.187  -3.924  1.00 13.03 ? 26   PHE A CZ  1 
ATOM   205 N N   . PHE A 1 27  ? 2.816   -6.048  3.159   1.00 12.03 ? 27   PHE A N   1 
ATOM   206 C CA  . PHE A 1 27  ? 3.170   -6.401  4.505   1.00 10.75 ? 27   PHE A CA  1 
ATOM   207 C C   . PHE A 1 27  ? 3.253   -7.906  4.648   1.00 11.92 ? 27   PHE A C   1 
ATOM   208 O O   . PHE A 1 27  ? 2.916   -8.648  3.759   1.00 13.81 ? 27   PHE A O   1 
ATOM   209 C CB  . PHE A 1 27  ? 2.008   -5.908  5.457   1.00 15.74 ? 27   PHE A CB  1 
ATOM   210 C CG  . PHE A 1 27  ? 0.717   -6.761  5.434   1.00 21.94 ? 27   PHE A CG  1 
ATOM   211 C CD1 . PHE A 1 27  ? -0.248  -6.606  4.432   1.00 16.77 ? 27   PHE A CD1 1 
ATOM   212 C CD2 . PHE A 1 27  ? 0.467   -7.696  6.439   1.00 17.73 ? 27   PHE A CD2 1 
ATOM   213 C CE1 . PHE A 1 27  ? -1.408  -7.412  4.388   1.00 18.92 ? 27   PHE A CE1 1 
ATOM   214 C CE2 . PHE A 1 27  ? -0.709  -8.498  6.407   1.00 20.40 ? 27   PHE A CE2 1 
ATOM   215 C CZ  . PHE A 1 27  ? -1.634  -8.346  5.368   1.00 20.30 ? 27   PHE A CZ  1 
ATOM   216 N N   . ALA A 1 28  ? 3.711   -8.348  5.827   1.00 15.55 ? 28   ALA A N   1 
ATOM   217 C CA  . ALA A 1 28  ? 3.738   -9.775  6.149   1.00 15.07 ? 28   ALA A CA  1 
ATOM   218 C C   . ALA A 1 28  ? 3.112   -9.955  7.541   1.00 17.35 ? 28   ALA A C   1 
ATOM   219 O O   . ALA A 1 28  ? 3.245   -9.079  8.398   1.00 18.21 ? 28   ALA A O   1 
ATOM   220 C CB  . ALA A 1 28  ? 5.217   -10.345 6.075   1.00 16.43 ? 28   ALA A CB  1 
ATOM   221 N N   . GLN A 1 29  ? 2.496   -11.116 7.782   1.00 15.68 ? 29   GLN A N   1 
ATOM   222 C CA  . GLN A 1 29  ? 1.889   -11.351 9.107   1.00 18.94 ? 29   GLN A CA  1 
ATOM   223 C C   . GLN A 1 29  ? 2.930   -11.444 10.233  1.00 17.30 ? 29   GLN A C   1 
ATOM   224 O O   . GLN A 1 29  ? 2.669   -11.114 11.388  1.00 21.68 ? 29   GLN A O   1 
ATOM   225 C CB  . GLN A 1 29  ? 1.021   -12.615 9.095   1.00 21.72 ? 29   GLN A CB  1 
ATOM   226 C CG  . GLN A 1 29  ? 0.064   -12.706 7.923   1.00 28.65 ? 29   GLN A CG  1 
ATOM   227 C CD  . GLN A 1 29  ? -1.236  -12.032 8.212   1.00 40.20 ? 29   GLN A CD  1 
ATOM   228 O OE1 . GLN A 1 29  ? -1.413  -11.443 9.286   1.00 40.14 ? 29   GLN A OE1 1 
ATOM   229 N NE2 . GLN A 1 29  ? -2.166  -12.099 7.259   1.00 48.43 ? 29   GLN A NE2 1 
ATOM   230 N N   . TRP A 1 30  ? 4.153   -11.837 9.870   1.00 18.27 ? 30   TRP A N   1 
ATOM   231 C CA  . TRP A 1 30  ? 5.188   -12.118 10.838  1.00 22.98 ? 30   TRP A CA  1 
ATOM   232 C C   . TRP A 1 30  ? 6.063   -10.872 11.112  1.00 22.89 ? 30   TRP A C   1 
ATOM   233 O O   . TRP A 1 30  ? 7.016   -10.926 11.897  1.00 26.79 ? 30   TRP A O   1 
ATOM   234 C CB  . TRP A 1 30  ? 6.045   -13.298 10.342  1.00 24.43 ? 30   TRP A CB  1 
ATOM   235 C CG  . TRP A 1 30  ? 6.428   -13.196 8.920   1.00 22.93 ? 30   TRP A CG  1 
ATOM   236 C CD1 . TRP A 1 30  ? 5.826   -13.800 7.831   1.00 22.68 ? 30   TRP A CD1 1 
ATOM   237 C CD2 . TRP A 1 30  ? 7.478   -12.397 8.397   1.00 24.32 ? 30   TRP A CD2 1 
ATOM   238 N NE1 . TRP A 1 30  ? 6.456   -13.422 6.680   1.00 23.34 ? 30   TRP A NE1 1 
ATOM   239 C CE2 . TRP A 1 30  ? 7.465   -12.547 6.996   1.00 21.71 ? 30   TRP A CE2 1 
ATOM   240 C CE3 . TRP A 1 30  ? 8.438   -11.552 8.984   1.00 25.97 ? 30   TRP A CE3 1 
ATOM   241 C CZ2 . TRP A 1 30  ? 8.388   -11.916 6.180   1.00 29.69 ? 30   TRP A CZ2 1 
ATOM   242 C CZ3 . TRP A 1 30  ? 9.338   -10.916 8.157   1.00 25.73 ? 30   TRP A CZ3 1 
ATOM   243 C CH2 . TRP A 1 30  ? 9.307   -11.102 6.783   1.00 25.01 ? 30   TRP A CH2 1 
ATOM   244 N N   . CYS A 1 31  ? 5.728   -9.758  10.439  1.00 20.38 ? 31   CYS A N   1 
ATOM   245 C CA  A CYS A 1 31  ? 6.458   -8.502  10.500  0.50 19.02 ? 31   CYS A CA  1 
ATOM   246 C CA  B CYS A 1 31  ? 6.506   -8.525  10.572  0.50 21.57 ? 31   CYS A CA  1 
ATOM   247 C C   . CYS A 1 31  ? 5.949   -7.630  11.657  1.00 20.41 ? 31   CYS A C   1 
ATOM   248 O O   . CYS A 1 31  ? 4.808   -7.183  11.609  1.00 17.10 ? 31   CYS A O   1 
ATOM   249 C CB  A CYS A 1 31  ? 6.233   -7.820  9.148   0.50 16.77 ? 31   CYS A CB  1 
ATOM   250 C CB  B CYS A 1 31  ? 6.601   -7.762  9.255   0.50 23.33 ? 31   CYS A CB  1 
ATOM   251 S SG  A CYS A 1 31  ? 6.836   -6.138  8.977   0.50 15.94 ? 31   CYS A SG  1 
ATOM   252 S SG  B CYS A 1 31  ? 7.467   -6.152  9.465   0.50 26.33 ? 31   CYS A SG  1 
ATOM   253 N N   . GLY A 1 32  ? 6.739   -7.397  12.700  1.00 18.54 ? 32   GLY A N   1 
ATOM   254 C CA  . GLY A 1 32  ? 6.276   -6.609  13.842  1.00 20.05 ? 32   GLY A CA  1 
ATOM   255 C C   . GLY A 1 32  ? 5.933   -5.163  13.462  1.00 19.75 ? 32   GLY A C   1 
ATOM   256 O O   . GLY A 1 32  ? 4.838   -4.660  13.763  1.00 17.96 ? 32   GLY A O   1 
ATOM   257 N N   . PRO A 1 33  ? 6.806   -4.478  12.747  1.00 17.30 ? 33   PRO A N   1 
ATOM   258 C CA  . PRO A 1 33  ? 6.495   -3.119  12.252  1.00 18.94 ? 33   PRO A CA  1 
ATOM   259 C C   . PRO A 1 33  ? 5.221   -3.068  11.436  1.00 17.98 ? 33   PRO A C   1 
ATOM   260 O O   . PRO A 1 33  ? 4.478   -2.103  11.608  1.00 17.13 ? 33   PRO A O   1 
ATOM   261 C CB  . PRO A 1 33  ? 7.730   -2.726  11.413  1.00 18.45 ? 33   PRO A CB  1 
ATOM   262 C CG  . PRO A 1 33  ? 8.844   -3.520  12.035  1.00 19.23 ? 33   PRO A CG  1 
ATOM   263 C CD  . PRO A 1 33  ? 8.184   -4.877  12.387  1.00 15.61 ? 33   PRO A CD  1 
ATOM   264 N N   . CYS A 1 34  ? 4.932   -4.088  10.608  1.00 17.02 ? 34   CYS A N   1 
ATOM   265 C CA  A CYS A 1 34  ? 3.676   -4.121  9.851   0.50 17.96 ? 34   CYS A CA  1 
ATOM   266 C CA  B CYS A 1 34  ? 3.679   -4.098  9.849   0.50 18.44 ? 34   CYS A CA  1 
ATOM   267 C C   . CYS A 1 34  ? 2.491   -4.156  10.794  1.00 18.87 ? 34   CYS A C   1 
ATOM   268 O O   . CYS A 1 34  ? 1.482   -3.443  10.580  1.00 17.58 ? 34   CYS A O   1 
ATOM   269 C CB  A CYS A 1 34  ? 3.623   -5.336  8.945   0.50 16.63 ? 34   CYS A CB  1 
ATOM   270 C CB  B CYS A 1 34  ? 3.624   -5.257  8.859   0.50 17.26 ? 34   CYS A CB  1 
ATOM   271 S SG  A CYS A 1 34  ? 5.034   -5.494  7.840   0.50 15.30 ? 34   CYS A SG  1 
ATOM   272 S SG  B CYS A 1 34  ? 4.827   -5.173  7.491   0.50 19.72 ? 34   CYS A SG  1 
ATOM   273 N N   . ARG A 1 35  ? 2.565   -4.997  11.819  1.00 21.00 ? 35   ARG A N   1 
ATOM   274 C CA  . ARG A 1 35  ? 1.417   -5.133  12.726  1.00 24.35 ? 35   ARG A CA  1 
ATOM   275 C C   . ARG A 1 35  ? 1.256   -3.863  13.560  1.00 23.37 ? 35   ARG A C   1 
ATOM   276 O O   . ARG A 1 35  ? 0.117   -3.421  13.840  1.00 24.39 ? 35   ARG A O   1 
ATOM   277 C CB  . ARG A 1 35  ? 1.572   -6.359  13.642  1.00 23.31 ? 35   ARG A CB  1 
ATOM   278 C CG  . ARG A 1 35  ? 1.684   -7.720  12.935  1.00 27.97 ? 35   ARG A CG  1 
ATOM   279 C CD  . ARG A 1 35  ? 1.646   -8.888  13.938  1.00 30.45 ? 35   ARG A CD  1 
ATOM   280 N NE  . ARG A 1 35  ? 2.800   -8.815  14.835  1.00 36.65 ? 35   ARG A NE  1 
ATOM   281 C CZ  . ARG A 1 35  ? 3.917   -9.516  14.695  1.00 37.10 ? 35   ARG A CZ  1 
ATOM   282 N NH1 . ARG A 1 35  ? 4.045   -10.403 13.718  1.00 33.99 ? 35   ARG A NH1 1 
ATOM   283 N NH2 . ARG A 1 35  ? 4.908   -9.347  15.559  1.00 37.51 ? 35   ARG A NH2 1 
ATOM   284 N N   . ASN A 1 36  ? 2.388   -3.256  13.915  1.00 25.48 ? 36   ASN A N   1 
ATOM   285 C CA  . ASN A 1 36  ? 2.396   -1.991  14.656  1.00 28.11 ? 36   ASN A CA  1 
ATOM   286 C C   . ASN A 1 36  ? 1.761   -0.826  13.876  1.00 29.84 ? 36   ASN A C   1 
ATOM   287 O O   . ASN A 1 36  ? 0.961   -0.070  14.420  1.00 33.57 ? 36   ASN A O   1 
ATOM   288 C CB  . ASN A 1 36  ? 3.843   -1.608  15.062  1.00 30.51 ? 36   ASN A CB  1 
ATOM   289 C CG  . ASN A 1 36  ? 4.356   -2.369  16.284  1.00 44.35 ? 36   ASN A CG  1 
ATOM   290 O OD1 . ASN A 1 36  ? 5.560   -2.638  16.385  1.00 50.84 ? 36   ASN A OD1 1 
ATOM   291 N ND2 . ASN A 1 36  ? 3.461   -2.702  17.223  1.00 43.37 ? 36   ASN A ND2 1 
ATOM   292 N N   . ILE A 1 37  ? 2.099   -0.668  12.601  1.00 25.37 ? 37   ILE A N   1 
ATOM   293 C CA  . ILE A 1 37  ? 1.549   0.449   11.840  1.00 24.59 ? 37   ILE A CA  1 
ATOM   294 C C   . ILE A 1 37  ? 0.154   0.151   11.289  1.00 23.49 ? 37   ILE A C   1 
ATOM   295 O O   . ILE A 1 37  ? -0.570  1.064   10.843  1.00 25.32 ? 37   ILE A O   1 
ATOM   296 C CB  . ILE A 1 37  ? 2.522   0.931   10.744  1.00 22.09 ? 37   ILE A CB  1 
ATOM   297 C CG1 . ILE A 1 37  ? 2.143   2.346   10.280  1.00 29.57 ? 37   ILE A CG1 1 
ATOM   298 C CG2 . ILE A 1 37  ? 2.591   -0.044  9.570   1.00 24.22 ? 37   ILE A CG2 1 
ATOM   299 C CD1 . ILE A 1 37  ? 3.299   3.235   9.985   1.00 33.66 ? 37   ILE A CD1 1 
ATOM   300 N N   . ALA A 1 38  ? -0.240  -1.120  11.300  1.00 21.66 ? 38   ALA A N   1 
ATOM   301 C CA  . ALA A 1 38  ? -1.504  -1.478  10.683  1.00 22.47 ? 38   ALA A CA  1 
ATOM   302 C C   . ALA A 1 38  ? -2.720  -0.628  11.146  1.00 23.06 ? 38   ALA A C   1 
ATOM   303 O O   . ALA A 1 38  ? -3.455  -0.107  10.299  1.00 26.64 ? 38   ALA A O   1 
ATOM   304 C CB  . ALA A 1 38  ? -1.781  -2.913  10.860  1.00 23.67 ? 38   ALA A CB  1 
ATOM   305 N N   . PRO A 1 39  ? -2.914  -0.453  12.470  1.00 28.41 ? 39   PRO A N   1 
ATOM   306 C CA  . PRO A 1 39  ? -4.061  0.367   12.907  1.00 29.64 ? 39   PRO A CA  1 
ATOM   307 C C   . PRO A 1 39  ? -4.005  1.828   12.443  1.00 29.82 ? 39   PRO A C   1 
ATOM   308 O O   . PRO A 1 39  ? -5.055  2.454   12.225  1.00 32.24 ? 39   PRO A O   1 
ATOM   309 C CB  . PRO A 1 39  ? -3.972  0.319   14.441  1.00 28.31 ? 39   PRO A CB  1 
ATOM   310 C CG  . PRO A 1 39  ? -3.122  -0.848  14.765  1.00 29.74 ? 39   PRO A CG  1 
ATOM   311 C CD  . PRO A 1 39  ? -2.157  -0.975  13.621  1.00 23.63 ? 39   PRO A CD  1 
ATOM   312 N N   . LYS A 1 40  ? -2.795  2.367   12.306  1.00 28.12 ? 40   LYS A N   1 
ATOM   313 C CA  . LYS A 1 40  ? -2.582  3.703   11.786  1.00 25.35 ? 40   LYS A CA  1 
ATOM   314 C C   . LYS A 1 40  ? -3.052  3.838   10.339  1.00 27.61 ? 40   LYS A C   1 
ATOM   315 O O   . LYS A 1 40  ? -3.683  4.846   9.963   1.00 28.15 ? 40   LYS A O   1 
ATOM   316 C CB  . LYS A 1 40  ? -1.094  4.069   11.856  1.00 28.50 ? 40   LYS A CB  1 
ATOM   317 C CG  . LYS A 1 40  ? -0.631  4.680   13.136  1.00 32.62 ? 40   LYS A CG  1 
ATOM   318 C CD  . LYS A 1 40  ? -0.332  3.663   14.217  1.00 44.21 ? 40   LYS A CD  1 
ATOM   319 C CE  . LYS A 1 40  ? 0.670   4.213   15.237  1.00 48.44 ? 40   LYS A CE  1 
ATOM   320 N NZ  . LYS A 1 40  ? 0.320   5.564   15.785  1.00 46.75 ? 40   LYS A NZ  1 
ATOM   321 N N   . VAL A 1 41  ? -2.738  2.820   9.526   1.00 23.83 ? 41   VAL A N   1 
ATOM   322 C CA  . VAL A 1 41  ? -3.141  2.852   8.133   1.00 22.43 ? 41   VAL A CA  1 
ATOM   323 C C   . VAL A 1 41  ? -4.672  2.759   8.078   1.00 23.73 ? 41   VAL A C   1 
ATOM   324 O O   . VAL A 1 41  ? -5.296  3.455   7.284   1.00 28.34 ? 41   VAL A O   1 
ATOM   325 C CB  . VAL A 1 41  ? -2.497  1.728   7.275   1.00 21.84 ? 41   VAL A CB  1 
ATOM   326 C CG1 . VAL A 1 41  ? -2.751  1.976   5.816   1.00 25.10 ? 41   VAL A CG1 1 
ATOM   327 C CG2 . VAL A 1 41  ? -0.967  1.657   7.518   1.00 23.52 ? 41   VAL A CG2 1 
ATOM   328 N N   . GLU A 1 42  ? -5.260  1.898   8.910   1.00 27.01 ? 42   GLU A N   1 
ATOM   329 C CA  . GLU A 1 42  ? -6.728  1.765   8.974   1.00 31.37 ? 42   GLU A CA  1 
ATOM   330 C C   . GLU A 1 42  ? -7.397  3.087   9.345   1.00 30.18 ? 42   GLU A C   1 
ATOM   331 O O   . GLU A 1 42  ? -8.406  3.466   8.746   1.00 30.43 ? 42   GLU A O   1 
ATOM   332 C CB  . GLU A 1 42  ? -7.143  0.688   9.968   1.00 27.65 ? 42   GLU A CB  1 
ATOM   333 C CG  . GLU A 1 42  ? -6.741  -0.748  9.601   1.00 39.25 ? 42   GLU A CG  1 
ATOM   334 C CD  . GLU A 1 42  ? -7.056  -1.763  10.718  1.00 43.76 ? 42   GLU A CD  1 
ATOM   335 O OE1 . GLU A 1 42  ? -6.234  -2.679  10.960  1.00 52.92 ? 42   GLU A OE1 1 
ATOM   336 O OE2 . GLU A 1 42  ? -8.127  -1.634  11.366  1.00 59.12 ? 42   GLU A OE2 1 
ATOM   337 N N   . ALA A 1 43  ? -6.815  3.798   10.309  1.00 32.46 ? 43   ALA A N   1 
ATOM   338 C CA  . ALA A 1 43  ? -7.336  5.087   10.763  1.00 32.61 ? 43   ALA A CA  1 
ATOM   339 C C   . ALA A 1 43  ? -7.252  6.126   9.652   1.00 34.20 ? 43   ALA A C   1 
ATOM   340 O O   . ALA A 1 43  ? -8.200  6.889   9.426   1.00 33.23 ? 43   ALA A O   1 
ATOM   341 C CB  . ALA A 1 43  ? -6.578  5.558   11.988  1.00 33.83 ? 43   ALA A CB  1 
ATOM   342 N N   . LEU A 1 44  ? -6.107  6.158   8.962   1.00 30.34 ? 44   LEU A N   1 
ATOM   343 C CA  . LEU A 1 44  ? -5.935  7.009   7.790   1.00 29.58 ? 44   LEU A CA  1 
ATOM   344 C C   . LEU A 1 44  ? -6.967  6.708   6.725   1.00 25.53 ? 44   LEU A C   1 
ATOM   345 O O   . LEU A 1 44  ? -7.454  7.619   6.082   1.00 28.78 ? 44   LEU A O   1 
ATOM   346 C CB  . LEU A 1 44  ? -4.523  6.853   7.204   1.00 28.94 ? 44   LEU A CB  1 
ATOM   347 C CG  . LEU A 1 44  ? -3.451  7.676   7.893   1.00 29.35 ? 44   LEU A CG  1 
ATOM   348 C CD1 . LEU A 1 44  ? -2.010  7.195   7.618   1.00 27.14 ? 44   LEU A CD1 1 
ATOM   349 C CD2 . LEU A 1 44  ? -3.590  9.145   7.504   1.00 31.96 ? 44   LEU A CD2 1 
ATOM   350 N N   . ALA A 1 45  ? -7.262  5.435   6.500   1.00 22.74 ? 45   ALA A N   1 
ATOM   351 C CA  . ALA A 1 45  ? -8.255  5.071   5.481   1.00 25.03 ? 45   ALA A CA  1 
ATOM   352 C C   . ALA A 1 45  ? -9.593  5.769   5.787   1.00 29.88 ? 45   ALA A C   1 
ATOM   353 O O   . ALA A 1 45  ? -10.248 6.254   4.874   1.00 30.23 ? 45   ALA A O   1 
ATOM   354 C CB  . ALA A 1 45  ? -8.421  3.565   5.386   1.00 25.72 ? 45   ALA A CB  1 
ATOM   355 N N   . LYS A 1 46  ? -9.948  5.855   7.071   1.00 30.50 ? 46   LYS A N   1 
ATOM   356 C CA  . LYS A 1 46  ? -11.191 6.509   7.482   1.00 33.22 ? 46   LYS A CA  1 
ATOM   357 C C   . LYS A 1 46  ? -11.092 8.033   7.440   1.00 31.90 ? 46   LYS A C   1 
ATOM   358 O O   . LYS A 1 46  ? -12.058 8.722   7.135   1.00 32.46 ? 46   LYS A O   1 
ATOM   359 C CB  . LYS A 1 46  ? -11.609 6.030   8.881   1.00 35.16 ? 46   LYS A CB  1 
ATOM   360 C CG  . LYS A 1 46  ? -11.887 4.522   8.966   1.00 36.10 ? 46   LYS A CG  1 
ATOM   361 C CD  . LYS A 1 46  ? -12.495 4.112   10.312  1.00 39.38 ? 46   LYS A CD  1 
ATOM   362 C CE  . LYS A 1 46  ? -11.445 4.026   11.414  1.00 48.59 ? 46   LYS A CE  1 
ATOM   363 N NZ  . LYS A 1 46  ? -12.067 3.900   12.776  1.00 53.33 ? 46   LYS A NZ  1 
ATOM   364 N N   . GLU A 1 47  ? -9.920  8.558   7.763   1.00 27.93 ? 47   GLU A N   1 
ATOM   365 C CA  . GLU A 1 47  ? -9.660  9.992   7.751   1.00 25.60 ? 47   GLU A CA  1 
ATOM   366 C C   . GLU A 1 47  ? -9.652  10.567  6.339   1.00 31.25 ? 47   GLU A C   1 
ATOM   367 O O   . GLU A 1 47  ? -9.856  11.776  6.149   1.00 31.55 ? 47   GLU A O   1 
ATOM   368 C CB  . GLU A 1 47  ? -8.301  10.232  8.395   1.00 31.31 ? 47   GLU A CB  1 
ATOM   369 C CG  . GLU A 1 47  ? -8.004  11.665  8.781   1.00 35.30 ? 47   GLU A CG  1 
ATOM   370 C CD  . GLU A 1 47  ? -6.695  11.789  9.531   1.00 40.44 ? 47   GLU A CD  1 
ATOM   371 O OE1 . GLU A 1 47  ? -6.498  11.066  10.540  1.00 46.05 ? 47   GLU A OE1 1 
ATOM   372 O OE2 . GLU A 1 47  ? -5.861  12.615  9.107   1.00 44.31 ? 47   GLU A OE2 1 
ATOM   373 N N   . ILE A 1 48  ? -9.363  9.720   5.341   1.00 28.01 ? 48   ILE A N   1 
ATOM   374 C CA  . ILE A 1 48  ? -9.118  10.203  3.981   1.00 27.42 ? 48   ILE A CA  1 
ATOM   375 C C   . ILE A 1 48  ? -9.865  9.308   3.002   1.00 29.58 ? 48   ILE A C   1 
ATOM   376 O O   . ILE A 1 48  ? -9.269  8.466   2.338   1.00 33.03 ? 48   ILE A O   1 
ATOM   377 C CB  . ILE A 1 48  ? -7.569  10.291  3.691   1.00 25.53 ? 48   ILE A CB  1 
ATOM   378 C CG1 . ILE A 1 48  ? -6.857  11.027  4.826   1.00 30.11 ? 48   ILE A CG1 1 
ATOM   379 C CG2 . ILE A 1 48  ? -7.275  10.944  2.338   1.00 27.09 ? 48   ILE A CG2 1 
ATOM   380 C CD1 . ILE A 1 48  ? -5.340  11.000  4.716   1.00 32.35 ? 48   ILE A CD1 1 
ATOM   381 N N   . PRO A 1 49  ? -11.216 9.435   2.950   1.00 32.61 ? 49   PRO A N   1 
ATOM   382 C CA  . PRO A 1 49  ? -11.983 8.552   2.052   1.00 29.83 ? 49   PRO A CA  1 
ATOM   383 C C   . PRO A 1 49  ? -11.782 8.814   0.552   1.00 29.61 ? 49   PRO A C   1 
ATOM   384 O O   . PRO A 1 49  ? -12.235 8.008   -0.272  1.00 31.30 ? 49   PRO A O   1 
ATOM   385 C CB  . PRO A 1 49  ? -13.448 8.806   2.467   1.00 34.03 ? 49   PRO A CB  1 
ATOM   386 C CG  . PRO A 1 49  ? -13.444 10.159  3.073   1.00 36.48 ? 49   PRO A CG  1 
ATOM   387 C CD  . PRO A 1 49  ? -12.102 10.324  3.733   1.00 35.81 ? 49   PRO A CD  1 
ATOM   388 N N   . GLU A 1 50  ? -11.105 9.913   0.220   1.00 30.90 ? 50   GLU A N   1 
ATOM   389 C CA  A GLU A 1 50  ? -10.829 10.282  -1.166  0.50 31.89 ? 50   GLU A CA  1 
ATOM   390 C CA  B GLU A 1 50  ? -10.805 10.303  -1.155  0.50 30.86 ? 50   GLU A CA  1 
ATOM   391 C C   . GLU A 1 50  ? -9.669  9.472   -1.746  1.00 30.22 ? 50   GLU A C   1 
ATOM   392 O O   . GLU A 1 50  ? -9.364  9.580   -2.946  1.00 31.91 ? 50   GLU A O   1 
ATOM   393 C CB  A GLU A 1 50  ? -10.487 11.776  -1.265  0.50 34.76 ? 50   GLU A CB  1 
ATOM   394 C CB  B GLU A 1 50  ? -10.392 11.783  -1.214  0.50 31.92 ? 50   GLU A CB  1 
ATOM   395 C CG  A GLU A 1 50  ? -10.933 12.433  -2.574  0.50 39.39 ? 50   GLU A CG  1 
ATOM   396 C CG  B GLU A 1 50  ? -10.974 12.668  -0.120  0.50 33.91 ? 50   GLU A CG  1 
ATOM   397 C CD  A GLU A 1 50  ? -9.841  13.249  -3.259  0.50 44.01 ? 50   GLU A CD  1 
ATOM   398 C CD  B GLU A 1 50  ? -9.988  12.957  0.994   0.50 18.21 ? 50   GLU A CD  1 
ATOM   399 O OE1 A GLU A 1 50  ? -10.089 13.717  -4.390  0.50 46.79 ? 50   GLU A OE1 1 
ATOM   400 O OE1 B GLU A 1 50  ? -9.013  13.717  0.773   0.50 26.90 ? 50   GLU A OE1 1 
ATOM   401 O OE2 A GLU A 1 50  ? -8.737  13.414  -2.689  0.50 41.43 ? 50   GLU A OE2 1 
ATOM   402 O OE2 B GLU A 1 50  ? -10.199 12.445  2.100   0.50 27.88 ? 50   GLU A OE2 1 
ATOM   403 N N   . VAL A 1 51  ? -9.011  8.686   -0.896  1.00 25.15 ? 51   VAL A N   1 
ATOM   404 C CA  . VAL A 1 51  ? -7.856  7.876   -1.309  1.00 25.81 ? 51   VAL A CA  1 
ATOM   405 C C   . VAL A 1 51  ? -8.253  6.420   -1.069  1.00 22.47 ? 51   VAL A C   1 
ATOM   406 O O   . VAL A 1 51  ? -8.901  6.096   -0.062  1.00 23.82 ? 51   VAL A O   1 
ATOM   407 C CB  . VAL A 1 51  ? -6.615  8.270   -0.458  1.00 26.50 ? 51   VAL A CB  1 
ATOM   408 C CG1 . VAL A 1 51  ? -5.498  7.280   -0.595  1.00 21.79 ? 51   VAL A CG1 1 
ATOM   409 C CG2 . VAL A 1 51  ? -6.090  9.686   -0.797  1.00 21.26 ? 51   VAL A CG2 1 
ATOM   410 N N   . GLU A 1 52  ? -7.885  5.549   -2.001  1.00 21.42 ? 52   GLU A N   1 
ATOM   411 C CA  . GLU A 1 52  ? -8.106  4.124   -1.861  1.00 21.18 ? 52   GLU A CA  1 
ATOM   412 C C   . GLU A 1 52  ? -6.909  3.433   -1.182  1.00 20.71 ? 52   GLU A C   1 
ATOM   413 O O   . GLU A 1 52  ? -5.741  3.607   -1.595  1.00 23.57 ? 52   GLU A O   1 
ATOM   414 C CB  . GLU A 1 52  ? -8.357  3.474   -3.229  1.00 23.26 ? 52   GLU A CB  1 
ATOM   415 C CG  . GLU A 1 52  ? -9.666  3.854   -3.885  1.00 35.41 ? 52   GLU A CG  1 
ATOM   416 C CD  . GLU A 1 52  ? -10.898 3.392   -3.112  1.00 45.40 ? 52   GLU A CD  1 
ATOM   417 O OE1 . GLU A 1 52  ? -10.902 2.254   -2.573  1.00 49.46 ? 52   GLU A OE1 1 
ATOM   418 O OE2 . GLU A 1 52  ? -11.873 4.179   -3.064  1.00 52.89 ? 52   GLU A OE2 1 
ATOM   419 N N   . PHE A 1 53  ? -7.190  2.674   -0.119  1.00 17.76 ? 53   PHE A N   1 
ATOM   420 C CA  . PHE A 1 53  ? -6.170  1.954   0.633   1.00 19.20 ? 53   PHE A CA  1 
ATOM   421 C C   . PHE A 1 53  ? -6.368  0.485   0.405   1.00 19.72 ? 53   PHE A C   1 
ATOM   422 O O   . PHE A 1 53  ? -7.495  -0.032  0.474   1.00 20.22 ? 53   PHE A O   1 
ATOM   423 C CB  . PHE A 1 53  ? -6.265  2.282   2.118   1.00 19.24 ? 53   PHE A CB  1 
ATOM   424 C CG  . PHE A 1 53  ? -5.837  3.684   2.459   1.00 19.70 ? 53   PHE A CG  1 
ATOM   425 C CD1 . PHE A 1 53  ? -6.710  4.768   2.296   1.00 23.09 ? 53   PHE A CD1 1 
ATOM   426 C CD2 . PHE A 1 53  ? -4.544  3.940   2.918   1.00 20.65 ? 53   PHE A CD2 1 
ATOM   427 C CE1 . PHE A 1 53  ? -6.312  6.096   2.630   1.00 19.04 ? 53   PHE A CE1 1 
ATOM   428 C CE2 . PHE A 1 53  ? -4.151  5.261   3.254   1.00 20.23 ? 53   PHE A CE2 1 
ATOM   429 C CZ  . PHE A 1 53  ? -5.008  6.326   3.076   1.00 22.79 ? 53   PHE A CZ  1 
ATOM   430 N N   . ALA A 1 54  ? -5.278  -0.208  0.111   1.00 16.49 ? 54   ALA A N   1 
ATOM   431 C CA  . ALA A 1 54  ? -5.291  -1.637  -0.099  1.00 19.20 ? 54   ALA A CA  1 
ATOM   432 C C   . ALA A 1 54  ? -4.115  -2.320  0.602   1.00 17.99 ? 54   ALA A C   1 
ATOM   433 O O   . ALA A 1 54  ? -3.076  -1.685  0.929   1.00 18.76 ? 54   ALA A O   1 
ATOM   434 C CB  . ALA A 1 54  ? -5.263  -1.960  -1.557  1.00 17.75 ? 54   ALA A CB  1 
ATOM   435 N N   . LYS A 1 55  ? -4.270  -3.615  0.839   1.00 17.30 ? 55   LYS A N   1 
ATOM   436 C CA  . LYS A 1 55  ? -3.168  -4.364  1.451   1.00 19.09 ? 55   LYS A CA  1 
ATOM   437 C C   . LYS A 1 55  ? -2.811  -5.613  0.684   1.00 18.52 ? 55   LYS A C   1 
ATOM   438 O O   . LYS A 1 55  ? -3.657  -6.284  0.128   1.00 21.04 ? 55   LYS A O   1 
ATOM   439 C CB  . LYS A 1 55  ? -3.366  -4.659  2.937   1.00 19.71 ? 55   LYS A CB  1 
ATOM   440 C CG  . LYS A 1 55  ? -4.671  -5.326  3.296   1.00 28.35 ? 55   LYS A CG  1 
ATOM   441 C CD  . LYS A 1 55  ? -4.887  -5.302  4.796   1.00 34.44 ? 55   LYS A CD  1 
ATOM   442 C CE  . LYS A 1 55  ? -6.061  -6.202  5.137   1.00 38.67 ? 55   LYS A CE  1 
ATOM   443 N NZ  . LYS A 1 55  ? -6.203  -6.412  6.598   1.00 48.38 ? 55   LYS A NZ  1 
ATOM   444 N N   . VAL A 1 56  ? -1.505  -5.901  0.593   1.00 16.26 ? 56   VAL A N   1 
ATOM   445 C CA  . VAL A 1 56  ? -1.048  -7.118  -0.035  1.00 17.02 ? 56   VAL A CA  1 
ATOM   446 C C   . VAL A 1 56  ? -0.199  -7.895  1.012   1.00 15.65 ? 56   VAL A C   1 
ATOM   447 O O   . VAL A 1 56  ? 0.808   -7.374  1.529   1.00 16.70 ? 56   VAL A O   1 
ATOM   448 C CB  . VAL A 1 56  ? -0.157  -6.798  -1.233  1.00 15.50 ? 56   VAL A CB  1 
ATOM   449 C CG1 . VAL A 1 56  ? 0.602   -8.039  -1.720  1.00 16.81 ? 56   VAL A CG1 1 
ATOM   450 C CG2 . VAL A 1 56  ? -0.995  -6.139  -2.367  1.00 18.30 ? 56   VAL A CG2 1 
ATOM   451 N N   . ASP A 1 57  ? -0.644  -9.101  1.388   1.00 14.20 ? 57   ASP A N   1 
ATOM   452 C CA  . ASP A 1 57  ? 0.181   -9.986  2.211   1.00 15.25 ? 57   ASP A CA  1 
ATOM   453 C C   . ASP A 1 57  ? 1.141   -10.627 1.243   1.00 16.82 ? 57   ASP A C   1 
ATOM   454 O O   . ASP A 1 57  ? 0.734   -11.460 0.407   1.00 18.50 ? 57   ASP A O   1 
ATOM   455 C CB  . ASP A 1 57  ? -0.728  -11.061 2.854   1.00 15.88 ? 57   ASP A CB  1 
ATOM   456 C CG  . ASP A 1 57  ? 0.037   -12.113 3.644   1.00 15.65 ? 57   ASP A CG  1 
ATOM   457 O OD1 . ASP A 1 57  ? 1.268   -12.336 3.442   1.00 19.25 ? 57   ASP A OD1 1 
ATOM   458 O OD2 . ASP A 1 57  ? -0.625  -12.718 4.506   1.00 23.18 ? 57   ASP A OD2 1 
ATOM   459 N N   . VAL A 1 58  ? 2.426   -10.252 1.376   1.00 14.19 ? 58   VAL A N   1 
ATOM   460 C CA  . VAL A 1 58  ? 3.466   -10.701 0.447   1.00 16.08 ? 58   VAL A CA  1 
ATOM   461 C C   . VAL A 1 58  ? 3.723   -12.208 0.401   1.00 16.17 ? 58   VAL A C   1 
ATOM   462 O O   . VAL A 1 58  ? 4.261   -12.699 -0.595  1.00 19.30 ? 58   VAL A O   1 
ATOM   463 C CB  . VAL A 1 58  ? 4.801   -9.958  0.643   1.00 17.77 ? 58   VAL A CB  1 
ATOM   464 C CG1 . VAL A 1 58  ? 4.554   -8.451  0.548   1.00 15.44 ? 58   VAL A CG1 1 
ATOM   465 C CG2 . VAL A 1 58  ? 5.462   -10.320 1.986   1.00 17.62 ? 58   VAL A CG2 1 
ATOM   466 N N   . ASP A 1 59  ? 3.322   -12.923 1.464   1.00 15.87 ? 59   ASP A N   1 
ATOM   467 C CA  . ASP A 1 59  ? 3.473   -14.374 1.465   1.00 17.14 ? 59   ASP A CA  1 
ATOM   468 C C   . ASP A 1 59  ? 2.328   -15.048 0.731   1.00 18.53 ? 59   ASP A C   1 
ATOM   469 O O   . ASP A 1 59  ? 2.471   -16.144 0.208   1.00 21.69 ? 59   ASP A O   1 
ATOM   470 C CB  . ASP A 1 59  ? 3.564   -14.921 2.872   1.00 16.45 ? 59   ASP A CB  1 
ATOM   471 C CG  . ASP A 1 59  ? 4.765   -14.458 3.583   1.00 24.66 ? 59   ASP A CG  1 
ATOM   472 O OD1 . ASP A 1 59  ? 5.783   -14.236 2.908   1.00 29.02 ? 59   ASP A OD1 1 
ATOM   473 O OD2 . ASP A 1 59  ? 4.683   -14.323 4.811   1.00 32.49 ? 59   ASP A OD2 1 
ATOM   474 N N   . GLN A 1 60  ? 1.172   -14.410 0.744   1.00 16.77 ? 60   GLN A N   1 
ATOM   475 C CA  . GLN A 1 60  ? 0.014   -14.954 0.072   1.00 17.65 ? 60   GLN A CA  1 
ATOM   476 C C   . GLN A 1 60  ? -0.044  -14.565 -1.412  1.00 16.55 ? 60   GLN A C   1 
ATOM   477 O O   . GLN A 1 60  ? -0.309  -15.387 -2.287  1.00 18.41 ? 60   GLN A O   1 
ATOM   478 C CB  . GLN A 1 60  ? -1.256  -14.492 0.786   1.00 18.54 ? 60   GLN A CB  1 
ATOM   479 C CG  . GLN A 1 60  ? -2.592  -14.991 0.140   1.00 20.45 ? 60   GLN A CG  1 
ATOM   480 C CD  . GLN A 1 60  ? -3.098  -14.061 -0.936  1.00 23.12 ? 60   GLN A CD  1 
ATOM   481 O OE1 . GLN A 1 60  ? -3.326  -12.891 -0.677  1.00 22.42 ? 60   GLN A OE1 1 
ATOM   482 N NE2 . GLN A 1 60  ? -3.235  -14.564 -2.156  1.00 26.83 ? 60   GLN A NE2 1 
ATOM   483 N N   . ASN A 1 61  ? 0.164   -13.271 -1.662  1.00 15.66 ? 61   ASN A N   1 
ATOM   484 C CA  . ASN A 1 61  ? 0.214   -12.701 -2.991  1.00 15.88 ? 61   ASN A CA  1 
ATOM   485 C C   . ASN A 1 61  ? 1.660   -12.402 -3.373  1.00 17.80 ? 61   ASN A C   1 
ATOM   486 O O   . ASN A 1 61  ? 2.106   -11.230 -3.412  1.00 17.86 ? 61   ASN A O   1 
ATOM   487 C CB  . ASN A 1 61  ? -0.616  -11.409 -2.989  1.00 18.85 ? 61   ASN A CB  1 
ATOM   488 C CG  . ASN A 1 61  ? -0.910  -10.866 -4.403  1.00 18.50 ? 61   ASN A CG  1 
ATOM   489 O OD1 . ASN A 1 61  ? -0.312  -11.309 -5.403  1.00 19.71 ? 61   ASN A OD1 1 
ATOM   490 N ND2 . ASN A 1 61  ? -1.816  -9.890  -4.477  1.00 19.55 ? 61   ASN A ND2 1 
ATOM   491 N N   . GLU A 1 62  ? 2.411   -13.478 -3.594  1.00 18.27 ? 62   GLU A N   1 
ATOM   492 C CA  A GLU A 1 62  ? 3.821   -13.331 -3.924  0.50 17.97 ? 62   GLU A CA  1 
ATOM   493 C CA  B GLU A 1 62  ? 3.825   -13.351 -3.938  0.50 18.27 ? 62   GLU A CA  1 
ATOM   494 C C   . GLU A 1 62  ? 3.973   -12.667 -5.291  1.00 18.97 ? 62   GLU A C   1 
ATOM   495 O O   . GLU A 1 62  ? 4.956   -11.945 -5.536  1.00 16.53 ? 62   GLU A O   1 
ATOM   496 C CB  A GLU A 1 62  ? 4.556   -14.680 -3.879  0.50 19.80 ? 62   GLU A CB  1 
ATOM   497 C CB  B GLU A 1 62  ? 4.519   -14.724 -3.932  0.50 19.76 ? 62   GLU A CB  1 
ATOM   498 C CG  A GLU A 1 62  ? 6.021   -14.525 -3.527  0.50 24.23 ? 62   GLU A CG  1 
ATOM   499 C CG  B GLU A 1 62  ? 4.532   -15.367 -2.558  0.50 17.39 ? 62   GLU A CG  1 
ATOM   500 C CD  A GLU A 1 62  ? 6.828   -15.806 -3.607  0.50 22.35 ? 62   GLU A CD  1 
ATOM   501 C CD  B GLU A 1 62  ? 5.326   -16.653 -2.489  0.50 26.59 ? 62   GLU A CD  1 
ATOM   502 O OE1 A GLU A 1 62  ? 6.272   -16.902 -3.399  0.50 27.78 ? 62   GLU A OE1 1 
ATOM   503 O OE1 B GLU A 1 62  ? 4.795   -17.704 -2.886  0.50 23.37 ? 62   GLU A OE1 1 
ATOM   504 O OE2 A GLU A 1 62  ? 8.040   -15.712 -3.893  0.50 23.64 ? 62   GLU A OE2 1 
ATOM   505 O OE2 B GLU A 1 62  ? 6.486   -16.608 -2.026  0.50 29.94 ? 62   GLU A OE2 1 
ATOM   506 N N   . GLU A 1 63  ? 3.011   -12.885 -6.180  1.00 16.48 ? 63   GLU A N   1 
ATOM   507 C CA  . GLU A 1 63  ? 3.092   -12.299 -7.532  1.00 13.95 ? 63   GLU A CA  1 
ATOM   508 C C   . GLU A 1 63  ? 3.109   -10.783 -7.491  1.00 15.19 ? 63   GLU A C   1 
ATOM   509 O O   . GLU A 1 63  ? 3.852   -10.133 -8.175  1.00 17.63 ? 63   GLU A O   1 
ATOM   510 C CB  . GLU A 1 63  ? 1.921   -12.773 -8.385  1.00 17.63 ? 63   GLU A CB  1 
ATOM   511 C CG  . GLU A 1 63  ? 1.937   -12.278 -9.794  1.00 20.76 ? 63   GLU A CG  1 
ATOM   512 C CD  . GLU A 1 63  ? 0.654   -12.624 -10.529 1.00 29.90 ? 63   GLU A CD  1 
ATOM   513 O OE1 . GLU A 1 63  ? -0.362  -12.901 -9.855  1.00 27.15 ? 63   GLU A OE1 1 
ATOM   514 O OE2 . GLU A 1 63  ? 0.670   -12.577 -11.775 1.00 29.60 ? 63   GLU A OE2 1 
ATOM   515 N N   . ALA A 1 64  ? 2.234   -10.182 -6.700  1.00 15.68 ? 64   ALA A N   1 
ATOM   516 C CA  . ALA A 1 64  ? 2.195   -8.708  -6.669  1.00 17.38 ? 64   ALA A CA  1 
ATOM   517 C C   . ALA A 1 64  ? 3.456   -8.164  -6.044  1.00 17.74 ? 64   ALA A C   1 
ATOM   518 O O   . ALA A 1 64  ? 4.017   -7.146  -6.528  1.00 15.85 ? 64   ALA A O   1 
ATOM   519 C CB  . ALA A 1 64  ? 0.957   -8.256  -5.903  1.00 15.13 ? 64   ALA A CB  1 
ATOM   520 N N   . ALA A 1 65  ? 3.937   -8.827  -5.002  1.00 14.40 ? 65   ALA A N   1 
ATOM   521 C CA  . ALA A 1 65  ? 5.089   -8.339  -4.308  1.00 13.85 ? 65   ALA A CA  1 
ATOM   522 C C   . ALA A 1 65  ? 6.242   -8.376  -5.295  1.00 15.06 ? 65   ALA A C   1 
ATOM   523 O O   . ALA A 1 65  ? 7.041   -7.426  -5.343  1.00 17.30 ? 65   ALA A O   1 
ATOM   524 C CB  . ALA A 1 65  ? 5.399   -9.175  -3.153  1.00 14.75 ? 65   ALA A CB  1 
ATOM   525 N N   . ALA A 1 66  ? 6.354   -9.446  -6.081  1.00 15.32 ? 66   ALA A N   1 
ATOM   526 C CA  . ALA A 1 66  ? 7.436   -9.575  -7.071  1.00 15.17 ? 66   ALA A CA  1 
ATOM   527 C C   . ALA A 1 66  ? 7.324   -8.523  -8.158  1.00 14.52 ? 66   ALA A C   1 
ATOM   528 O O   . ALA A 1 66  ? 8.304   -7.925  -8.575  1.00 19.41 ? 66   ALA A O   1 
ATOM   529 C CB  . ALA A 1 66  ? 7.339   -10.980 -7.684  1.00 16.60 ? 66   ALA A CB  1 
ATOM   530 N N   . LYS A 1 67  ? 6.084   -8.296  -8.617  1.00 14.79 ? 67   LYS A N   1 
ATOM   531 C CA  . LYS A 1 67  ? 5.843   -7.366  -9.718  1.00 16.96 ? 67   LYS A CA  1 
ATOM   532 C C   . LYS A 1 67  ? 6.185   -5.939  -9.327  1.00 15.59 ? 67   LYS A C   1 
ATOM   533 O O   . LYS A 1 67  ? 6.545   -5.116  -10.203 1.00 16.44 ? 67   LYS A O   1 
ATOM   534 C CB  . LYS A 1 67  ? 4.406   -7.485  -10.233 1.00 18.86 ? 67   LYS A CB  1 
ATOM   535 C CG  . LYS A 1 67  ? 4.288   -8.834  -10.972 1.00 26.41 ? 67   LYS A CG  1 
ATOM   536 C CD  . LYS A 1 67  ? 3.032   -9.061  -11.758 1.00 30.07 ? 67   LYS A CD  1 
ATOM   537 C CE  . LYS A 1 67  ? 3.238   -10.345 -12.562 1.00 30.56 ? 67   LYS A CE  1 
ATOM   538 N NZ  . LYS A 1 67  ? 1.975   -10.874 -13.110 1.00 37.11 ? 67   LYS A NZ  1 
ATOM   539 N N   . TYR A 1 68  ? 6.152   -5.659  -8.031  1.00 13.93 ? 68   TYR A N   1 
ATOM   540 C CA  . TYR A 1 68  ? 6.535   -4.341  -7.508  1.00 15.27 ? 68   TYR A CA  1 
ATOM   541 C C   . TYR A 1 68  ? 7.907   -4.262  -6.806  1.00 15.66 ? 68   TYR A C   1 
ATOM   542 O O   . TYR A 1 68  ? 8.308   -3.212  -6.229  1.00 15.58 ? 68   TYR A O   1 
ATOM   543 C CB  . TYR A 1 68  ? 5.412   -3.801  -6.625  1.00 15.79 ? 68   TYR A CB  1 
ATOM   544 C CG  . TYR A 1 68  ? 4.307   -3.299  -7.470  1.00 17.11 ? 68   TYR A CG  1 
ATOM   545 C CD1 . TYR A 1 68  ? 4.247   -1.971  -7.835  1.00 16.83 ? 68   TYR A CD1 1 
ATOM   546 C CD2 . TYR A 1 68  ? 3.344   -4.157  -7.969  1.00 18.27 ? 68   TYR A CD2 1 
ATOM   547 C CE1 . TYR A 1 68  ? 3.258   -1.498  -8.684  1.00 17.62 ? 68   TYR A CE1 1 
ATOM   548 C CE2 . TYR A 1 68  ? 2.305   -3.679  -8.802  1.00 21.76 ? 68   TYR A CE2 1 
ATOM   549 C CZ  . TYR A 1 68  ? 2.270   -2.347  -9.136  1.00 25.97 ? 68   TYR A CZ  1 
ATOM   550 O OH  . TYR A 1 68  ? 1.263   -1.848  -9.959  1.00 25.02 ? 68   TYR A OH  1 
ATOM   551 N N   . SER A 1 69  ? 8.691   -5.333  -6.966  1.00 15.18 ? 69   SER A N   1 
ATOM   552 C CA  A SER A 1 69  ? 10.053  -5.390  -6.445  0.50 16.24 ? 69   SER A CA  1 
ATOM   553 C CA  B SER A 1 69  ? 10.048  -5.402  -6.407  0.50 16.16 ? 69   SER A CA  1 
ATOM   554 C C   . SER A 1 69  ? 10.047  -5.087  -4.929  1.00 18.72 ? 69   SER A C   1 
ATOM   555 O O   . SER A 1 69  ? 10.891  -4.333  -4.413  1.00 17.17 ? 69   SER A O   1 
ATOM   556 C CB  A SER A 1 69  ? 10.914  -4.387  -7.224  0.50 15.42 ? 69   SER A CB  1 
ATOM   557 C CB  B SER A 1 69  ? 10.964  -4.403  -7.087  0.50 15.87 ? 69   SER A CB  1 
ATOM   558 O OG  A SER A 1 69  ? 12.282  -4.762  -7.333  0.50 17.35 ? 69   SER A OG  1 
ATOM   559 O OG  B SER A 1 69  ? 11.193  -4.771  -8.411  0.50 15.24 ? 69   SER A OG  1 
ATOM   560 N N   . VAL A 1 70  ? 9.094   -5.665  -4.213  1.00 14.12 ? 70   VAL A N   1 
ATOM   561 C CA  . VAL A 1 70  ? 8.926   -5.384  -2.793  1.00 12.73 ? 70   VAL A CA  1 
ATOM   562 C C   . VAL A 1 70  ? 9.738   -6.379  -2.036  1.00 12.76 ? 70   VAL A C   1 
ATOM   563 O O   . VAL A 1 70  ? 9.546   -7.576  -2.172  1.00 14.69 ? 70   VAL A O   1 
ATOM   564 C CB  . VAL A 1 70  ? 7.408   -5.420  -2.350  1.00 16.06 ? 70   VAL A CB  1 
ATOM   565 C CG1 . VAL A 1 70  ? 7.276   -5.459  -0.812  1.00 15.88 ? 70   VAL A CG1 1 
ATOM   566 C CG2 . VAL A 1 70  ? 6.676   -4.219  -2.883  1.00 19.77 ? 70   VAL A CG2 1 
ATOM   567 N N   . THR A 1 71  ? 10.666  -5.868  -1.227  1.00 13.60 ? 71   THR A N   1 
ATOM   568 C CA  . THR A 1 71  ? 11.459  -6.753  -0.395  1.00 14.85 ? 71   THR A CA  1 
ATOM   569 C C   . THR A 1 71  ? 11.316  -6.366  1.115   1.00 17.61 ? 71   THR A C   1 
ATOM   570 O O   . THR A 1 71  ? 11.357  -7.217  1.983   1.00 21.11 ? 71   THR A O   1 
ATOM   571 C CB  . THR A 1 71  ? 12.949  -6.727  -0.891  1.00 16.34 ? 71   THR A CB  1 
ATOM   572 O OG1 . THR A 1 71  ? 13.487  -5.408  -0.782  1.00 22.48 ? 71   THR A OG1 1 
ATOM   573 C CG2 . THR A 1 71  ? 13.101  -7.243  -2.381  1.00 18.35 ? 71   THR A CG2 1 
ATOM   574 N N   . ALA A 1 72  ? 11.162  -5.093  1.402   1.00 15.02 ? 72   ALA A N   1 
ATOM   575 C CA  . ALA A 1 72  ? 11.252  -4.610  2.779   1.00 16.34 ? 72   ALA A CA  1 
ATOM   576 C C   . ALA A 1 72  ? 9.844   -4.556  3.222   1.00 18.41 ? 72   ALA A C   1 
ATOM   577 O O   . ALA A 1 72  ? 9.056   -4.219  2.414   1.00 17.17 ? 72   ALA A O   1 
ATOM   578 C CB  . ALA A 1 72  ? 11.907  -3.237  2.822   1.00 18.17 ? 72   ALA A CB  1 
ATOM   579 N N   . MET A 1 73  ? 9.581   -4.934  4.475   1.00 17.47 ? 73   MET A N   1 
ATOM   580 C CA  A MET A 1 73  ? 8.243   -5.048  5.071   0.50 16.59 ? 73   MET A CA  1 
ATOM   581 C CA  B MET A 1 73  ? 8.240   -5.009  5.019   0.50 16.30 ? 73   MET A CA  1 
ATOM   582 C C   . MET A 1 73  ? 8.131   -4.012  6.183   1.00 14.81 ? 73   MET A C   1 
ATOM   583 O O   . MET A 1 73  ? 8.910   -4.057  7.096   1.00 15.70 ? 73   MET A O   1 
ATOM   584 C CB  A MET A 1 73  ? 8.101   -6.405  5.804   0.50 19.10 ? 73   MET A CB  1 
ATOM   585 C CB  B MET A 1 73  ? 7.960   -6.430  5.561   0.50 17.94 ? 73   MET A CB  1 
ATOM   586 C CG  A MET A 1 73  ? 8.042   -7.665  4.986   0.50 21.60 ? 73   MET A CG  1 
ATOM   587 C CG  B MET A 1 73  ? 8.621   -7.591  4.830   0.50 23.95 ? 73   MET A CG  1 
ATOM   588 S SD  A MET A 1 73  ? 6.704   -7.629  3.810   0.50 14.53 ? 73   MET A SD  1 
ATOM   589 S SD  B MET A 1 73  ? 8.197   -7.680  3.102   0.50 14.97 ? 73   MET A SD  1 
ATOM   590 C CE  A MET A 1 73  ? 7.726   -7.041  2.437   0.50 5.95  ? 73   MET A CE  1 
ATOM   591 C CE  B MET A 1 73  ? 6.514   -6.896  3.133   0.50 5.97  ? 73   MET A CE  1 
ATOM   592 N N   . PRO A 1 74  ? 7.142   -3.089  6.150   1.00 15.11 ? 74   PRO A N   1 
ATOM   593 C CA  . PRO A 1 74  ? 6.177   -2.834  5.100   1.00 15.23 ? 74   PRO A CA  1 
ATOM   594 C C   . PRO A 1 74  ? 6.795   -1.979  4.005   1.00 14.17 ? 74   PRO A C   1 
ATOM   595 O O   . PRO A 1 74  ? 7.714   -1.173  4.269   1.00 14.85 ? 74   PRO A O   1 
ATOM   596 C CB  . PRO A 1 74  ? 5.091   -2.026  5.824   1.00 18.65 ? 74   PRO A CB  1 
ATOM   597 C CG  . PRO A 1 74  ? 5.858   -1.210  6.903   1.00 15.24 ? 74   PRO A CG  1 
ATOM   598 C CD  . PRO A 1 74  ? 6.973   -2.205  7.345   1.00 12.49 ? 74   PRO A CD  1 
ATOM   599 N N   . THR A 1 75  ? 6.262   -2.113  2.802   1.00 11.63 ? 75   THR A N   1 
ATOM   600 C CA  . THR A 1 75  ? 6.554   -1.180  1.739   1.00 11.45 ? 75   THR A CA  1 
ATOM   601 C C   . THR A 1 75  ? 5.189   -0.576  1.313   1.00 10.57 ? 75   THR A C   1 
ATOM   602 O O   . THR A 1 75  ? 4.176   -1.321  1.089   1.00 14.96 ? 75   THR A O   1 
ATOM   603 C CB  . THR A 1 75  ? 7.275   -1.784  0.577   1.00 10.28 ? 75   THR A CB  1 
ATOM   604 O OG1 . THR A 1 75  ? 8.653   -2.011  0.978   1.00 13.39 ? 75   THR A OG1 1 
ATOM   605 C CG2 . THR A 1 75  ? 7.258   -0.831  -0.599  1.00 15.85 ? 75   THR A CG2 1 
ATOM   606 N N   . PHE A 1 76  ? 5.154   0.731   1.234   1.00 10.28 ? 76   PHE A N   1 
ATOM   607 C CA  . PHE A 1 76  ? 3.915   1.434   0.801   1.00 13.38 ? 76   PHE A CA  1 
ATOM   608 C C   . PHE A 1 76  ? 4.155   1.916   -0.621  1.00 13.44 ? 76   PHE A C   1 
ATOM   609 O O   . PHE A 1 76  ? 5.145   2.678   -0.851  1.00 13.04 ? 76   PHE A O   1 
ATOM   610 C CB  . PHE A 1 76  ? 3.602   2.646   1.701   1.00 12.14 ? 76   PHE A CB  1 
ATOM   611 C CG  . PHE A 1 76  ? 3.233   2.246   3.077   1.00 12.12 ? 76   PHE A CG  1 
ATOM   612 C CD1 . PHE A 1 76  ? 1.891   1.936   3.374   1.00 16.83 ? 76   PHE A CD1 1 
ATOM   613 C CD2 . PHE A 1 76  ? 4.215   2.108   4.068   1.00 14.75 ? 76   PHE A CD2 1 
ATOM   614 C CE1 . PHE A 1 76  ? 1.524   1.507   4.651   1.00 17.15 ? 76   PHE A CE1 1 
ATOM   615 C CE2 . PHE A 1 76  ? 3.850   1.715   5.379   1.00 12.62 ? 76   PHE A CE2 1 
ATOM   616 C CZ  . PHE A 1 76  ? 2.454   1.415   5.648   1.00 13.49 ? 76   PHE A CZ  1 
ATOM   617 N N   . VAL A 1 77  ? 3.324   1.498   -1.583  1.00 12.16 ? 77   VAL A N   1 
ATOM   618 C CA  . VAL A 1 77  ? 3.478   1.899   -2.974  1.00 11.51 ? 77   VAL A CA  1 
ATOM   619 C C   . VAL A 1 77  ? 2.254   2.738   -3.335  1.00 11.68 ? 77   VAL A C   1 
ATOM   620 O O   . VAL A 1 77  ? 1.041   2.437   -2.952  1.00 14.47 ? 77   VAL A O   1 
ATOM   621 C CB  . VAL A 1 77  ? 3.500   0.697   -3.938  1.00 12.06 ? 77   VAL A CB  1 
ATOM   622 C CG1 . VAL A 1 77  ? 3.582   1.161   -5.421  1.00 12.84 ? 77   VAL A CG1 1 
ATOM   623 C CG2 . VAL A 1 77  ? 4.770   -0.118  -3.634  1.00 13.84 ? 77   VAL A CG2 1 
ATOM   624 N N   . PHE A 1 78  ? 2.490   3.824   -4.017  1.00 11.50 ? 78   PHE A N   1 
ATOM   625 C CA  . PHE A 1 78  ? 1.402   4.852   -4.279  1.00 11.48 ? 78   PHE A CA  1 
ATOM   626 C C   . PHE A 1 78  ? 1.183   4.883   -5.749  1.00 16.18 ? 78   PHE A C   1 
ATOM   627 O O   . PHE A 1 78  ? 2.103   5.020   -6.505  1.00 11.72 ? 78   PHE A O   1 
ATOM   628 C CB  . PHE A 1 78  ? 1.896   6.237   -3.798  1.00 14.10 ? 78   PHE A CB  1 
ATOM   629 C CG  . PHE A 1 78  ? 2.076   6.286   -2.302  1.00 13.97 ? 78   PHE A CG  1 
ATOM   630 C CD1 . PHE A 1 78  ? 1.031   6.809   -1.497  1.00 13.39 ? 78   PHE A CD1 1 
ATOM   631 C CD2 . PHE A 1 78  ? 3.162   5.701   -1.688  1.00 13.54 ? 78   PHE A CD2 1 
ATOM   632 C CE1 . PHE A 1 78  ? 1.154   6.799   -0.089  1.00 15.34 ? 78   PHE A CE1 1 
ATOM   633 C CE2 . PHE A 1 78  ? 3.293   5.673   -0.307  1.00 15.19 ? 78   PHE A CE2 1 
ATOM   634 C CZ  . PHE A 1 78  ? 2.277   6.230   0.502   1.00 16.03 ? 78   PHE A CZ  1 
ATOM   635 N N   . ILE A 1 79  ? -0.029  4.728   -6.224  1.00 12.37 ? 79   ILE A N   1 
ATOM   636 C CA  . ILE A 1 79  ? -0.371  4.543   -7.611  1.00 14.00 ? 79   ILE A CA  1 
ATOM   637 C C   . ILE A 1 79  ? -1.493  5.532   -7.988  1.00 17.39 ? 79   ILE A C   1 
ATOM   638 O O   . ILE A 1 79  ? -2.477  5.646   -7.263  1.00 19.48 ? 79   ILE A O   1 
ATOM   639 C CB  . ILE A 1 79  ? -0.788  3.072   -7.887  1.00 13.80 ? 79   ILE A CB  1 
ATOM   640 C CG1 . ILE A 1 79  ? 0.333   2.087   -7.493  1.00 17.31 ? 79   ILE A CG1 1 
ATOM   641 C CG2 . ILE A 1 79  ? -1.081  2.878   -9.385  1.00 19.02 ? 79   ILE A CG2 1 
ATOM   642 C CD1 . ILE A 1 79  ? -0.017  0.606   -7.478  1.00 17.28 ? 79   ILE A CD1 1 
ATOM   643 N N   . LYS A 1 80  ? -1.342  6.244   -9.100  1.00 17.46 ? 80   LYS A N   1 
ATOM   644 C CA  . LYS A 1 80  ? -2.379  7.154   -9.552  1.00 18.90 ? 80   LYS A CA  1 
ATOM   645 C C   . LYS A 1 80  ? -2.386  7.073   -11.057 1.00 22.77 ? 80   LYS A C   1 
ATOM   646 O O   . LYS A 1 80  ? -1.310  7.069   -11.689 1.00 19.20 ? 80   LYS A O   1 
ATOM   647 C CB  . LYS A 1 80  ? -2.075  8.581   -9.075  1.00 21.30 ? 80   LYS A CB  1 
ATOM   648 C CG  . LYS A 1 80  ? -3.211  9.593   -9.194  1.00 23.96 ? 80   LYS A CG  1 
ATOM   649 C CD  . LYS A 1 80  ? -2.986  10.640  -8.112  1.00 25.41 ? 80   LYS A CD  1 
ATOM   650 C CE  . LYS A 1 80  ? -3.767  11.861  -8.325  1.00 33.18 ? 80   LYS A CE  1 
ATOM   651 N NZ  . LYS A 1 80  ? -3.329  12.829  -7.309  1.00 33.49 ? 80   LYS A NZ  1 
ATOM   652 N N   . ASP A 1 81  ? -3.587  6.983   -11.639 1.00 24.93 ? 81   ASP A N   1 
ATOM   653 C CA  A ASP A 1 81  ? -3.773  6.771   -13.077 0.50 27.41 ? 81   ASP A CA  1 
ATOM   654 C CA  B ASP A 1 81  ? -3.714  6.858   -13.096 0.50 27.61 ? 81   ASP A CA  1 
ATOM   655 C C   . ASP A 1 81  ? -2.895  5.658   -13.627 1.00 25.71 ? 81   ASP A C   1 
ATOM   656 O O   . ASP A 1 81  ? -2.244  5.778   -14.685 1.00 34.21 ? 81   ASP A O   1 
ATOM   657 C CB  A ASP A 1 81  ? -3.631  8.078   -13.853 0.50 28.76 ? 81   ASP A CB  1 
ATOM   658 C CB  B ASP A 1 81  ? -3.257  8.185   -13.740 0.50 28.83 ? 81   ASP A CB  1 
ATOM   659 C CG  A ASP A 1 81  ? -4.948  8.541   -14.439 0.50 27.17 ? 81   ASP A CG  1 
ATOM   660 C CG  B ASP A 1 81  ? -3.883  8.447   -15.114 0.50 29.94 ? 81   ASP A CG  1 
ATOM   661 O OD1 A ASP A 1 81  ? -5.982  7.930   -14.105 0.50 35.09 ? 81   ASP A OD1 1 
ATOM   662 O OD1 B ASP A 1 81  ? -4.947  7.871   -15.436 0.50 26.39 ? 81   ASP A OD1 1 
ATOM   663 O OD2 A ASP A 1 81  ? -4.951  9.493   -15.255 0.50 28.56 ? 81   ASP A OD2 1 
ATOM   664 O OD2 B ASP A 1 81  ? -3.304  9.275   -15.854 0.50 27.85 ? 81   ASP A OD2 1 
ATOM   665 N N   . GLY A 1 82  ? -2.904  4.536   -12.906 1.00 24.16 ? 82   GLY A N   1 
ATOM   666 C CA  . GLY A 1 82  ? -2.177  3.317   -13.297 1.00 27.80 ? 82   GLY A CA  1 
ATOM   667 C C   . GLY A 1 82  ? -0.653  3.355   -13.299 1.00 27.60 ? 82   GLY A C   1 
ATOM   668 O O   . GLY A 1 82  ? 0.001   2.396   -13.753 1.00 32.25 ? 82   GLY A O   1 
ATOM   669 N N   . LYS A 1 83  ? -0.096  4.434   -12.756 1.00 22.71 ? 83   LYS A N   1 
ATOM   670 C CA  . LYS A 1 83  ? 1.359   4.647   -12.682 1.00 22.43 ? 83   LYS A CA  1 
ATOM   671 C C   . LYS A 1 83  ? 1.745   4.714   -11.200 1.00 18.47 ? 83   LYS A C   1 
ATOM   672 O O   . LYS A 1 83  ? 1.047   5.332   -10.377 1.00 16.18 ? 83   LYS A O   1 
ATOM   673 C CB  . LYS A 1 83  ? 1.712   5.996   -13.296 1.00 24.03 ? 83   LYS A CB  1 
ATOM   674 C CG  . LYS A 1 83  ? 0.987   6.301   -14.631 1.00 33.39 ? 83   LYS A CG  1 
ATOM   675 C CD  . LYS A 1 83  ? 1.165   7.761   -15.051 1.00 30.03 ? 83   LYS A CD  1 
ATOM   676 C CE  . LYS A 1 83  ? -0.063  8.228   -15.857 1.00 43.76 ? 83   LYS A CE  1 
ATOM   677 N NZ  . LYS A 1 83  ? -0.013  9.668   -16.263 1.00 43.08 ? 83   LYS A NZ  1 
ATOM   678 N N   . GLU A 1 84  ? 2.916   4.158   -10.888 1.00 17.48 ? 84   GLU A N   1 
ATOM   679 C CA  . GLU A 1 84  ? 3.457   4.244   -9.539  1.00 13.46 ? 84   GLU A CA  1 
ATOM   680 C C   . GLU A 1 84  ? 4.022   5.663   -9.394  1.00 15.47 ? 84   GLU A C   1 
ATOM   681 O O   . GLU A 1 84  ? 4.859   6.084   -10.209 1.00 14.29 ? 84   GLU A O   1 
ATOM   682 C CB  . GLU A 1 84  ? 4.626   3.248   -9.351  1.00 12.46 ? 84   GLU A CB  1 
ATOM   683 C CG  . GLU A 1 84  ? 5.261   3.503   -8.016  1.00 15.21 ? 84   GLU A CG  1 
ATOM   684 C CD  . GLU A 1 84  ? 6.222   2.429   -7.581  1.00 16.85 ? 84   GLU A CD  1 
ATOM   685 O OE1 . GLU A 1 84  ? 6.153   1.297   -8.101  1.00 15.57 ? 84   GLU A OE1 1 
ATOM   686 O OE2 . GLU A 1 84  ? 7.022   2.742   -6.655  1.00 17.86 ? 84   GLU A OE2 1 
ATOM   687 N N   . VAL A 1 85  ? 3.509   6.428   -8.436  1.00 14.01 ? 85   VAL A N   1 
ATOM   688 C CA  . VAL A 1 85  ? 3.952   7.790   -8.248  1.00 12.22 ? 85   VAL A CA  1 
ATOM   689 C C   . VAL A 1 85  ? 4.876   8.005   -7.043  1.00 14.17 ? 85   VAL A C   1 
ATOM   690 O O   . VAL A 1 85  ? 5.494   9.073   -6.908  1.00 13.93 ? 85   VAL A O   1 
ATOM   691 C CB  . VAL A 1 85  ? 2.763   8.796   -8.202  1.00 13.91 ? 85   VAL A CB  1 
ATOM   692 C CG1 . VAL A 1 85  ? 1.981   8.804   -9.476  1.00 15.74 ? 85   VAL A CG1 1 
ATOM   693 C CG2 . VAL A 1 85  ? 1.856   8.560   -7.022  1.00 12.64 ? 85   VAL A CG2 1 
ATOM   694 N N   . ASP A 1 86  ? 4.971   7.005   -6.183  1.00 12.71 ? 86   ASP A N   1 
ATOM   695 C CA  . ASP A 1 86  ? 5.886   7.122   -5.017  1.00 15.05 ? 86   ASP A CA  1 
ATOM   696 C C   . ASP A 1 86  ? 5.943   5.778   -4.318  1.00 14.26 ? 86   ASP A C   1 
ATOM   697 O O   . ASP A 1 86  ? 5.106   4.909   -4.570  1.00 12.70 ? 86   ASP A O   1 
ATOM   698 C CB  . ASP A 1 86  ? 5.337   8.158   -4.032  1.00 15.33 ? 86   ASP A CB  1 
ATOM   699 C CG  . ASP A 1 86  ? 6.446   9.003   -3.363  1.00 18.31 ? 86   ASP A CG  1 
ATOM   700 O OD1 . ASP A 1 86  ? 7.554   8.465   -3.054  1.00 18.48 ? 86   ASP A OD1 1 
ATOM   701 O OD2 . ASP A 1 86  ? 6.224   10.214  -3.143  1.00 17.80 ? 86   ASP A OD2 1 
ATOM   702 N N   . ARG A 1 87  ? 6.957   5.601   -3.479  1.00 12.43 ? 87   ARG A N   1 
ATOM   703 C CA  . ARG A 1 87  ? 7.040   4.431   -2.609  1.00 13.33 ? 87   ARG A CA  1 
ATOM   704 C C   . ARG A 1 87  ? 8.018   4.737   -1.482  1.00 13.45 ? 87   ARG A C   1 
ATOM   705 O O   . ARG A 1 87  ? 8.847   5.634   -1.614  1.00 13.03 ? 87   ARG A O   1 
ATOM   706 C CB  . ARG A 1 87  ? 7.464   3.188   -3.363  1.00 10.56 ? 87   ARG A CB  1 
ATOM   707 C CG  . ARG A 1 87  ? 9.049   3.118   -3.668  1.00 11.69 ? 87   ARG A CG  1 
ATOM   708 C CD  . ARG A 1 87  ? 9.358   1.695   -4.031  1.00 15.50 ? 87   ARG A CD  1 
ATOM   709 N NE  . ARG A 1 87  ? 8.602   1.171   -5.170  1.00 12.57 ? 87   ARG A NE  1 
ATOM   710 C CZ  . ARG A 1 87  ? 8.603   -0.117  -5.548  1.00 11.16 ? 87   ARG A CZ  1 
ATOM   711 N NH1 . ARG A 1 87  ? 9.251   -1.021  -4.837  1.00 14.27 ? 87   ARG A NH1 1 
ATOM   712 N NH2 . ARG A 1 87  ? 7.857   -0.498  -6.613  1.00 13.98 ? 87   ARG A NH2 1 
ATOM   713 N N   . PHE A 1 88  ? 7.842   4.063   -0.356  1.00 14.36 ? 88   PHE A N   1 
ATOM   714 C CA  . PHE A 1 88  ? 8.886   4.060   0.675   1.00 13.51 ? 88   PHE A CA  1 
ATOM   715 C C   . PHE A 1 88  ? 8.646   2.863   1.528   1.00 14.50 ? 88   PHE A C   1 
ATOM   716 O O   . PHE A 1 88  ? 7.587   2.229   1.467   1.00 14.75 ? 88   PHE A O   1 
ATOM   717 C CB  . PHE A 1 88  ? 8.843   5.318   1.571   1.00 10.99 ? 88   PHE A CB  1 
ATOM   718 C CG  . PHE A 1 88  ? 7.589   5.407   2.433   1.00 12.36 ? 88   PHE A CG  1 
ATOM   719 C CD1 . PHE A 1 88  ? 6.521   6.102   1.974   1.00 15.22 ? 88   PHE A CD1 1 
ATOM   720 C CD2 . PHE A 1 88  ? 7.575   4.852   3.690   1.00 11.17 ? 88   PHE A CD2 1 
ATOM   721 C CE1 . PHE A 1 88  ? 5.341   6.136   2.736   1.00 13.03 ? 88   PHE A CE1 1 
ATOM   722 C CE2 . PHE A 1 88  ? 6.441   4.925   4.513   1.00 13.31 ? 88   PHE A CE2 1 
ATOM   723 C CZ  . PHE A 1 88  ? 5.326   5.548   4.001   1.00 16.42 ? 88   PHE A CZ  1 
ATOM   724 N N   . SER A 1 89  ? 9.600   2.509   2.355   1.00 12.25 ? 89   SER A N   1 
ATOM   725 C CA  A SER A 1 89  ? 9.441   1.372   3.244   0.25 10.20 ? 89   SER A CA  1 
ATOM   726 C CA  B SER A 1 89  ? 9.422   1.370   3.232   0.25 11.81 ? 89   SER A CA  1 
ATOM   727 C CA  C SER A 1 89  ? 9.466   1.373   3.213   0.50 12.18 ? 89   SER A CA  1 
ATOM   728 C C   . SER A 1 89  ? 9.570   1.775   4.685   1.00 11.25 ? 89   SER A C   1 
ATOM   729 O O   . SER A 1 89  ? 10.137  2.837   4.994   1.00 15.80 ? 89   SER A O   1 
ATOM   730 C CB  A SER A 1 89  ? 10.472  0.295   2.930   0.25 12.66 ? 89   SER A CB  1 
ATOM   731 C CB  B SER A 1 89  ? 10.410  0.260   2.875   0.25 14.17 ? 89   SER A CB  1 
ATOM   732 C CB  C SER A 1 89  ? 10.547  0.367   2.813   0.50 17.43 ? 89   SER A CB  1 
ATOM   733 O OG  A SER A 1 89  ? 10.327  -0.110  1.595   0.25 2.00  ? 89   SER A OG  1 
ATOM   734 O OG  B SER A 1 89  ? 11.714  0.789   2.798   0.25 13.57 ? 89   SER A OG  1 
ATOM   735 O OG  C SER A 1 89  ? 10.681  -0.645  3.766   0.50 23.12 ? 89   SER A OG  1 
ATOM   736 N N   . GLY A 1 90  ? 9.027   0.946   5.570   1.00 12.23 ? 90   GLY A N   1 
ATOM   737 C CA  . GLY A 1 90  ? 9.146   1.186   6.973   1.00 10.20 ? 90   GLY A CA  1 
ATOM   738 C C   . GLY A 1 90  ? 7.829   1.593   7.637   1.00 11.54 ? 90   GLY A C   1 
ATOM   739 O O   . GLY A 1 90  ? 7.079   2.305   6.994   1.00 14.03 ? 90   GLY A O   1 
ATOM   740 N N   . ALA A 1 91  ? 7.708   1.263   8.919   1.00 14.47 ? 91   ALA A N   1 
ATOM   741 C CA  . ALA A 1 91  ? 6.563   1.701   9.739   1.00 16.62 ? 91   ALA A CA  1 
ATOM   742 C C   . ALA A 1 91  ? 6.829   3.141   10.162  1.00 14.69 ? 91   ALA A C   1 
ATOM   743 O O   . ALA A 1 91  ? 7.138   3.432   11.329  1.00 15.32 ? 91   ALA A O   1 
ATOM   744 C CB  . ALA A 1 91  ? 6.331   0.768   10.960  1.00 16.56 ? 91   ALA A CB  1 
ATOM   745 N N   . ASN A 1 92  ? 6.708   4.027   9.175   1.00 13.05 ? 92   ASN A N   1 
ATOM   746 C CA  . ASN A 1 92  ? 7.088   5.419   9.337   1.00 13.88 ? 92   ASN A CA  1 
ATOM   747 C C   . ASN A 1 92  ? 5.791   6.261   9.148   1.00 12.59 ? 92   ASN A C   1 
ATOM   748 O O   . ASN A 1 92  ? 5.429   6.592   8.026   1.00 13.06 ? 92   ASN A O   1 
ATOM   749 C CB  . ASN A 1 92  ? 8.175   5.737   8.307   1.00 15.99 ? 92   ASN A CB  1 
ATOM   750 C CG  . ASN A 1 92  ? 8.753   7.148   8.474   1.00 13.43 ? 92   ASN A CG  1 
ATOM   751 O OD1 . ASN A 1 92  ? 8.070   8.057   8.930   1.00 15.38 ? 92   ASN A OD1 1 
ATOM   752 N ND2 . ASN A 1 92  ? 10.006  7.334   8.032   1.00 16.63 ? 92   ASN A ND2 1 
ATOM   753 N N   . GLU A 1 93  ? 5.161   6.626   10.265  1.00 16.15 ? 93   GLU A N   1 
ATOM   754 C CA  . GLU A 1 93  ? 3.840   7.275   10.180  1.00 15.00 ? 93   GLU A CA  1 
ATOM   755 C C   . GLU A 1 93  ? 3.898   8.660   9.543   1.00 14.81 ? 93   GLU A C   1 
ATOM   756 O O   . GLU A 1 93  ? 3.029   9.009   8.752   1.00 16.38 ? 93   GLU A O   1 
ATOM   757 C CB  . GLU A 1 93  ? 3.191   7.379   11.561  1.00 20.80 ? 93   GLU A CB  1 
ATOM   758 C CG  . GLU A 1 93  ? 1.696   7.708   11.468  1.00 32.19 ? 93   GLU A CG  1 
ATOM   759 C CD  . GLU A 1 93  ? 1.062   7.928   12.823  1.00 41.58 ? 93   GLU A CD  1 
ATOM   760 O OE1 . GLU A 1 93  ? 1.804   7.955   13.838  1.00 40.12 ? 93   GLU A OE1 1 
ATOM   761 O OE2 . GLU A 1 93  ? -0.184  8.070   12.861  1.00 46.41 ? 93   GLU A OE2 1 
ATOM   762 N N   . THR A 1 94  ? 4.878   9.477   9.930   1.00 16.68 ? 94   THR A N   1 
ATOM   763 C CA  . THR A 1 94  ? 5.030   10.778  9.342   1.00 15.42 ? 94   THR A CA  1 
ATOM   764 C C   . THR A 1 94  ? 5.252   10.693  7.815   1.00 16.84 ? 94   THR A C   1 
ATOM   765 O O   . THR A 1 94  ? 4.621   11.432  7.058   1.00 17.42 ? 94   THR A O   1 
ATOM   766 C CB  . THR A 1 94  ? 6.191   11.526  10.009  1.00 19.42 ? 94   THR A CB  1 
ATOM   767 O OG1 . THR A 1 94  ? 5.824   11.722  11.379  1.00 24.14 ? 94   THR A OG1 1 
ATOM   768 C CG2 . THR A 1 94  ? 6.462   12.907  9.336   1.00 23.85 ? 94   THR A CG2 1 
ATOM   769 N N   . LYS A 1 95  ? 6.145   9.805   7.362   1.00 15.82 ? 95   LYS A N   1 
ATOM   770 C CA  A LYS A 1 95  ? 6.378   9.676   5.929   0.50 14.23 ? 95   LYS A CA  1 
ATOM   771 C CA  B LYS A 1 95  ? 6.387   9.642   5.924   0.50 15.47 ? 95   LYS A CA  1 
ATOM   772 C C   . LYS A 1 95  ? 5.105   9.218   5.211   1.00 13.29 ? 95   LYS A C   1 
ATOM   773 O O   . LYS A 1 95  ? 4.811   9.683   4.106   1.00 14.79 ? 95   LYS A O   1 
ATOM   774 C CB  A LYS A 1 95  ? 7.533   8.727   5.668   0.50 18.27 ? 95   LYS A CB  1 
ATOM   775 C CB  B LYS A 1 95  ? 7.497   8.622   5.680   0.50 20.50 ? 95   LYS A CB  1 
ATOM   776 C CG  A LYS A 1 95  ? 8.149   8.846   4.317   0.50 18.02 ? 95   LYS A CG  1 
ATOM   777 C CG  B LYS A 1 95  ? 7.988   8.483   4.249   0.50 25.60 ? 95   LYS A CG  1 
ATOM   778 C CD  A LYS A 1 95  ? 9.507   8.233   4.313   0.50 13.69 ? 95   LYS A CD  1 
ATOM   779 C CD  B LYS A 1 95  ? 8.858   9.647   3.855   0.50 31.46 ? 95   LYS A CD  1 
ATOM   780 C CE  A LYS A 1 95  ? 10.039  8.335   2.928   0.50 14.07 ? 95   LYS A CE  1 
ATOM   781 C CE  B LYS A 1 95  ? 9.856   9.282   2.765   0.50 29.32 ? 95   LYS A CE  1 
ATOM   782 N NZ  A LYS A 1 95  ? 11.477  7.928   2.905   0.50 20.41 ? 95   LYS A NZ  1 
ATOM   783 N NZ  B LYS A 1 95  ? 10.542  10.501  2.297   0.50 34.87 ? 95   LYS A NZ  1 
ATOM   784 N N   . LEU A 1 96  ? 4.329   8.305   5.838   1.00 15.32 ? 96   LEU A N   1 
ATOM   785 C CA  . LEU A 1 96  ? 3.008   7.875   5.261   1.00 15.83 ? 96   LEU A CA  1 
ATOM   786 C C   . LEU A 1 96  ? 2.047   9.043   5.051   1.00 16.00 ? 96   LEU A C   1 
ATOM   787 O O   . LEU A 1 96  ? 1.559   9.234   3.943   1.00 15.05 ? 96   LEU A O   1 
ATOM   788 C CB  . LEU A 1 96  ? 2.394   6.798   6.145   1.00 12.96 ? 96   LEU A CB  1 
ATOM   789 C CG  . LEU A 1 96  ? 1.095   6.192   5.636   1.00 15.21 ? 96   LEU A CG  1 
ATOM   790 C CD1 . LEU A 1 96  ? 1.122   5.593   4.242   1.00 15.96 ? 96   LEU A CD1 1 
ATOM   791 C CD2 . LEU A 1 96  ? 0.736   5.123   6.647   1.00 20.49 ? 96   LEU A CD2 1 
ATOM   792 N N   . ARG A 1 97  ? 1.883   9.847   6.089   1.00 13.93 ? 97   ARG A N   1 
ATOM   793 C CA  . ARG A 1 97  ? 1.032   11.031  5.978   1.00 15.55 ? 97   ARG A CA  1 
ATOM   794 C C   . ARG A 1 97  ? 1.530   12.044  4.970   1.00 16.86 ? 97   ARG A C   1 
ATOM   795 O O   . ARG A 1 97  ? 0.765   12.586  4.186   1.00 19.52 ? 97   ARG A O   1 
ATOM   796 C CB  . ARG A 1 97  ? 0.898   11.701  7.347   1.00 15.10 ? 97   ARG A CB  1 
ATOM   797 C CG  . ARG A 1 97  ? 0.144   10.835  8.338   1.00 22.53 ? 97   ARG A CG  1 
ATOM   798 C CD  . ARG A 1 97  ? -0.167  11.539  9.663   1.00 28.87 ? 97   ARG A CD  1 
ATOM   799 N NE  . ARG A 1 97  ? -1.228  10.812  10.371  1.00 38.32 ? 97   ARG A NE  1 
ATOM   800 C CZ  . ARG A 1 97  ? -2.527  11.101  10.317  1.00 39.25 ? 97   ARG A CZ  1 
ATOM   801 N NH1 . ARG A 1 97  ? -2.968  12.126  9.605   1.00 38.20 ? 97   ARG A NH1 1 
ATOM   802 N NH2 . ARG A 1 97  ? -3.396  10.356  10.992  1.00 44.43 ? 97   ARG A NH2 1 
ATOM   803 N N   . GLU A 1 98  ? 2.848   12.283  4.919   1.00 14.44 ? 98   GLU A N   1 
ATOM   804 C CA  . GLU A 1 98  ? 3.313   13.273  3.989   1.00 14.96 ? 98   GLU A CA  1 
ATOM   805 C C   . GLU A 1 98  ? 3.114   12.815  2.565   1.00 15.14 ? 98   GLU A C   1 
ATOM   806 O O   . GLU A 1 98  ? 2.935   13.618  1.644   1.00 16.72 ? 98   GLU A O   1 
ATOM   807 C CB  . GLU A 1 98  ? 4.833   13.426  4.153   1.00 15.68 ? 98   GLU A CB  1 
ATOM   808 C CG  . GLU A 1 98  ? 5.310   14.111  5.461   1.00 20.44 ? 98   GLU A CG  1 
ATOM   809 C CD  . GLU A 1 98  ? 6.814   14.068  5.726   1.00 21.60 ? 98   GLU A CD  1 
ATOM   810 O OE1 . GLU A 1 98  ? 7.546   13.227  5.157   1.00 23.88 ? 98   GLU A OE1 1 
ATOM   811 O OE2 . GLU A 1 98  ? 7.257   14.858  6.597   1.00 21.84 ? 98   GLU A OE2 1 
ATOM   812 N N   . THR A 1 99  ? 3.228   11.515  2.345   1.00 13.85 ? 99   THR A N   1 
ATOM   813 C CA  . THR A 1 99  ? 3.259   11.013  0.984   1.00 13.43 ? 99   THR A CA  1 
ATOM   814 C C   . THR A 1 99  ? 1.820   10.982  0.516   1.00 13.25 ? 99   THR A C   1 
ATOM   815 O O   . THR A 1 99  ? 1.564   11.221  -0.640  1.00 14.83 ? 99   THR A O   1 
ATOM   816 C CB  . THR A 1 99  ? 3.969   9.615   0.874   1.00 14.56 ? 99   THR A CB  1 
ATOM   817 O OG1 . THR A 1 99  ? 5.305   9.711   1.445   1.00 16.51 ? 99   THR A OG1 1 
ATOM   818 C CG2 . THR A 1 99  ? 4.134   9.190   -0.561  1.00 13.67 ? 99   THR A CG2 1 
ATOM   819 N N   . ILE A 1 100 ? 0.916   10.664  1.420   1.00 17.65 ? 100  ILE A N   1 
ATOM   820 C CA  . ILE A 1 100 ? -0.473  10.697  1.034   1.00 17.20 ? 100  ILE A CA  1 
ATOM   821 C C   . ILE A 1 100 ? -0.883  12.146  0.673   1.00 18.44 ? 100  ILE A C   1 
ATOM   822 O O   . ILE A 1 100 ? -1.525  12.391  -0.352  1.00 19.96 ? 100  ILE A O   1 
ATOM   823 C CB  . ILE A 1 100 ? -1.337  10.168  2.176   1.00 17.02 ? 100  ILE A CB  1 
ATOM   824 C CG1 . ILE A 1 100 ? -1.225  8.647   2.329   1.00 18.51 ? 100  ILE A CG1 1 
ATOM   825 C CG2 . ILE A 1 100 ? -2.809  10.527  1.934   1.00 16.25 ? 100  ILE A CG2 1 
ATOM   826 C CD1 . ILE A 1 100 ? -1.617  8.133   3.719   1.00 18.24 ? 100  ILE A CD1 1 
ATOM   827 N N   . THR A 1 101 ? -0.460  13.098  1.491   1.00 16.28 ? 101  THR A N   1 
ATOM   828 C CA  . THR A 1 101 ? -0.742  14.527  1.224   1.00 16.96 ? 101  THR A CA  1 
ATOM   829 C C   . THR A 1 101 ? -0.201  15.005  -0.097  1.00 17.04 ? 101  THR A C   1 
ATOM   830 O O   . THR A 1 101 ? -0.833  15.782  -0.822  1.00 17.35 ? 101  THR A O   1 
ATOM   831 C CB  . THR A 1 101 ? -0.277  15.389  2.419   1.00 19.44 ? 101  THR A CB  1 
ATOM   832 O OG1 . THR A 1 101 ? -0.888  14.884  3.615   1.00 21.07 ? 101  THR A OG1 1 
ATOM   833 C CG2 . THR A 1 101 ? -0.616  16.927  2.261   1.00 17.46 ? 101  THR A CG2 1 
ATOM   834 N N   . ARG A 1 102 ? 1.012   14.555  -0.420  1.00 15.41 ? 102  ARG A N   1 
ATOM   835 C CA  . ARG A 1 102 ? 1.700   14.919  -1.638  1.00 18.06 ? 102  ARG A CA  1 
ATOM   836 C C   . ARG A 1 102 ? 0.908   14.481  -2.881  1.00 18.61 ? 102  ARG A C   1 
ATOM   837 O O   . ARG A 1 102 ? 0.861   15.215  -3.889  1.00 21.39 ? 102  ARG A O   1 
ATOM   838 C CB  . ARG A 1 102 ? 3.119   14.301  -1.616  1.00 18.34 ? 102  ARG A CB  1 
ATOM   839 C CG  . ARG A 1 102 ? 4.013   14.576  -2.815  1.00 20.44 ? 102  ARG A CG  1 
ATOM   840 C CD  . ARG A 1 102 ? 5.382   13.866  -2.688  1.00 24.55 ? 102  ARG A CD  1 
ATOM   841 N NE  . ARG A 1 102 ? 6.004   14.187  -1.418  1.00 24.84 ? 102  ARG A NE  1 
ATOM   842 C CZ  . ARG A 1 102 ? 6.521   13.316  -0.561  1.00 20.69 ? 102  ARG A CZ  1 
ATOM   843 N NH1 . ARG A 1 102 ? 6.591   12.006  -0.831  1.00 17.92 ? 102  ARG A NH1 1 
ATOM   844 N NH2 . ARG A 1 102 ? 7.008   13.789  0.569   1.00 25.60 ? 102  ARG A NH2 1 
ATOM   845 N N   . HIS A 1 103 ? 0.293   13.296  -2.816  1.00 15.84 ? 103  HIS A N   1 
ATOM   846 C CA  . HIS A 1 103 ? -0.258  12.735  -4.050  1.00 17.01 ? 103  HIS A CA  1 
ATOM   847 C C   . HIS A 1 103 ? -1.759  12.622  -4.139  1.00 21.31 ? 103  HIS A C   1 
ATOM   848 O O   . HIS A 1 103 ? -2.255  12.244  -5.206  1.00 23.33 ? 103  HIS A O   1 
ATOM   849 C CB  . HIS A 1 103 ? 0.298   11.377  -4.344  1.00 12.77 ? 103  HIS A CB  1 
ATOM   850 C CG  . HIS A 1 103 ? 1.777   11.389  -4.555  1.00 11.88 ? 103  HIS A CG  1 
ATOM   851 N ND1 . HIS A 1 103 ? 2.355   11.874  -5.707  1.00 17.53 ? 103  HIS A ND1 1 
ATOM   852 C CD2 . HIS A 1 103 ? 2.763   11.002  -3.728  1.00 13.62 ? 103  HIS A CD2 1 
ATOM   853 C CE1 . HIS A 1 103 ? 3.668   11.763  -5.581  1.00 14.72 ? 103  HIS A CE1 1 
ATOM   854 N NE2 . HIS A 1 103 ? 3.932   11.262  -4.398  1.00 12.95 ? 103  HIS A NE2 1 
ATOM   855 N N   . LYS A 1 104 ? -2.475  12.916  -3.061  1.00 22.13 ? 104  LYS A N   1 
ATOM   856 C CA  . LYS A 1 104 ? -3.933  12.875  -3.122  1.00 26.31 ? 104  LYS A CA  1 
ATOM   857 C C   . LYS A 1 104 ? -4.485  13.954  -4.044  1.00 29.80 ? 104  LYS A C   1 
ATOM   858 O O   . LYS A 1 104 ? -3.892  15.019  -4.232  1.00 31.39 ? 104  LYS A O   1 
ATOM   859 C CB  . LYS A 1 104 ? -4.574  12.912  -1.738  1.00 22.80 ? 104  LYS A CB  1 
ATOM   860 C CG  . LYS A 1 104 ? -4.469  14.197  -0.946  1.00 27.80 ? 104  LYS A CG  1 
ATOM   861 C CD  . LYS A 1 104 ? -5.151  14.020  0.419   1.00 29.93 ? 104  LYS A CD  1 
ATOM   862 C CE  . LYS A 1 104 ? -5.738  15.313  0.958   1.00 40.45 ? 104  LYS A CE  1 
ATOM   863 N NZ  . LYS A 1 104 ? -4.725  16.360  1.242   1.00 48.36 ? 104  LYS A NZ  1 
ATOM   864 O OXT . LYS A 1 104 ? -5.544  13.727  -4.651  1.00 36.36 ? 104  LYS A OXT 1 
HETATM 865 O O   . HOH B 2 .   ? -11.107 0.651   4.752   1.00 68.43 ? 2001 HOH A O   1 
HETATM 866 O O   . HOH B 2 .   ? -13.060 -0.650  3.337   1.00 61.20 ? 2002 HOH A O   1 
HETATM 867 O O   . HOH B 2 .   ? -12.029 2.540   5.812   1.00 53.82 ? 2003 HOH A O   1 
HETATM 868 O O   . HOH B 2 .   ? -11.705 -7.899  2.333   1.00 61.71 ? 2004 HOH A O   1 
HETATM 869 O O   . HOH B 2 .   ? -4.087  -8.365  -19.471 1.00 41.70 ? 2005 HOH A O   1 
HETATM 870 O O   . HOH B 2 .   ? -0.835  -6.268  -10.483 1.00 42.88 ? 2006 HOH A O   1 
HETATM 871 O O   . HOH B 2 .   ? -2.915  -12.183 -11.170 1.00 35.13 ? 2007 HOH A O   1 
HETATM 872 O O   . HOH B 2 .   ? -3.783  11.935  -11.957 1.00 49.66 ? 2008 HOH A O   1 
HETATM 873 O O   . HOH B 2 .   ? 2.557   -15.047 12.169  1.00 50.57 ? 2009 HOH A O   1 
HETATM 874 O O   . HOH B 2 .   ? -1.464  -5.129  7.792   1.00 37.31 ? 2010 HOH A O   1 
HETATM 875 O O   . HOH B 2 .   ? -4.663  -7.079  -17.575 1.00 48.28 ? 2011 HOH A O   1 
HETATM 876 O O   . HOH B 2 .   ? -2.545  -8.407  -13.849 1.00 46.05 ? 2012 HOH A O   1 
HETATM 877 O O   . HOH B 2 .   ? -4.327  -3.719  -16.901 1.00 50.83 ? 2013 HOH A O   1 
HETATM 878 O O   . HOH B 2 .   ? 9.690   -7.601  10.186  1.00 31.14 ? 2014 HOH A O   1 
HETATM 879 O O   . HOH B 2 .   ? 5.340   0.801   14.646  1.00 53.71 ? 2015 HOH A O   1 
HETATM 880 O O   . HOH B 2 .   ? -11.145 3.413   -15.730 1.00 46.27 ? 2016 HOH A O   1 
HETATM 881 O O   . HOH B 2 .   ? -11.231 -3.939  -13.671 1.00 61.52 ? 2017 HOH A O   1 
HETATM 882 O O   . HOH B 2 .   ? -11.978 -0.678  -3.723  1.00 57.12 ? 2018 HOH A O   1 
HETATM 883 O O   . HOH B 2 .   ? -13.974 3.868   5.101   1.00 49.23 ? 2019 HOH A O   1 
HETATM 884 O O   . HOH B 2 .   ? -14.528 2.908   2.843   1.00 63.45 ? 2020 HOH A O   1 
HETATM 885 O O   . HOH B 2 .   ? -11.618 7.083   -10.363 1.00 53.85 ? 2021 HOH A O   1 
HETATM 886 O O   . HOH B 2 .   ? -5.915  6.181   -9.987  1.00 33.09 ? 2022 HOH A O   1 
HETATM 887 O O   . HOH B 2 .   ? -5.915  12.397  -10.874 1.00 40.24 ? 2023 HOH A O   1 
HETATM 888 O O   . HOH B 2 .   ? 1.326   -16.284 9.371   1.00 30.85 ? 2024 HOH A O   1 
HETATM 889 O O   . HOH B 2 .   ? -8.261  -10.181 5.521   1.00 56.69 ? 2025 HOH A O   1 
HETATM 890 O O   . HOH B 2 .   ? -3.765  -15.850 3.773   1.00 39.35 ? 2026 HOH A O   1 
HETATM 891 O O   . HOH B 2 .   ? -6.986  10.732  -4.469  1.00 34.59 ? 2027 HOH A O   1 
HETATM 892 O O   . HOH B 2 .   ? -7.498  -13.065 2.253   1.00 59.50 ? 2028 HOH A O   1 
HETATM 893 O O   . HOH B 2 .   ? -1.785  -16.704 -11.057 1.00 52.97 ? 2029 HOH A O   1 
HETATM 894 O O   . HOH B 2 .   ? 2.474   -2.794  6.853   1.00 37.21 ? 2030 HOH A O   1 
HETATM 895 O O   . HOH B 2 .   ? 0.765   -2.897  7.845   1.00 32.46 ? 2031 HOH A O   1 
HETATM 896 O O   . HOH B 2 .   ? 1.164   -7.682  9.467   1.00 72.64 ? 2032 HOH A O   1 
HETATM 897 O O   . HOH B 2 .   ? -1.111  -9.024  11.411  1.00 59.61 ? 2033 HOH A O   1 
HETATM 898 O O   . HOH B 2 .   ? -1.251  -15.367 7.968   1.00 66.85 ? 2034 HOH A O   1 
HETATM 899 O O   . HOH B 2 .   ? -0.419  -13.263 12.567  1.00 51.74 ? 2035 HOH A O   1 
HETATM 900 O O   . HOH B 2 .   ? 6.141   13.345  -7.166  1.00 33.82 ? 2036 HOH A O   1 
HETATM 901 O O   . HOH B 2 .   ? 9.241   -8.337  12.806  1.00 40.03 ? 2037 HOH A O   1 
HETATM 902 O O   . HOH B 2 .   ? 0.538   1.167   16.615  1.00 40.17 ? 2038 HOH A O   1 
HETATM 903 O O   . HOH B 2 .   ? 7.749   -0.433  16.612  1.00 36.62 ? 2039 HOH A O   1 
HETATM 904 O O   . HOH B 2 .   ? -2.857  7.105   11.728  1.00 46.50 ? 2040 HOH A O   1 
HETATM 905 O O   . HOH B 2 .   ? -10.120 5.492   2.349   1.00 28.91 ? 2041 HOH A O   1 
HETATM 906 O O   . HOH B 2 .   ? -13.248 5.925   4.035   1.00 38.84 ? 2042 HOH A O   1 
HETATM 907 O O   . HOH B 2 .   ? -14.609 7.346   6.778   1.00 41.55 ? 2043 HOH A O   1 
HETATM 908 O O   . HOH B 2 .   ? -8.389  15.428  -1.179  1.00 60.14 ? 2044 HOH A O   1 
HETATM 909 O O   . HOH B 2 .   ? -8.095  14.780  3.699   1.00 43.19 ? 2045 HOH A O   1 
HETATM 910 O O   . HOH B 2 .   ? -10.330 13.735  4.366   1.00 64.33 ? 2046 HOH A O   1 
HETATM 911 O O   . HOH B 2 .   ? -9.782  2.932   1.286   1.00 25.03 ? 2047 HOH A O   1 
HETATM 912 O O   . HOH B 2 .   ? -9.901  -0.266  -0.557  1.00 55.79 ? 2048 HOH A O   1 
HETATM 913 O O   . HOH B 2 .   ? -6.615  -9.040  6.539   1.00 45.94 ? 2049 HOH A O   1 
HETATM 914 O O   . HOH B 2 .   ? -3.314  -13.186 3.973   1.00 44.59 ? 2050 HOH A O   1 
HETATM 915 O O   . HOH B 2 .   ? -0.127  -15.249 5.470   1.00 26.63 ? 2051 HOH A O   1 
HETATM 916 O O   . HOH B 2 .   ? 6.929   -12.278 -1.287  1.00 35.00 ? 2052 HOH A O   1 
HETATM 917 O O   . HOH B 2 .   ? 8.110   -13.007 2.931   1.00 42.49 ? 2053 HOH A O   1 
HETATM 918 O O   . HOH B 2 .   ? 2.704   -13.045 5.728   1.00 19.46 ? 2054 HOH A O   1 
HETATM 919 O O   . HOH B 2 .   ? 2.384   -15.686 7.218   1.00 32.68 ? 2055 HOH A O   1 
HETATM 920 O O   . HOH B 2 .   ? -3.008  -10.262 0.083   1.00 20.99 ? 2056 HOH A O   1 
HETATM 921 O O   . HOH B 2 .   ? -4.249  -12.564 1.671   1.00 51.08 ? 2057 HOH A O   1 
HETATM 922 O O   . HOH B 2 .   ? 7.630   -12.051 -4.243  1.00 51.90 ? 2058 HOH A O   1 
HETATM 923 O O   . HOH B 2 .   ? 3.924   -17.791 -3.926  0.50 19.30 ? 2059 HOH A O   1 
HETATM 924 O O   . HOH B 2 .   ? -0.982  -14.869 -8.034  1.00 35.55 ? 2060 HOH A O   1 
HETATM 925 O O   . HOH B 2 .   ? 1.254   -15.236 -5.793  1.00 22.63 ? 2061 HOH A O   1 
HETATM 926 O O   . HOH B 2 .   ? 4.619   -3.164  -11.627 1.00 42.51 ? 2062 HOH A O   1 
HETATM 927 O O   . HOH B 2 .   ? 6.268   -5.666  -12.878 1.00 35.57 ? 2063 HOH A O   1 
HETATM 928 O O   . HOH B 2 .   ? 1.569   0.562   -11.181 1.00 27.33 ? 2064 HOH A O   1 
HETATM 929 O O   . HOH B 2 .   ? 13.617  -6.919  -6.511  1.00 44.32 ? 2065 HOH A O   1 
HETATM 930 O O   . HOH B 2 .   ? 9.171   -9.813  -3.989  1.00 34.74 ? 2066 HOH A O   1 
HETATM 931 O O   . HOH B 2 .   ? 11.062  -8.944  -5.021  1.00 40.30 ? 2067 HOH A O   1 
HETATM 932 O O   . HOH B 2 .   ? 8.197   -9.520  -0.344  1.00 33.07 ? 2068 HOH A O   1 
HETATM 933 O O   . HOH B 2 .   ? 14.003  -6.769  4.004   1.00 25.22 ? 2069 HOH A O   1 
HETATM 934 O O   . HOH B 2 .   ? 14.826  -5.249  1.622   1.00 32.84 ? 2070 HOH A O   1 
HETATM 935 O O   . HOH B 2 .   ? 10.599  -1.907  7.462   1.00 16.46 ? 2071 HOH A O   1 
HETATM 936 O O   . HOH B 2 .   ? 10.507  -3.091  -0.794  1.00 15.52 ? 2072 HOH A O   1 
HETATM 937 O O   . HOH B 2 .   ? -0.435  9.648   -12.346 1.00 37.03 ? 2073 HOH A O   1 
HETATM 938 O O   . HOH B 2 .   ? -5.700  11.781  -13.485 1.00 46.49 ? 2074 HOH A O   1 
HETATM 939 O O   . HOH B 2 .   ? -4.655  3.918   -10.933 1.00 30.87 ? 2075 HOH A O   1 
HETATM 940 O O   . HOH B 2 .   ? -1.738  12.746  -15.957 1.00 47.79 ? 2076 HOH A O   1 
HETATM 941 O O   . HOH B 2 .   ? 6.281   0.295   -10.607 1.00 15.92 ? 2077 HOH A O   1 
HETATM 942 O O   . HOH B 2 .   ? 8.636   4.933   -6.931  1.00 14.90 ? 2078 HOH A O   1 
HETATM 943 O O   . HOH B 2 .   ? 5.759   11.002  -8.922  1.00 17.97 ? 2079 HOH A O   1 
HETATM 944 O O   . HOH B 2 .   ? 8.119   9.891   -6.384  1.00 35.43 ? 2080 HOH A O   1 
HETATM 945 O O   . HOH B 2 .   ? 7.266   12.475  -4.930  0.50 19.20 ? 2081 HOH A O   1 
HETATM 946 O O   . HOH B 2 .   ? 9.036   9.472   -1.201  1.00 27.05 ? 2082 HOH A O   1 
HETATM 947 O O   . HOH B 2 .   ? 11.194  -0.851  -2.512  1.00 15.30 ? 2083 HOH A O   1 
HETATM 948 O O   . HOH B 2 .   ? 10.525  7.500   -0.375  1.00 43.77 ? 2084 HOH A O   1 
HETATM 949 O O   . HOH B 2 .   ? 12.220  3.753   0.961   1.00 32.57 ? 2085 HOH A O   1 
HETATM 950 O O   . HOH B 2 .   ? 10.928  1.379   -0.828  1.00 18.95 ? 2086 HOH A O   1 
HETATM 951 O O   . HOH B 2 .   ? 12.589  3.328   3.315   1.00 27.11 ? 2087 HOH A O   1 
HETATM 952 O O   . HOH B 2 .   ? 6.357   2.806   13.825  1.00 50.44 ? 2088 HOH A O   1 
HETATM 953 O O   . HOH B 2 .   ? 4.663   8.848   15.701  1.00 67.43 ? 2089 HOH A O   1 
HETATM 954 O O   . HOH B 2 .   ? 5.628   5.693   12.884  1.00 24.22 ? 2090 HOH A O   1 
HETATM 955 O O   . HOH B 2 .   ? 7.855   12.969  12.572  1.00 25.69 ? 2091 HOH A O   1 
HETATM 956 O O   . HOH B 2 .   ? 12.886  5.554   4.747   1.00 39.27 ? 2092 HOH A O   1 
HETATM 957 O O   . HOH B 2 .   ? -2.434  13.500  7.394   1.00 48.72 ? 2093 HOH A O   1 
HETATM 958 O O   . HOH B 2 .   ? 1.281   11.764  12.616  1.00 41.93 ? 2094 HOH A O   1 
HETATM 959 O O   . HOH B 2 .   ? 8.273   12.384  2.638   1.00 25.96 ? 2095 HOH A O   1 
HETATM 960 O O   . HOH B 2 .   ? 9.587   15.030  8.216   1.00 31.83 ? 2096 HOH A O   1 
HETATM 961 O O   . HOH B 2 .   ? 7.796   10.235  0.836   1.00 39.22 ? 2097 HOH A O   1 
HETATM 962 O O   . HOH B 2 .   ? 1.002   13.086  -7.850  1.00 29.55 ? 2098 HOH A O   1 
HETATM 963 O O   . HOH B 2 .   ? -7.408  15.481  -4.010  1.00 48.25 ? 2099 HOH A O   1 
HETATM 964 O O   . HOH B 2 .   ? -5.939  18.584  1.921   1.00 49.39 ? 2100 HOH A O   1 
HETATM 965 O O   . HOH B 2 .   ? -2.058  16.647  -3.558  1.00 47.72 ? 2101 HOH A O   1 
HETATM 966 O O   . HOH B 2 .   ? -3.085  17.248  -0.547  1.00 37.07 ? 2102 HOH A O   1 
HETATM 967 O O   . HOH B 2 .   ? -6.350  12.945  -7.248  1.00 38.92 ? 2103 HOH A O   1 
# 
